data_5A52
# 
_entry.id   5A52 
# 
_audit_conform.dict_name       mmcif_pdbx.dic 
_audit_conform.dict_version    5.383 
_audit_conform.dict_location   http://mmcif.pdb.org/dictionaries/ascii/mmcif_pdbx.dic 
# 
loop_
_database_2.database_id 
_database_2.database_code 
_database_2.pdbx_database_accession 
_database_2.pdbx_DOI 
PDB   5A52         pdb_00005a52 10.2210/pdb5a52/pdb 
PDBE  EBI-64070    ?            ?                   
WWPDB D_1290064070 ?            ?                   
# 
loop_
_pdbx_audit_revision_history.ordinal 
_pdbx_audit_revision_history.data_content_type 
_pdbx_audit_revision_history.major_revision 
_pdbx_audit_revision_history.minor_revision 
_pdbx_audit_revision_history.revision_date 
1 'Structure model' 1 0 2016-03-02 
2 'Structure model' 1 1 2024-01-10 
# 
_pdbx_audit_revision_details.ordinal             1 
_pdbx_audit_revision_details.revision_ordinal    1 
_pdbx_audit_revision_details.data_content_type   'Structure model' 
_pdbx_audit_revision_details.provider            repository 
_pdbx_audit_revision_details.type                'Initial release' 
_pdbx_audit_revision_details.description         ? 
_pdbx_audit_revision_details.details             ? 
# 
loop_
_pdbx_audit_revision_group.ordinal 
_pdbx_audit_revision_group.revision_ordinal 
_pdbx_audit_revision_group.data_content_type 
_pdbx_audit_revision_group.group 
1 2 'Structure model' 'Data collection'        
2 2 'Structure model' 'Database references'    
3 2 'Structure model' 'Derived calculations'   
4 2 'Structure model' Other                    
5 2 'Structure model' 'Refinement description' 
# 
loop_
_pdbx_audit_revision_category.ordinal 
_pdbx_audit_revision_category.revision_ordinal 
_pdbx_audit_revision_category.data_content_type 
_pdbx_audit_revision_category.category 
1 2 'Structure model' chem_comp_atom                
2 2 'Structure model' chem_comp_bond                
3 2 'Structure model' database_2                    
4 2 'Structure model' pdbx_database_status          
5 2 'Structure model' pdbx_initial_refinement_model 
6 2 'Structure model' pdbx_struct_conn_angle        
7 2 'Structure model' struct_conn                   
8 2 'Structure model' struct_site                   
# 
loop_
_pdbx_audit_revision_item.ordinal 
_pdbx_audit_revision_item.revision_ordinal 
_pdbx_audit_revision_item.data_content_type 
_pdbx_audit_revision_item.item 
1  2 'Structure model' '_database_2.pdbx_DOI'                        
2  2 'Structure model' '_database_2.pdbx_database_accession'         
3  2 'Structure model' '_pdbx_database_status.status_code_sf'        
4  2 'Structure model' '_pdbx_struct_conn_angle.ptnr1_auth_comp_id'  
5  2 'Structure model' '_pdbx_struct_conn_angle.ptnr1_auth_seq_id'   
6  2 'Structure model' '_pdbx_struct_conn_angle.ptnr1_label_asym_id' 
7  2 'Structure model' '_pdbx_struct_conn_angle.ptnr1_label_atom_id' 
8  2 'Structure model' '_pdbx_struct_conn_angle.ptnr1_label_comp_id' 
9  2 'Structure model' '_pdbx_struct_conn_angle.ptnr1_label_seq_id'  
10 2 'Structure model' '_pdbx_struct_conn_angle.ptnr3_auth_comp_id'  
11 2 'Structure model' '_pdbx_struct_conn_angle.ptnr3_auth_seq_id'   
12 2 'Structure model' '_pdbx_struct_conn_angle.ptnr3_label_asym_id' 
13 2 'Structure model' '_pdbx_struct_conn_angle.ptnr3_label_atom_id' 
14 2 'Structure model' '_pdbx_struct_conn_angle.ptnr3_label_comp_id' 
15 2 'Structure model' '_pdbx_struct_conn_angle.ptnr3_label_seq_id'  
16 2 'Structure model' '_pdbx_struct_conn_angle.value'               
17 2 'Structure model' '_struct_conn.pdbx_dist_value'                
18 2 'Structure model' '_struct_conn.ptnr1_auth_comp_id'             
19 2 'Structure model' '_struct_conn.ptnr1_auth_seq_id'              
20 2 'Structure model' '_struct_conn.ptnr1_label_asym_id'            
21 2 'Structure model' '_struct_conn.ptnr1_label_atom_id'            
22 2 'Structure model' '_struct_conn.ptnr1_label_comp_id'            
23 2 'Structure model' '_struct_conn.ptnr1_label_seq_id'             
24 2 'Structure model' '_struct_conn.ptnr2_auth_comp_id'             
25 2 'Structure model' '_struct_conn.ptnr2_auth_seq_id'              
26 2 'Structure model' '_struct_conn.ptnr2_label_asym_id'            
27 2 'Structure model' '_struct_conn.ptnr2_label_atom_id'            
28 2 'Structure model' '_struct_conn.ptnr2_label_comp_id'            
29 2 'Structure model' '_struct_conn.ptnr2_label_seq_id'             
30 2 'Structure model' '_struct_site.pdbx_auth_asym_id'              
31 2 'Structure model' '_struct_site.pdbx_auth_comp_id'              
32 2 'Structure model' '_struct_site.pdbx_auth_seq_id'               
# 
_pdbx_database_status.status_code                     REL 
_pdbx_database_status.entry_id                        5A52 
_pdbx_database_status.deposit_site                    PDBE 
_pdbx_database_status.process_site                    PDBE 
_pdbx_database_status.SG_entry                        . 
_pdbx_database_status.recvd_initial_deposition_date   2015-06-16 
_pdbx_database_status.pdb_format_compatible           Y 
_pdbx_database_status.status_code_sf                  REL 
_pdbx_database_status.status_code_mr                  ? 
_pdbx_database_status.status_code_cs                  ? 
_pdbx_database_status.methods_development_category    ? 
_pdbx_database_status.status_code_nmr_data            ? 
# 
loop_
_pdbx_database_related.db_name 
_pdbx_database_related.db_id 
_pdbx_database_related.content_type 
_pdbx_database_related.details 
PDB 5A4X unspecified 'THE CRYSTAL STRUCTURE OF ARABIDOPSIS THALIANA CAR4 IN COMPLEX WITH TWO CALCIUM IONS AND ZN'                 
PDB 5A50 unspecified 'THE CRYSTAL STRUCTURE OF ARABIDOPSIS THALIANA CAR4 IN COMPLEX WITH TWO CALCIUM IONS, ZN AND PHOPHO CHOLINE' 
PDB 5A51 unspecified 'THE CRYSTAL STRUCTURE OF ARABIDOPSIS THALIANA CAR4 IN COMPLEX WITH TWO CALCIUM IONS AND PHOPHATIDYL SERINE' 
# 
loop_
_audit_author.name 
_audit_author.pdbx_ordinal 
'Fernandez, D.' 1 
'Marquez, J.A.' 2 
# 
_citation.id                        primary 
_citation.title                     'Calcium-Dependent Oligomerization of Car Proteins at Cell Membrane Modulates Aba Signaling.' 
_citation.journal_abbrev            Proc.Natl.Acad.Sci.USA 
_citation.journal_volume            113 
_citation.page_first                E396 
_citation.page_last                 ? 
_citation.year                      2016 
_citation.journal_id_ASTM           PNASA6 
_citation.country                   US 
_citation.journal_id_ISSN           0027-8424 
_citation.journal_id_CSD            0040 
_citation.book_publisher            ? 
_citation.pdbx_database_id_PubMed   26719420 
_citation.pdbx_database_id_DOI      10.1073/PNAS.1512779113 
# 
loop_
_citation_author.citation_id 
_citation_author.name 
_citation_author.ordinal 
_citation_author.identifier_ORCID 
primary 'Diaz, M.'              1  ? 
primary 'Sanchez-Barrena, M.J.' 2  ? 
primary 'Gonzalez-Rubio, J.M.'  3  ? 
primary 'Rodriguez, L.'         4  ? 
primary 'Fernandez, D.'         5  ? 
primary 'Antoni, R.'            6  ? 
primary 'Yunta, C.'             7  ? 
primary 'Belda-Palazon, B.'     8  ? 
primary 'Gonzalez-Guzman, M.'   9  ? 
primary 'Peirats-Llobet, M.'    10 ? 
primary 'Menendez, M.'          11 ? 
primary 'Boskovic, J.'          12 ? 
primary 'Marquez, J.A.'         13 ? 
primary 'Rodriguez, P.L.'       14 ? 
primary 'Albert, A.'            15 ? 
# 
loop_
_entity.id 
_entity.type 
_entity.src_method 
_entity.pdbx_description 
_entity.formula_weight 
_entity.pdbx_number_of_molecules 
_entity.pdbx_ec 
_entity.pdbx_mutation 
_entity.pdbx_fragment 
_entity.details 
1 polymer     man 'CALCIUM-DEPENDENT LIPID-BINDING DOMAIN-CONTAINING PROTEIN' 18867.793 1  ? ? ? ? 
2 non-polymer syn 'SULFATE ION'                                               96.063    2  ? ? ? ? 
3 non-polymer syn GLYCEROL                                                    92.094    1  ? ? ? ? 
4 non-polymer syn 'CALCIUM ION'                                               40.078    1  ? ? ? ? 
5 water       nat water                                                       18.015    96 ? ? ? ? 
# 
_entity_name_com.entity_id   1 
_entity_name_com.name        CAR1 
# 
_entity_poly.entity_id                      1 
_entity_poly.type                           'polypeptide(L)' 
_entity_poly.nstd_linkage                   no 
_entity_poly.nstd_monomer                   no 
_entity_poly.pdbx_seq_one_letter_code       
;MENLVGLLRIHVKRGVNLAIRDISSSDPYIVVHCGKQKLKTRVVKHSVNPEWNDDLTLSVTDPNLPIKLTVYDYDLLSAD
DKMGEAEFHIGPFIEAIKFAHQLGPGLPNGTIIKKIEPSRKNCLSESSHIVLNQGKIVQNMFLRLQHVECGEVELQLEWI
DVPGSRGI
;
_entity_poly.pdbx_seq_one_letter_code_can   
;MENLVGLLRIHVKRGVNLAIRDISSSDPYIVVHCGKQKLKTRVVKHSVNPEWNDDLTLSVTDPNLPIKLTVYDYDLLSAD
DKMGEAEFHIGPFIEAIKFAHQLGPGLPNGTIIKKIEPSRKNCLSESSHIVLNQGKIVQNMFLRLQHVECGEVELQLEWI
DVPGSRGI
;
_entity_poly.pdbx_strand_id                 A 
_entity_poly.pdbx_target_identifier         ? 
# 
loop_
_pdbx_entity_nonpoly.entity_id 
_pdbx_entity_nonpoly.name 
_pdbx_entity_nonpoly.comp_id 
2 'SULFATE ION' SO4 
3 GLYCEROL      GOL 
4 'CALCIUM ION' CA  
5 water         HOH 
# 
loop_
_entity_poly_seq.entity_id 
_entity_poly_seq.num 
_entity_poly_seq.mon_id 
_entity_poly_seq.hetero 
1 1   MET n 
1 2   GLU n 
1 3   ASN n 
1 4   LEU n 
1 5   VAL n 
1 6   GLY n 
1 7   LEU n 
1 8   LEU n 
1 9   ARG n 
1 10  ILE n 
1 11  HIS n 
1 12  VAL n 
1 13  LYS n 
1 14  ARG n 
1 15  GLY n 
1 16  VAL n 
1 17  ASN n 
1 18  LEU n 
1 19  ALA n 
1 20  ILE n 
1 21  ARG n 
1 22  ASP n 
1 23  ILE n 
1 24  SER n 
1 25  SER n 
1 26  SER n 
1 27  ASP n 
1 28  PRO n 
1 29  TYR n 
1 30  ILE n 
1 31  VAL n 
1 32  VAL n 
1 33  HIS n 
1 34  CYS n 
1 35  GLY n 
1 36  LYS n 
1 37  GLN n 
1 38  LYS n 
1 39  LEU n 
1 40  LYS n 
1 41  THR n 
1 42  ARG n 
1 43  VAL n 
1 44  VAL n 
1 45  LYS n 
1 46  HIS n 
1 47  SER n 
1 48  VAL n 
1 49  ASN n 
1 50  PRO n 
1 51  GLU n 
1 52  TRP n 
1 53  ASN n 
1 54  ASP n 
1 55  ASP n 
1 56  LEU n 
1 57  THR n 
1 58  LEU n 
1 59  SER n 
1 60  VAL n 
1 61  THR n 
1 62  ASP n 
1 63  PRO n 
1 64  ASN n 
1 65  LEU n 
1 66  PRO n 
1 67  ILE n 
1 68  LYS n 
1 69  LEU n 
1 70  THR n 
1 71  VAL n 
1 72  TYR n 
1 73  ASP n 
1 74  TYR n 
1 75  ASP n 
1 76  LEU n 
1 77  LEU n 
1 78  SER n 
1 79  ALA n 
1 80  ASP n 
1 81  ASP n 
1 82  LYS n 
1 83  MET n 
1 84  GLY n 
1 85  GLU n 
1 86  ALA n 
1 87  GLU n 
1 88  PHE n 
1 89  HIS n 
1 90  ILE n 
1 91  GLY n 
1 92  PRO n 
1 93  PHE n 
1 94  ILE n 
1 95  GLU n 
1 96  ALA n 
1 97  ILE n 
1 98  LYS n 
1 99  PHE n 
1 100 ALA n 
1 101 HIS n 
1 102 GLN n 
1 103 LEU n 
1 104 GLY n 
1 105 PRO n 
1 106 GLY n 
1 107 LEU n 
1 108 PRO n 
1 109 ASN n 
1 110 GLY n 
1 111 THR n 
1 112 ILE n 
1 113 ILE n 
1 114 LYS n 
1 115 LYS n 
1 116 ILE n 
1 117 GLU n 
1 118 PRO n 
1 119 SER n 
1 120 ARG n 
1 121 LYS n 
1 122 ASN n 
1 123 CYS n 
1 124 LEU n 
1 125 SER n 
1 126 GLU n 
1 127 SER n 
1 128 SER n 
1 129 HIS n 
1 130 ILE n 
1 131 VAL n 
1 132 LEU n 
1 133 ASN n 
1 134 GLN n 
1 135 GLY n 
1 136 LYS n 
1 137 ILE n 
1 138 VAL n 
1 139 GLN n 
1 140 ASN n 
1 141 MET n 
1 142 PHE n 
1 143 LEU n 
1 144 ARG n 
1 145 LEU n 
1 146 GLN n 
1 147 HIS n 
1 148 VAL n 
1 149 GLU n 
1 150 CYS n 
1 151 GLY n 
1 152 GLU n 
1 153 VAL n 
1 154 GLU n 
1 155 LEU n 
1 156 GLN n 
1 157 LEU n 
1 158 GLU n 
1 159 TRP n 
1 160 ILE n 
1 161 ASP n 
1 162 VAL n 
1 163 PRO n 
1 164 GLY n 
1 165 SER n 
1 166 ARG n 
1 167 GLY n 
1 168 ILE n 
# 
_entity_src_gen.entity_id                          1 
_entity_src_gen.pdbx_src_id                        1 
_entity_src_gen.pdbx_alt_source_flag               sample 
_entity_src_gen.pdbx_seq_type                      ? 
_entity_src_gen.pdbx_beg_seq_num                   ? 
_entity_src_gen.pdbx_end_seq_num                   ? 
_entity_src_gen.gene_src_common_name               'THALE CRESS' 
_entity_src_gen.gene_src_genus                     ? 
_entity_src_gen.pdbx_gene_src_gene                 ? 
_entity_src_gen.gene_src_species                   ? 
_entity_src_gen.gene_src_strain                    ? 
_entity_src_gen.gene_src_tissue                    ? 
_entity_src_gen.gene_src_tissue_fraction           ? 
_entity_src_gen.gene_src_details                   ? 
_entity_src_gen.pdbx_gene_src_fragment             ? 
_entity_src_gen.pdbx_gene_src_scientific_name      'ARABIDOPSIS THALIANA' 
_entity_src_gen.pdbx_gene_src_ncbi_taxonomy_id     3702 
_entity_src_gen.pdbx_gene_src_variant              ? 
_entity_src_gen.pdbx_gene_src_cell_line            ? 
_entity_src_gen.pdbx_gene_src_atcc                 ? 
_entity_src_gen.pdbx_gene_src_organ                ? 
_entity_src_gen.pdbx_gene_src_organelle            ? 
_entity_src_gen.pdbx_gene_src_cell                 ? 
_entity_src_gen.pdbx_gene_src_cellular_location    ? 
_entity_src_gen.host_org_common_name               ? 
_entity_src_gen.pdbx_host_org_scientific_name      'ESCHERICHIA COLI' 
_entity_src_gen.pdbx_host_org_ncbi_taxonomy_id     562 
_entity_src_gen.host_org_genus                     ? 
_entity_src_gen.pdbx_host_org_gene                 ? 
_entity_src_gen.pdbx_host_org_organ                ? 
_entity_src_gen.host_org_species                   ? 
_entity_src_gen.pdbx_host_org_tissue               ? 
_entity_src_gen.pdbx_host_org_tissue_fraction      ? 
_entity_src_gen.pdbx_host_org_strain               ? 
_entity_src_gen.pdbx_host_org_variant              ? 
_entity_src_gen.pdbx_host_org_cell_line            ? 
_entity_src_gen.pdbx_host_org_atcc                 ? 
_entity_src_gen.pdbx_host_org_culture_collection   ? 
_entity_src_gen.pdbx_host_org_cell                 ? 
_entity_src_gen.pdbx_host_org_organelle            ? 
_entity_src_gen.pdbx_host_org_cellular_location    ? 
_entity_src_gen.pdbx_host_org_vector_type          ? 
_entity_src_gen.pdbx_host_org_vector               ? 
_entity_src_gen.host_org_details                   ? 
_entity_src_gen.expression_system_id               ? 
_entity_src_gen.plasmid_name                       ? 
_entity_src_gen.plasmid_details                    ? 
_entity_src_gen.pdbx_description                   ? 
# 
loop_
_chem_comp.id 
_chem_comp.type 
_chem_comp.mon_nstd_flag 
_chem_comp.name 
_chem_comp.pdbx_synonyms 
_chem_comp.formula 
_chem_comp.formula_weight 
ALA 'L-peptide linking' y ALANINE         ?                               'C3 H7 N O2'     89.093  
ARG 'L-peptide linking' y ARGININE        ?                               'C6 H15 N4 O2 1' 175.209 
ASN 'L-peptide linking' y ASPARAGINE      ?                               'C4 H8 N2 O3'    132.118 
ASP 'L-peptide linking' y 'ASPARTIC ACID' ?                               'C4 H7 N O4'     133.103 
CA  non-polymer         . 'CALCIUM ION'   ?                               'Ca 2'           40.078  
CYS 'L-peptide linking' y CYSTEINE        ?                               'C3 H7 N O2 S'   121.158 
GLN 'L-peptide linking' y GLUTAMINE       ?                               'C5 H10 N2 O3'   146.144 
GLU 'L-peptide linking' y 'GLUTAMIC ACID' ?                               'C5 H9 N O4'     147.129 
GLY 'peptide linking'   y GLYCINE         ?                               'C2 H5 N O2'     75.067  
GOL non-polymer         . GLYCEROL        'GLYCERIN; PROPANE-1,2,3-TRIOL' 'C3 H8 O3'       92.094  
HIS 'L-peptide linking' y HISTIDINE       ?                               'C6 H10 N3 O2 1' 156.162 
HOH non-polymer         . WATER           ?                               'H2 O'           18.015  
ILE 'L-peptide linking' y ISOLEUCINE      ?                               'C6 H13 N O2'    131.173 
LEU 'L-peptide linking' y LEUCINE         ?                               'C6 H13 N O2'    131.173 
LYS 'L-peptide linking' y LYSINE          ?                               'C6 H15 N2 O2 1' 147.195 
MET 'L-peptide linking' y METHIONINE      ?                               'C5 H11 N O2 S'  149.211 
PHE 'L-peptide linking' y PHENYLALANINE   ?                               'C9 H11 N O2'    165.189 
PRO 'L-peptide linking' y PROLINE         ?                               'C5 H9 N O2'     115.130 
SER 'L-peptide linking' y SERINE          ?                               'C3 H7 N O3'     105.093 
SO4 non-polymer         . 'SULFATE ION'   ?                               'O4 S -2'        96.063  
THR 'L-peptide linking' y THREONINE       ?                               'C4 H9 N O3'     119.119 
TRP 'L-peptide linking' y TRYPTOPHAN      ?                               'C11 H12 N2 O2'  204.225 
TYR 'L-peptide linking' y TYROSINE        ?                               'C9 H11 N O3'    181.189 
VAL 'L-peptide linking' y VALINE          ?                               'C5 H11 N O2'    117.146 
# 
loop_
_pdbx_poly_seq_scheme.asym_id 
_pdbx_poly_seq_scheme.entity_id 
_pdbx_poly_seq_scheme.seq_id 
_pdbx_poly_seq_scheme.mon_id 
_pdbx_poly_seq_scheme.ndb_seq_num 
_pdbx_poly_seq_scheme.pdb_seq_num 
_pdbx_poly_seq_scheme.auth_seq_num 
_pdbx_poly_seq_scheme.pdb_mon_id 
_pdbx_poly_seq_scheme.auth_mon_id 
_pdbx_poly_seq_scheme.pdb_strand_id 
_pdbx_poly_seq_scheme.pdb_ins_code 
_pdbx_poly_seq_scheme.hetero 
A 1 1   MET 1   1   ?   ?   ?   A . n 
A 1 2   GLU 2   2   ?   ?   ?   A . n 
A 1 3   ASN 3   3   ?   ?   ?   A . n 
A 1 4   LEU 4   4   ?   ?   ?   A . n 
A 1 5   VAL 5   5   5   VAL VAL A . n 
A 1 6   GLY 6   6   6   GLY GLY A . n 
A 1 7   LEU 7   7   7   LEU LEU A . n 
A 1 8   LEU 8   8   8   LEU LEU A . n 
A 1 9   ARG 9   9   9   ARG ARG A . n 
A 1 10  ILE 10  10  10  ILE ILE A . n 
A 1 11  HIS 11  11  11  HIS HIS A . n 
A 1 12  VAL 12  12  12  VAL VAL A . n 
A 1 13  LYS 13  13  13  LYS LYS A . n 
A 1 14  ARG 14  14  14  ARG ARG A . n 
A 1 15  GLY 15  15  15  GLY GLY A . n 
A 1 16  VAL 16  16  16  VAL VAL A . n 
A 1 17  ASN 17  17  17  ASN ASN A . n 
A 1 18  LEU 18  18  18  LEU LEU A . n 
A 1 19  ALA 19  19  19  ALA ALA A . n 
A 1 20  ILE 20  20  20  ILE ILE A . n 
A 1 21  ARG 21  21  21  ARG ARG A . n 
A 1 22  ASP 22  22  22  ASP ASP A . n 
A 1 23  ILE 23  23  23  ILE ILE A . n 
A 1 24  SER 24  24  24  SER SER A . n 
A 1 25  SER 25  25  25  SER SER A . n 
A 1 26  SER 26  26  26  SER SER A . n 
A 1 27  ASP 27  27  27  ASP ASP A . n 
A 1 28  PRO 28  28  28  PRO PRO A . n 
A 1 29  TYR 29  29  29  TYR TYR A . n 
A 1 30  ILE 30  30  30  ILE ILE A . n 
A 1 31  VAL 31  31  31  VAL VAL A . n 
A 1 32  VAL 32  32  32  VAL VAL A . n 
A 1 33  HIS 33  33  33  HIS HIS A . n 
A 1 34  CYS 34  34  34  CYS CYS A . n 
A 1 35  GLY 35  35  35  GLY GLY A . n 
A 1 36  LYS 36  36  36  LYS LYS A . n 
A 1 37  GLN 37  37  37  GLN GLN A . n 
A 1 38  LYS 38  38  38  LYS LYS A . n 
A 1 39  LEU 39  39  39  LEU LEU A . n 
A 1 40  LYS 40  40  40  LYS LYS A . n 
A 1 41  THR 41  41  41  THR THR A . n 
A 1 42  ARG 42  42  42  ARG ARG A . n 
A 1 43  VAL 43  43  43  VAL VAL A . n 
A 1 44  VAL 44  44  44  VAL VAL A . n 
A 1 45  LYS 45  45  45  LYS LYS A . n 
A 1 46  HIS 46  46  46  HIS HIS A . n 
A 1 47  SER 47  47  47  SER SER A . n 
A 1 48  VAL 48  48  48  VAL VAL A . n 
A 1 49  ASN 49  49  49  ASN ASN A . n 
A 1 50  PRO 50  50  50  PRO PRO A . n 
A 1 51  GLU 51  51  51  GLU GLU A . n 
A 1 52  TRP 52  52  52  TRP TRP A . n 
A 1 53  ASN 53  53  53  ASN ASN A . n 
A 1 54  ASP 54  54  54  ASP ASP A . n 
A 1 55  ASP 55  55  55  ASP ASP A . n 
A 1 56  LEU 56  56  56  LEU LEU A . n 
A 1 57  THR 57  57  57  THR THR A . n 
A 1 58  LEU 58  58  58  LEU LEU A . n 
A 1 59  SER 59  59  59  SER SER A . n 
A 1 60  VAL 60  60  60  VAL VAL A . n 
A 1 61  THR 61  61  61  THR THR A . n 
A 1 62  ASP 62  62  62  ASP ASP A . n 
A 1 63  PRO 63  63  63  PRO PRO A . n 
A 1 64  ASN 64  64  64  ASN ASN A . n 
A 1 65  LEU 65  65  65  LEU LEU A . n 
A 1 66  PRO 66  66  66  PRO PRO A . n 
A 1 67  ILE 67  67  67  ILE ILE A . n 
A 1 68  LYS 68  68  68  LYS LYS A . n 
A 1 69  LEU 69  69  69  LEU LEU A . n 
A 1 70  THR 70  70  70  THR THR A . n 
A 1 71  VAL 71  71  71  VAL VAL A . n 
A 1 72  TYR 72  72  72  TYR TYR A . n 
A 1 73  ASP 73  73  73  ASP ASP A . n 
A 1 74  TYR 74  74  74  TYR TYR A . n 
A 1 75  ASP 75  75  75  ASP ASP A . n 
A 1 76  LEU 76  76  76  LEU LEU A . n 
A 1 77  LEU 77  77  77  LEU LEU A . n 
A 1 78  SER 78  78  78  SER SER A . n 
A 1 79  ALA 79  79  79  ALA ALA A . n 
A 1 80  ASP 80  80  80  ASP ASP A . n 
A 1 81  ASP 81  81  81  ASP ASP A . n 
A 1 82  LYS 82  82  82  LYS LYS A . n 
A 1 83  MET 83  83  83  MET MET A . n 
A 1 84  GLY 84  84  84  GLY GLY A . n 
A 1 85  GLU 85  85  85  GLU GLU A . n 
A 1 86  ALA 86  86  86  ALA ALA A . n 
A 1 87  GLU 87  87  87  GLU GLU A . n 
A 1 88  PHE 88  88  88  PHE PHE A . n 
A 1 89  HIS 89  89  89  HIS HIS A . n 
A 1 90  ILE 90  90  90  ILE ILE A . n 
A 1 91  GLY 91  91  91  GLY GLY A . n 
A 1 92  PRO 92  92  92  PRO PRO A . n 
A 1 93  PHE 93  93  93  PHE PHE A . n 
A 1 94  ILE 94  94  94  ILE ILE A . n 
A 1 95  GLU 95  95  95  GLU GLU A . n 
A 1 96  ALA 96  96  96  ALA ALA A . n 
A 1 97  ILE 97  97  97  ILE ILE A . n 
A 1 98  LYS 98  98  98  LYS LYS A . n 
A 1 99  PHE 99  99  99  PHE PHE A . n 
A 1 100 ALA 100 100 100 ALA ALA A . n 
A 1 101 HIS 101 101 101 HIS HIS A . n 
A 1 102 GLN 102 102 102 GLN GLN A . n 
A 1 103 LEU 103 103 103 LEU LEU A . n 
A 1 104 GLY 104 104 104 GLY GLY A . n 
A 1 105 PRO 105 105 105 PRO PRO A . n 
A 1 106 GLY 106 106 106 GLY GLY A . n 
A 1 107 LEU 107 107 107 LEU LEU A . n 
A 1 108 PRO 108 108 108 PRO PRO A . n 
A 1 109 ASN 109 109 109 ASN ASN A . n 
A 1 110 GLY 110 110 110 GLY GLY A . n 
A 1 111 THR 111 111 111 THR THR A . n 
A 1 112 ILE 112 112 112 ILE ILE A . n 
A 1 113 ILE 113 113 113 ILE ILE A . n 
A 1 114 LYS 114 114 114 LYS LYS A . n 
A 1 115 LYS 115 115 115 LYS LYS A . n 
A 1 116 ILE 116 116 116 ILE ILE A . n 
A 1 117 GLU 117 117 117 GLU GLU A . n 
A 1 118 PRO 118 118 118 PRO PRO A . n 
A 1 119 SER 119 119 119 SER SER A . n 
A 1 120 ARG 120 120 120 ARG ARG A . n 
A 1 121 LYS 121 121 121 LYS LYS A . n 
A 1 122 ASN 122 122 122 ASN ASN A . n 
A 1 123 CYS 123 123 123 CYS CYS A . n 
A 1 124 LEU 124 124 124 LEU LEU A . n 
A 1 125 SER 125 125 125 SER SER A . n 
A 1 126 GLU 126 126 126 GLU GLU A . n 
A 1 127 SER 127 127 127 SER SER A . n 
A 1 128 SER 128 128 128 SER SER A . n 
A 1 129 HIS 129 129 129 HIS HIS A . n 
A 1 130 ILE 130 130 130 ILE ILE A . n 
A 1 131 VAL 131 131 131 VAL VAL A . n 
A 1 132 LEU 132 132 132 LEU LEU A . n 
A 1 133 ASN 133 133 ?   ?   ?   A . n 
A 1 134 GLN 134 134 ?   ?   ?   A . n 
A 1 135 GLY 135 135 135 GLY GLY A . n 
A 1 136 LYS 136 136 136 LYS LYS A . n 
A 1 137 ILE 137 137 137 ILE ILE A . n 
A 1 138 VAL 138 138 138 VAL VAL A . n 
A 1 139 GLN 139 139 139 GLN GLN A . n 
A 1 140 ASN 140 140 140 ASN ASN A . n 
A 1 141 MET 141 141 141 MET MET A . n 
A 1 142 PHE 142 142 142 PHE PHE A . n 
A 1 143 LEU 143 143 143 LEU LEU A . n 
A 1 144 ARG 144 144 144 ARG ARG A . n 
A 1 145 LEU 145 145 145 LEU LEU A . n 
A 1 146 GLN 146 146 146 GLN GLN A . n 
A 1 147 HIS 147 147 147 HIS HIS A . n 
A 1 148 VAL 148 148 148 VAL VAL A . n 
A 1 149 GLU 149 149 149 GLU GLU A . n 
A 1 150 CYS 150 150 150 CYS CYS A . n 
A 1 151 GLY 151 151 151 GLY GLY A . n 
A 1 152 GLU 152 152 152 GLU GLU A . n 
A 1 153 VAL 153 153 153 VAL VAL A . n 
A 1 154 GLU 154 154 154 GLU GLU A . n 
A 1 155 LEU 155 155 155 LEU LEU A . n 
A 1 156 GLN 156 156 156 GLN GLN A . n 
A 1 157 LEU 157 157 157 LEU LEU A . n 
A 1 158 GLU 158 158 158 GLU GLU A . n 
A 1 159 TRP 159 159 159 TRP TRP A . n 
A 1 160 ILE 160 160 160 ILE ILE A . n 
A 1 161 ASP 161 161 ?   ?   ?   A . n 
A 1 162 VAL 162 162 ?   ?   ?   A . n 
A 1 163 PRO 163 163 ?   ?   ?   A . n 
A 1 164 GLY 164 164 ?   ?   ?   A . n 
A 1 165 SER 165 165 ?   ?   ?   A . n 
A 1 166 ARG 166 166 ?   ?   ?   A . n 
A 1 167 GLY 167 167 ?   ?   ?   A . n 
A 1 168 ILE 168 168 ?   ?   ?   A . n 
# 
loop_
_pdbx_nonpoly_scheme.asym_id 
_pdbx_nonpoly_scheme.entity_id 
_pdbx_nonpoly_scheme.mon_id 
_pdbx_nonpoly_scheme.ndb_seq_num 
_pdbx_nonpoly_scheme.pdb_seq_num 
_pdbx_nonpoly_scheme.auth_seq_num 
_pdbx_nonpoly_scheme.pdb_mon_id 
_pdbx_nonpoly_scheme.auth_mon_id 
_pdbx_nonpoly_scheme.pdb_strand_id 
_pdbx_nonpoly_scheme.pdb_ins_code 
B 2 SO4 1  1161 1161 SO4 SO4 A . 
C 2 SO4 1  1162 1162 SO4 SO4 A . 
D 3 GOL 1  1163 1163 GOL GOL A . 
E 4 CA  1  1164 1164 CA  CA  A . 
F 5 HOH 1  2001 2001 HOH HOH A . 
F 5 HOH 2  2002 2002 HOH HOH A . 
F 5 HOH 3  2003 2003 HOH HOH A . 
F 5 HOH 4  2004 2004 HOH HOH A . 
F 5 HOH 5  2005 2005 HOH HOH A . 
F 5 HOH 6  2006 2006 HOH HOH A . 
F 5 HOH 7  2007 2007 HOH HOH A . 
F 5 HOH 8  2008 2008 HOH HOH A . 
F 5 HOH 9  2009 2009 HOH HOH A . 
F 5 HOH 10 2010 2010 HOH HOH A . 
F 5 HOH 11 2011 2011 HOH HOH A . 
F 5 HOH 12 2012 2012 HOH HOH A . 
F 5 HOH 13 2013 2013 HOH HOH A . 
F 5 HOH 14 2014 2014 HOH HOH A . 
F 5 HOH 15 2015 2015 HOH HOH A . 
F 5 HOH 16 2016 2016 HOH HOH A . 
F 5 HOH 17 2017 2017 HOH HOH A . 
F 5 HOH 18 2018 2018 HOH HOH A . 
F 5 HOH 19 2019 2019 HOH HOH A . 
F 5 HOH 20 2020 2020 HOH HOH A . 
F 5 HOH 21 2021 2021 HOH HOH A . 
F 5 HOH 22 2022 2022 HOH HOH A . 
F 5 HOH 23 2023 2023 HOH HOH A . 
F 5 HOH 24 2024 2024 HOH HOH A . 
F 5 HOH 25 2025 2025 HOH HOH A . 
F 5 HOH 26 2026 2026 HOH HOH A . 
F 5 HOH 27 2027 2027 HOH HOH A . 
F 5 HOH 28 2028 2028 HOH HOH A . 
F 5 HOH 29 2029 2029 HOH HOH A . 
F 5 HOH 30 2030 2030 HOH HOH A . 
F 5 HOH 31 2031 2031 HOH HOH A . 
F 5 HOH 32 2032 2032 HOH HOH A . 
F 5 HOH 33 2033 2033 HOH HOH A . 
F 5 HOH 34 2034 2034 HOH HOH A . 
F 5 HOH 35 2035 2035 HOH HOH A . 
F 5 HOH 36 2036 2036 HOH HOH A . 
F 5 HOH 37 2037 2037 HOH HOH A . 
F 5 HOH 38 2038 2038 HOH HOH A . 
F 5 HOH 39 2039 2039 HOH HOH A . 
F 5 HOH 40 2040 2040 HOH HOH A . 
F 5 HOH 41 2041 2041 HOH HOH A . 
F 5 HOH 42 2042 2042 HOH HOH A . 
F 5 HOH 43 2043 2043 HOH HOH A . 
F 5 HOH 44 2044 2044 HOH HOH A . 
F 5 HOH 45 2045 2045 HOH HOH A . 
F 5 HOH 46 2046 2046 HOH HOH A . 
F 5 HOH 47 2047 2047 HOH HOH A . 
F 5 HOH 48 2048 2048 HOH HOH A . 
F 5 HOH 49 2049 2049 HOH HOH A . 
F 5 HOH 50 2050 2050 HOH HOH A . 
F 5 HOH 51 2051 2051 HOH HOH A . 
F 5 HOH 52 2052 2052 HOH HOH A . 
F 5 HOH 53 2053 2053 HOH HOH A . 
F 5 HOH 54 2054 2054 HOH HOH A . 
F 5 HOH 55 2055 2055 HOH HOH A . 
F 5 HOH 56 2056 2056 HOH HOH A . 
F 5 HOH 57 2057 2057 HOH HOH A . 
F 5 HOH 58 2058 2058 HOH HOH A . 
F 5 HOH 59 2059 2059 HOH HOH A . 
F 5 HOH 60 2060 2060 HOH HOH A . 
F 5 HOH 61 2061 2061 HOH HOH A . 
F 5 HOH 62 2062 2062 HOH HOH A . 
F 5 HOH 63 2063 2063 HOH HOH A . 
F 5 HOH 64 2064 2064 HOH HOH A . 
F 5 HOH 65 2065 2065 HOH HOH A . 
F 5 HOH 66 2066 2066 HOH HOH A . 
F 5 HOH 67 2067 2067 HOH HOH A . 
F 5 HOH 68 2068 2068 HOH HOH A . 
F 5 HOH 69 2069 2069 HOH HOH A . 
F 5 HOH 70 2070 2070 HOH HOH A . 
F 5 HOH 71 2071 2071 HOH HOH A . 
F 5 HOH 72 2072 2072 HOH HOH A . 
F 5 HOH 73 2073 2073 HOH HOH A . 
F 5 HOH 74 2074 2074 HOH HOH A . 
F 5 HOH 75 2075 2075 HOH HOH A . 
F 5 HOH 76 2076 2076 HOH HOH A . 
F 5 HOH 77 2077 2077 HOH HOH A . 
F 5 HOH 78 2078 2078 HOH HOH A . 
F 5 HOH 79 2079 2079 HOH HOH A . 
F 5 HOH 80 2080 2080 HOH HOH A . 
F 5 HOH 81 2081 2081 HOH HOH A . 
F 5 HOH 82 2082 2082 HOH HOH A . 
F 5 HOH 83 2083 2083 HOH HOH A . 
F 5 HOH 84 2084 2084 HOH HOH A . 
F 5 HOH 85 2085 2085 HOH HOH A . 
F 5 HOH 86 2086 2086 HOH HOH A . 
F 5 HOH 87 2087 2087 HOH HOH A . 
F 5 HOH 88 2088 2088 HOH HOH A . 
F 5 HOH 89 2089 2089 HOH HOH A . 
F 5 HOH 90 2090 2090 HOH HOH A . 
F 5 HOH 91 2091 2091 HOH HOH A . 
F 5 HOH 92 2092 2092 HOH HOH A . 
F 5 HOH 93 2093 2093 HOH HOH A . 
F 5 HOH 94 2094 2094 HOH HOH A . 
F 5 HOH 95 2095 2095 HOH HOH A . 
F 5 HOH 96 2096 2096 HOH HOH A . 
# 
loop_
_pdbx_unobs_or_zero_occ_atoms.id 
_pdbx_unobs_or_zero_occ_atoms.PDB_model_num 
_pdbx_unobs_or_zero_occ_atoms.polymer_flag 
_pdbx_unobs_or_zero_occ_atoms.occupancy_flag 
_pdbx_unobs_or_zero_occ_atoms.auth_asym_id 
_pdbx_unobs_or_zero_occ_atoms.auth_comp_id 
_pdbx_unobs_or_zero_occ_atoms.auth_seq_id 
_pdbx_unobs_or_zero_occ_atoms.PDB_ins_code 
_pdbx_unobs_or_zero_occ_atoms.auth_atom_id 
_pdbx_unobs_or_zero_occ_atoms.label_alt_id 
_pdbx_unobs_or_zero_occ_atoms.label_asym_id 
_pdbx_unobs_or_zero_occ_atoms.label_comp_id 
_pdbx_unobs_or_zero_occ_atoms.label_seq_id 
_pdbx_unobs_or_zero_occ_atoms.label_atom_id 
1 1 Y 1 A VAL 5   ? CG1 ? A VAL 5   CG1 
2 1 Y 1 A VAL 5   ? CG2 ? A VAL 5   CG2 
3 1 Y 1 A LYS 68  ? CG  ? A LYS 68  CG  
4 1 Y 1 A LYS 68  ? CD  ? A LYS 68  CD  
5 1 Y 1 A LYS 68  ? CE  ? A LYS 68  CE  
6 1 Y 1 A LYS 68  ? NZ  ? A LYS 68  NZ  
7 1 Y 1 A ILE 160 ? CG1 ? A ILE 160 CG1 
8 1 Y 1 A ILE 160 ? CG2 ? A ILE 160 CG2 
9 1 Y 1 A ILE 160 ? CD1 ? A ILE 160 CD1 
# 
loop_
_software.name 
_software.classification 
_software.version 
_software.citation_id 
_software.pdbx_ordinal 
PHENIX refinement       '(PHENIX.REFINE)' ? 1 
XDS    'data reduction' .                 ? 2 
XDS    'data scaling'   .                 ? 3 
MOLREP phasing          .                 ? 4 
# 
_cell.entry_id           5A52 
_cell.length_a           39.600 
_cell.length_b           170.300 
_cell.length_c           53.210 
_cell.angle_alpha        90.00 
_cell.angle_beta         90.00 
_cell.angle_gamma        90.00 
_cell.Z_PDB              8 
_cell.pdbx_unique_axis   ? 
# 
_symmetry.entry_id                         5A52 
_symmetry.space_group_name_H-M             'C 2 2 21' 
_symmetry.pdbx_full_space_group_name_H-M   ? 
_symmetry.cell_setting                     ? 
_symmetry.Int_Tables_number                20 
# 
_exptl.entry_id          5A52 
_exptl.method            'X-RAY DIFFRACTION' 
_exptl.crystals_number   1 
# 
_exptl_crystal.id                    1 
_exptl_crystal.density_meas          ? 
_exptl_crystal.density_Matthews      2.38 
_exptl_crystal.density_percent_sol   48.26 
_exptl_crystal.description           NONE 
# 
_exptl_crystal_grow.crystal_id      1 
_exptl_crystal_grow.method          ? 
_exptl_crystal_grow.temp            ? 
_exptl_crystal_grow.temp_details    ? 
_exptl_crystal_grow.pH              ? 
_exptl_crystal_grow.pdbx_pH_range   ? 
_exptl_crystal_grow.pdbx_details    '0.5 M MGSO4, 0.5 M HEPES PH 7.0 AND 1.6 M LITHIUM SULFATE' 
# 
_diffrn.id                     1 
_diffrn.ambient_temp           100 
_diffrn.ambient_temp_details   ? 
_diffrn.crystal_id             1 
# 
_diffrn_detector.diffrn_id              1 
_diffrn_detector.detector               PIXEL 
_diffrn_detector.type                   'DECTRIS PIXEL' 
_diffrn_detector.pdbx_collection_date   ? 
_diffrn_detector.details                ? 
# 
_diffrn_radiation.diffrn_id                        1 
_diffrn_radiation.wavelength_id                    1 
_diffrn_radiation.pdbx_monochromatic_or_laue_m_l   M 
_diffrn_radiation.monochromator                    ? 
_diffrn_radiation.pdbx_diffrn_protocol             'SINGLE WAVELENGTH' 
_diffrn_radiation.pdbx_scattering_type             x-ray 
# 
_diffrn_radiation_wavelength.id           1 
_diffrn_radiation_wavelength.wavelength   0.98 
_diffrn_radiation_wavelength.wt           1.0 
# 
_diffrn_source.diffrn_id                   1 
_diffrn_source.source                      SYNCHROTRON 
_diffrn_source.type                        'ESRF BEAMLINE ID23-1' 
_diffrn_source.pdbx_synchrotron_site       ESRF 
_diffrn_source.pdbx_synchrotron_beamline   ID23-1 
_diffrn_source.pdbx_wavelength             0.98 
_diffrn_source.pdbx_wavelength_list        ? 
# 
_reflns.pdbx_diffrn_id               1 
_reflns.pdbx_ordinal                 1 
_reflns.entry_id                     5A52 
_reflns.observed_criterion_sigma_I   0.0 
_reflns.observed_criterion_sigma_F   ? 
_reflns.d_resolution_low             23.23 
_reflns.d_resolution_high            1.65 
_reflns.number_obs                   22034 
_reflns.number_all                   ? 
_reflns.percent_possible_obs         99.4 
_reflns.pdbx_Rmerge_I_obs            0.06 
_reflns.pdbx_Rsym_value              ? 
_reflns.pdbx_netI_over_sigmaI        20.79 
_reflns.B_iso_Wilson_estimate        21.35 
_reflns.pdbx_redundancy              5.9 
# 
_reflns_shell.pdbx_diffrn_id         1 
_reflns_shell.pdbx_ordinal           1 
_reflns_shell.d_res_high             1.65 
_reflns_shell.d_res_low              1.75 
_reflns_shell.percent_possible_all   99.1 
_reflns_shell.Rmerge_I_obs           0.70 
_reflns_shell.pdbx_Rsym_value        ? 
_reflns_shell.meanI_over_sigI_obs    3.10 
_reflns_shell.pdbx_redundancy        5.9 
# 
_refine.pdbx_refine_id                           'X-RAY DIFFRACTION' 
_refine.entry_id                                 5A52 
_refine.pdbx_diffrn_id                           1 
_refine.pdbx_TLS_residual_ADP_flag               ? 
_refine.ls_number_reflns_obs                     22034 
_refine.ls_number_reflns_all                     ? 
_refine.pdbx_ls_sigma_I                          ? 
_refine.pdbx_ls_sigma_F                          1.36 
_refine.pdbx_data_cutoff_high_absF               ? 
_refine.pdbx_data_cutoff_low_absF                ? 
_refine.pdbx_data_cutoff_high_rms_absF           ? 
_refine.ls_d_res_low                             23.231 
_refine.ls_d_res_high                            1.650 
_refine.ls_percent_reflns_obs                    99.43 
_refine.ls_R_factor_obs                          0.2146 
_refine.ls_R_factor_all                          ? 
_refine.ls_R_factor_R_work                       0.2131 
_refine.ls_R_factor_R_free                       0.2431 
_refine.ls_R_factor_R_free_error                 ? 
_refine.ls_R_factor_R_free_error_details         ? 
_refine.ls_percent_reflns_R_free                 5.0 
_refine.ls_number_reflns_R_free                  1102 
_refine.ls_number_parameters                     ? 
_refine.ls_number_restraints                     ? 
_refine.occupancy_min                            ? 
_refine.occupancy_max                            ? 
_refine.correlation_coeff_Fo_to_Fc               ? 
_refine.correlation_coeff_Fo_to_Fc_free          ? 
_refine.B_iso_mean                               ? 
_refine.aniso_B[1][1]                            ? 
_refine.aniso_B[2][2]                            ? 
_refine.aniso_B[3][3]                            ? 
_refine.aniso_B[1][2]                            ? 
_refine.aniso_B[1][3]                            ? 
_refine.aniso_B[2][3]                            ? 
_refine.solvent_model_details                    'FLAT BULK SOLVENT MODEL' 
_refine.solvent_model_param_ksol                 ? 
_refine.solvent_model_param_bsol                 ? 
_refine.pdbx_solvent_vdw_probe_radii             1.11 
_refine.pdbx_solvent_ion_probe_radii             ? 
_refine.pdbx_solvent_shrinkage_radii             0.90 
_refine.pdbx_ls_cross_valid_method               ? 
_refine.details                                  ? 
_refine.pdbx_starting_model                      'PDB ENTRY 4V29' 
_refine.pdbx_method_to_determine_struct          'MOLECULAR REPLACEMENT' 
_refine.pdbx_isotropic_thermal_model             ? 
_refine.pdbx_stereochemistry_target_values       ML 
_refine.pdbx_stereochem_target_val_spec_case     ? 
_refine.pdbx_R_Free_selection_details            ? 
_refine.pdbx_overall_ESU_R                       ? 
_refine.pdbx_overall_ESU_R_Free                  ? 
_refine.overall_SU_ML                            0.16 
_refine.pdbx_overall_phase_error                 23.94 
_refine.overall_SU_B                             ? 
_refine.overall_SU_R_Cruickshank_DPI             ? 
_refine.pdbx_overall_SU_R_free_Cruickshank_DPI   ? 
_refine.pdbx_overall_SU_R_Blow_DPI               ? 
_refine.pdbx_overall_SU_R_free_Blow_DPI          ? 
# 
_refine_hist.pdbx_refine_id                   'X-RAY DIFFRACTION' 
_refine_hist.cycle_id                         LAST 
_refine_hist.pdbx_number_atoms_protein        1210 
_refine_hist.pdbx_number_atoms_nucleic_acid   0 
_refine_hist.pdbx_number_atoms_ligand         17 
_refine_hist.number_atoms_solvent             96 
_refine_hist.number_atoms_total               1323 
_refine_hist.d_res_high                       1.650 
_refine_hist.d_res_low                        23.231 
# 
loop_
_refine_ls_restr.type 
_refine_ls_restr.dev_ideal 
_refine_ls_restr.dev_ideal_target 
_refine_ls_restr.weight 
_refine_ls_restr.number 
_refine_ls_restr.pdbx_refine_id 
_refine_ls_restr.pdbx_restraint_function 
f_bond_d           0.008  ? ? 1253 'X-RAY DIFFRACTION' ? 
f_angle_d          1.247  ? ? 1698 'X-RAY DIFFRACTION' ? 
f_dihedral_angle_d 16.184 ? ? 467  'X-RAY DIFFRACTION' ? 
f_chiral_restr     0.053  ? ? 194  'X-RAY DIFFRACTION' ? 
f_plane_restr      0.005  ? ? 215  'X-RAY DIFFRACTION' ? 
# 
loop_
_refine_ls_shell.pdbx_refine_id 
_refine_ls_shell.pdbx_total_number_of_bins_used 
_refine_ls_shell.d_res_high 
_refine_ls_shell.d_res_low 
_refine_ls_shell.number_reflns_R_work 
_refine_ls_shell.R_factor_R_work 
_refine_ls_shell.percent_reflns_obs 
_refine_ls_shell.R_factor_R_free 
_refine_ls_shell.R_factor_R_free_error 
_refine_ls_shell.percent_reflns_R_free 
_refine_ls_shell.number_reflns_R_free 
_refine_ls_shell.number_reflns_all 
_refine_ls_shell.R_factor_all 
'X-RAY DIFFRACTION' . 1.6503 1.7254  2526 0.2550 99.00  0.2601 . . 133 . . 
'X-RAY DIFFRACTION' . 1.7254 1.8163  2586 0.2414 100.00 0.3059 . . 136 . . 
'X-RAY DIFFRACTION' . 1.8163 1.9300  2594 0.2298 100.00 0.2858 . . 136 . . 
'X-RAY DIFFRACTION' . 1.9300 2.0790  2626 0.2142 100.00 0.2345 . . 139 . . 
'X-RAY DIFFRACTION' . 2.0790 2.2880  2615 0.2093 100.00 0.2194 . . 137 . . 
'X-RAY DIFFRACTION' . 2.2880 2.6187  2622 0.2217 100.00 0.2453 . . 138 . . 
'X-RAY DIFFRACTION' . 2.6187 3.2978  2671 0.2230 100.00 0.2610 . . 141 . . 
'X-RAY DIFFRACTION' . 3.2978 23.2337 2692 0.1956 97.00  0.2269 . . 142 . . 
# 
_struct.entry_id                  5A52 
_struct.title                     'The crystal structure of Arabidopsis thaliana CAR1 in complex with one calcium ion' 
_struct.pdbx_model_details        ? 
_struct.pdbx_CASP_flag            ? 
_struct.pdbx_model_type_details   ? 
# 
_struct_keywords.entry_id        5A52 
_struct_keywords.pdbx_keywords   'LIPID BINDING PROTEIN' 
_struct_keywords.text            'LIPID BINDING PROTEIN, CALCIUM BINDING PROTEIN, C2 DOMAIN' 
# 
loop_
_struct_asym.id 
_struct_asym.pdbx_blank_PDB_chainid_flag 
_struct_asym.pdbx_modified 
_struct_asym.entity_id 
_struct_asym.details 
A N N 1 ? 
B N N 2 ? 
C N N 2 ? 
D N N 3 ? 
E N N 4 ? 
F N N 5 ? 
# 
_struct_ref.id                         1 
_struct_ref.db_name                    UNP 
_struct_ref.db_code                    Q9FHP6_ARATH 
_struct_ref.entity_id                  1 
_struct_ref.pdbx_seq_one_letter_code   ? 
_struct_ref.pdbx_align_begin           ? 
_struct_ref.pdbx_db_accession          Q9FHP6 
_struct_ref.pdbx_db_isoform            ? 
# 
_struct_ref_seq.align_id                      1 
_struct_ref_seq.ref_id                        1 
_struct_ref_seq.pdbx_PDB_id_code              5A52 
_struct_ref_seq.pdbx_strand_id                A 
_struct_ref_seq.seq_align_beg                 1 
_struct_ref_seq.pdbx_seq_align_beg_ins_code   ? 
_struct_ref_seq.seq_align_end                 168 
_struct_ref_seq.pdbx_seq_align_end_ins_code   ? 
_struct_ref_seq.pdbx_db_accession             Q9FHP6 
_struct_ref_seq.db_align_beg                  1 
_struct_ref_seq.pdbx_db_align_beg_ins_code    ? 
_struct_ref_seq.db_align_end                  168 
_struct_ref_seq.pdbx_db_align_end_ins_code    ? 
_struct_ref_seq.pdbx_auth_seq_align_beg       1 
_struct_ref_seq.pdbx_auth_seq_align_end       168 
# 
_pdbx_struct_assembly.id                   1 
_pdbx_struct_assembly.details              author_and_software_defined_assembly 
_pdbx_struct_assembly.method_details       PISA 
_pdbx_struct_assembly.oligomeric_details   dimeric 
_pdbx_struct_assembly.oligomeric_count     2 
# 
loop_
_pdbx_struct_assembly_prop.biol_id 
_pdbx_struct_assembly_prop.type 
_pdbx_struct_assembly_prop.value 
_pdbx_struct_assembly_prop.details 
1 'ABSA (A^2)' 2460  ? 
1 MORE         -70.0 ? 
1 'SSA (A^2)'  15870 ? 
# 
_pdbx_struct_assembly_gen.assembly_id       1 
_pdbx_struct_assembly_gen.oper_expression   1,2 
_pdbx_struct_assembly_gen.asym_id_list      A,B,C,D,E,F 
# 
loop_
_pdbx_struct_oper_list.id 
_pdbx_struct_oper_list.type 
_pdbx_struct_oper_list.name 
_pdbx_struct_oper_list.symmetry_operation 
_pdbx_struct_oper_list.matrix[1][1] 
_pdbx_struct_oper_list.matrix[1][2] 
_pdbx_struct_oper_list.matrix[1][3] 
_pdbx_struct_oper_list.vector[1] 
_pdbx_struct_oper_list.matrix[2][1] 
_pdbx_struct_oper_list.matrix[2][2] 
_pdbx_struct_oper_list.matrix[2][3] 
_pdbx_struct_oper_list.vector[2] 
_pdbx_struct_oper_list.matrix[3][1] 
_pdbx_struct_oper_list.matrix[3][2] 
_pdbx_struct_oper_list.matrix[3][3] 
_pdbx_struct_oper_list.vector[3] 
1 'identity operation'         1_555 x,y,z         1.0000000000  0.0000000000  0.0000000000 0.0000000000  0.0000000000  1.0000000000  0.0000000000  0.0000000000  0.0000000000 0.0000000000  1.0000000000 0.0000000000 
2 'crystal symmetry operation' 3_656 -x+1,y,-z+3/2 -0.6704975382 -0.4479693480 0.5914021597 21.5295398538 -0.4479693480 -0.3909710548 -0.8040305327 21.0272376842 0.5914021597 -0.8040305327 0.0614685930 3.9322169095 
# 
_struct_biol.id   1 
# 
_struct_conf.conf_type_id            HELX_P 
_struct_conf.id                      HELX_P1 
_struct_conf.pdbx_PDB_helix_id       1 
_struct_conf.beg_label_comp_id       ILE 
_struct_conf.beg_label_asym_id       A 
_struct_conf.beg_label_seq_id        90 
_struct_conf.pdbx_beg_PDB_ins_code   ? 
_struct_conf.end_label_comp_id       GLY 
_struct_conf.end_label_asym_id       A 
_struct_conf.end_label_seq_id        104 
_struct_conf.pdbx_end_PDB_ins_code   ? 
_struct_conf.beg_auth_comp_id        ILE 
_struct_conf.beg_auth_asym_id        A 
_struct_conf.beg_auth_seq_id         90 
_struct_conf.end_auth_comp_id        GLY 
_struct_conf.end_auth_asym_id        A 
_struct_conf.end_auth_seq_id         104 
_struct_conf.pdbx_PDB_helix_class    1 
_struct_conf.details                 ? 
_struct_conf.pdbx_PDB_helix_length   15 
# 
_struct_conf_type.id          HELX_P 
_struct_conf_type.criteria    ? 
_struct_conf_type.reference   ? 
# 
loop_
_struct_conn.id 
_struct_conn.conn_type_id 
_struct_conn.pdbx_leaving_atom_flag 
_struct_conn.pdbx_PDB_id 
_struct_conn.ptnr1_label_asym_id 
_struct_conn.ptnr1_label_comp_id 
_struct_conn.ptnr1_label_seq_id 
_struct_conn.ptnr1_label_atom_id 
_struct_conn.pdbx_ptnr1_label_alt_id 
_struct_conn.pdbx_ptnr1_PDB_ins_code 
_struct_conn.pdbx_ptnr1_standard_comp_id 
_struct_conn.ptnr1_symmetry 
_struct_conn.ptnr2_label_asym_id 
_struct_conn.ptnr2_label_comp_id 
_struct_conn.ptnr2_label_seq_id 
_struct_conn.ptnr2_label_atom_id 
_struct_conn.pdbx_ptnr2_label_alt_id 
_struct_conn.pdbx_ptnr2_PDB_ins_code 
_struct_conn.ptnr1_auth_asym_id 
_struct_conn.ptnr1_auth_comp_id 
_struct_conn.ptnr1_auth_seq_id 
_struct_conn.ptnr2_auth_asym_id 
_struct_conn.ptnr2_auth_comp_id 
_struct_conn.ptnr2_auth_seq_id 
_struct_conn.ptnr2_symmetry 
_struct_conn.pdbx_ptnr3_label_atom_id 
_struct_conn.pdbx_ptnr3_label_seq_id 
_struct_conn.pdbx_ptnr3_label_comp_id 
_struct_conn.pdbx_ptnr3_label_asym_id 
_struct_conn.pdbx_ptnr3_label_alt_id 
_struct_conn.pdbx_ptnr3_PDB_ins_code 
_struct_conn.details 
_struct_conn.pdbx_dist_value 
_struct_conn.pdbx_value_order 
_struct_conn.pdbx_role 
metalc1 metalc ? ? A ASP 27 OD2 ? ? ? 1_555 E CA  . CA ? ? A ASP 27   A CA  1164 1_555 ? ? ? ? ? ? ? 3.179 ? ? 
metalc2 metalc ? ? A ASP 73 OD2 ? ? ? 1_555 E CA  . CA ? ? A ASP 73   A CA  1164 1_555 ? ? ? ? ? ? ? 3.067 ? ? 
metalc3 metalc ? ? A ASP 73 OD1 ? ? ? 1_555 E CA  . CA ? ? A ASP 73   A CA  1164 1_555 ? ? ? ? ? ? ? 2.633 ? ? 
metalc4 metalc ? ? A TYR 74 O   ? ? ? 1_555 E CA  . CA ? ? A TYR 74   A CA  1164 1_555 ? ? ? ? ? ? ? 2.970 ? ? 
metalc5 metalc ? ? E CA  .  CA  ? ? ? 1_555 F HOH . O  ? ? A CA  1164 A HOH 2019 1_555 ? ? ? ? ? ? ? 3.031 ? ? 
# 
_struct_conn_type.id          metalc 
_struct_conn_type.criteria    ? 
_struct_conn_type.reference   ? 
# 
loop_
_pdbx_struct_conn_angle.id 
_pdbx_struct_conn_angle.ptnr1_label_atom_id 
_pdbx_struct_conn_angle.ptnr1_label_alt_id 
_pdbx_struct_conn_angle.ptnr1_label_asym_id 
_pdbx_struct_conn_angle.ptnr1_label_comp_id 
_pdbx_struct_conn_angle.ptnr1_label_seq_id 
_pdbx_struct_conn_angle.ptnr1_auth_atom_id 
_pdbx_struct_conn_angle.ptnr1_auth_asym_id 
_pdbx_struct_conn_angle.ptnr1_auth_comp_id 
_pdbx_struct_conn_angle.ptnr1_auth_seq_id 
_pdbx_struct_conn_angle.ptnr1_PDB_ins_code 
_pdbx_struct_conn_angle.ptnr1_symmetry 
_pdbx_struct_conn_angle.ptnr2_label_atom_id 
_pdbx_struct_conn_angle.ptnr2_label_alt_id 
_pdbx_struct_conn_angle.ptnr2_label_asym_id 
_pdbx_struct_conn_angle.ptnr2_label_comp_id 
_pdbx_struct_conn_angle.ptnr2_label_seq_id 
_pdbx_struct_conn_angle.ptnr2_auth_atom_id 
_pdbx_struct_conn_angle.ptnr2_auth_asym_id 
_pdbx_struct_conn_angle.ptnr2_auth_comp_id 
_pdbx_struct_conn_angle.ptnr2_auth_seq_id 
_pdbx_struct_conn_angle.ptnr2_PDB_ins_code 
_pdbx_struct_conn_angle.ptnr2_symmetry 
_pdbx_struct_conn_angle.ptnr3_label_atom_id 
_pdbx_struct_conn_angle.ptnr3_label_alt_id 
_pdbx_struct_conn_angle.ptnr3_label_asym_id 
_pdbx_struct_conn_angle.ptnr3_label_comp_id 
_pdbx_struct_conn_angle.ptnr3_label_seq_id 
_pdbx_struct_conn_angle.ptnr3_auth_atom_id 
_pdbx_struct_conn_angle.ptnr3_auth_asym_id 
_pdbx_struct_conn_angle.ptnr3_auth_comp_id 
_pdbx_struct_conn_angle.ptnr3_auth_seq_id 
_pdbx_struct_conn_angle.ptnr3_PDB_ins_code 
_pdbx_struct_conn_angle.ptnr3_symmetry 
_pdbx_struct_conn_angle.value 
_pdbx_struct_conn_angle.value_esd 
1  OD2 ? A ASP 27 ? A ASP 27 ? 1_555 CA ? E CA . ? A CA 1164 ? 1_555 OD2 ? A ASP 73 ? A ASP 73   ? 1_555 140.8 ? 
2  OD2 ? A ASP 27 ? A ASP 27 ? 1_555 CA ? E CA . ? A CA 1164 ? 1_555 OD1 ? A ASP 73 ? A ASP 73   ? 1_555 96.9  ? 
3  OD2 ? A ASP 73 ? A ASP 73 ? 1_555 CA ? E CA . ? A CA 1164 ? 1_555 OD1 ? A ASP 73 ? A ASP 73   ? 1_555 44.0  ? 
4  OD2 ? A ASP 27 ? A ASP 27 ? 1_555 CA ? E CA . ? A CA 1164 ? 1_555 O   ? A TYR 74 ? A TYR 74   ? 1_555 64.7  ? 
5  OD2 ? A ASP 73 ? A ASP 73 ? 1_555 CA ? E CA . ? A CA 1164 ? 1_555 O   ? A TYR 74 ? A TYR 74   ? 1_555 102.8 ? 
6  OD1 ? A ASP 73 ? A ASP 73 ? 1_555 CA ? E CA . ? A CA 1164 ? 1_555 O   ? A TYR 74 ? A TYR 74   ? 1_555 81.0  ? 
7  OD2 ? A ASP 27 ? A ASP 27 ? 1_555 CA ? E CA . ? A CA 1164 ? 1_555 O   ? F HOH .  ? A HOH 2019 ? 1_555 59.7  ? 
8  OD2 ? A ASP 73 ? A ASP 73 ? 1_555 CA ? E CA . ? A CA 1164 ? 1_555 O   ? F HOH .  ? A HOH 2019 ? 1_555 151.9 ? 
9  OD1 ? A ASP 73 ? A ASP 73 ? 1_555 CA ? E CA . ? A CA 1164 ? 1_555 O   ? F HOH .  ? A HOH 2019 ? 1_555 144.8 ? 
10 O   ? A TYR 74 ? A TYR 74 ? 1_555 CA ? E CA . ? A CA 1164 ? 1_555 O   ? F HOH .  ? A HOH 2019 ? 1_555 65.6  ? 
# 
_struct_mon_prot_cis.pdbx_id                1 
_struct_mon_prot_cis.label_comp_id          TRP 
_struct_mon_prot_cis.label_seq_id           159 
_struct_mon_prot_cis.label_asym_id          A 
_struct_mon_prot_cis.label_alt_id           . 
_struct_mon_prot_cis.pdbx_PDB_ins_code      ? 
_struct_mon_prot_cis.auth_comp_id           TRP 
_struct_mon_prot_cis.auth_seq_id            159 
_struct_mon_prot_cis.auth_asym_id           A 
_struct_mon_prot_cis.pdbx_label_comp_id_2   ILE 
_struct_mon_prot_cis.pdbx_label_seq_id_2    160 
_struct_mon_prot_cis.pdbx_label_asym_id_2   A 
_struct_mon_prot_cis.pdbx_PDB_ins_code_2    ? 
_struct_mon_prot_cis.pdbx_auth_comp_id_2    ILE 
_struct_mon_prot_cis.pdbx_auth_seq_id_2     160 
_struct_mon_prot_cis.pdbx_auth_asym_id_2    A 
_struct_mon_prot_cis.pdbx_PDB_model_num     1 
_struct_mon_prot_cis.pdbx_omega_angle       -1.34 
# 
loop_
_struct_sheet.id 
_struct_sheet.type 
_struct_sheet.number_strands 
_struct_sheet.details 
AA ? 6 ? 
AB ? 4 ? 
# 
loop_
_struct_sheet_order.sheet_id 
_struct_sheet_order.range_id_1 
_struct_sheet_order.range_id_2 
_struct_sheet_order.offset 
_struct_sheet_order.sense 
AA 1 2 ? anti-parallel 
AA 2 3 ? anti-parallel 
AA 3 4 ? anti-parallel 
AA 4 5 ? anti-parallel 
AA 5 6 ? anti-parallel 
AB 1 2 ? anti-parallel 
AB 2 3 ? anti-parallel 
AB 3 4 ? anti-parallel 
# 
loop_
_struct_sheet_range.sheet_id 
_struct_sheet_range.id 
_struct_sheet_range.beg_label_comp_id 
_struct_sheet_range.beg_label_asym_id 
_struct_sheet_range.beg_label_seq_id 
_struct_sheet_range.pdbx_beg_PDB_ins_code 
_struct_sheet_range.end_label_comp_id 
_struct_sheet_range.end_label_asym_id 
_struct_sheet_range.end_label_seq_id 
_struct_sheet_range.pdbx_end_PDB_ins_code 
_struct_sheet_range.beg_auth_comp_id 
_struct_sheet_range.beg_auth_asym_id 
_struct_sheet_range.beg_auth_seq_id 
_struct_sheet_range.end_auth_comp_id 
_struct_sheet_range.end_auth_asym_id 
_struct_sheet_range.end_auth_seq_id 
AA 1 ASP A 54  ? VAL A 60  ? ASP A 54  VAL A 60  
AA 2 GLY A 6   ? VAL A 16  ? GLY A 6   VAL A 16  
AA 3 GLU A 152 ? TRP A 159 ? GLU A 152 TRP A 159 
AA 4 VAL A 138 ? ARG A 144 ? VAL A 138 ARG A 144 
AA 5 SER A 128 ? VAL A 131 ? SER A 128 VAL A 131 
AA 6 ILE A 112 ? ILE A 116 ? ILE A 112 ILE A 116 
AB 1 GLN A 37  ? LYS A 40  ? GLN A 37  LYS A 40  
AB 2 PRO A 28  ? CYS A 34  ? PRO A 28  CYS A 34  
AB 3 ILE A 67  ? ASP A 73  ? ILE A 67  ASP A 73  
AB 4 ASP A 81  ? PHE A 88  ? ASP A 81  PHE A 88  
# 
loop_
_pdbx_struct_sheet_hbond.sheet_id 
_pdbx_struct_sheet_hbond.range_id_1 
_pdbx_struct_sheet_hbond.range_id_2 
_pdbx_struct_sheet_hbond.range_1_label_atom_id 
_pdbx_struct_sheet_hbond.range_1_label_comp_id 
_pdbx_struct_sheet_hbond.range_1_label_asym_id 
_pdbx_struct_sheet_hbond.range_1_label_seq_id 
_pdbx_struct_sheet_hbond.range_1_PDB_ins_code 
_pdbx_struct_sheet_hbond.range_1_auth_atom_id 
_pdbx_struct_sheet_hbond.range_1_auth_comp_id 
_pdbx_struct_sheet_hbond.range_1_auth_asym_id 
_pdbx_struct_sheet_hbond.range_1_auth_seq_id 
_pdbx_struct_sheet_hbond.range_2_label_atom_id 
_pdbx_struct_sheet_hbond.range_2_label_comp_id 
_pdbx_struct_sheet_hbond.range_2_label_asym_id 
_pdbx_struct_sheet_hbond.range_2_label_seq_id 
_pdbx_struct_sheet_hbond.range_2_PDB_ins_code 
_pdbx_struct_sheet_hbond.range_2_auth_atom_id 
_pdbx_struct_sheet_hbond.range_2_auth_comp_id 
_pdbx_struct_sheet_hbond.range_2_auth_asym_id 
_pdbx_struct_sheet_hbond.range_2_auth_seq_id 
AA 1 2 N VAL A 60  ? N VAL A 60  O GLY A 6   ? O GLY A 6   
AA 2 3 N VAL A 16  ? N VAL A 16  O GLU A 152 ? O GLU A 152 
AA 3 4 N LEU A 157 ? N LEU A 157 O GLN A 139 ? O GLN A 139 
AA 4 5 N ASN A 140 ? N ASN A 140 O HIS A 129 ? O HIS A 129 
AA 5 6 O ILE A 130 ? O ILE A 130 N ILE A 113 ? N ILE A 113 
AB 1 2 N LEU A 39  ? N LEU A 39  O VAL A 32  ? O VAL A 32  
AB 2 3 N HIS A 33  ? N HIS A 33  O LYS A 68  ? O LYS A 68  
AB 3 4 N ASP A 73  ? N ASP A 73  O ASP A 81  ? O ASP A 81  
# 
loop_
_struct_site.id 
_struct_site.pdbx_evidence_code 
_struct_site.pdbx_auth_asym_id 
_struct_site.pdbx_auth_comp_id 
_struct_site.pdbx_auth_seq_id 
_struct_site.pdbx_auth_ins_code 
_struct_site.pdbx_num_residues 
_struct_site.details 
AC1 Software A SO4 1161 ? 8 'BINDING SITE FOR RESIDUE SO4 A 1161' 
AC2 Software A SO4 1162 ? 2 'BINDING SITE FOR RESIDUE SO4 A 1162' 
AC3 Software A GOL 1163 ? 5 'BINDING SITE FOR RESIDUE GOL A 1163' 
AC4 Software A CA  1164 ? 6 'BINDING SITE FOR RESIDUE CA A 1164'  
# 
loop_
_struct_site_gen.id 
_struct_site_gen.site_id 
_struct_site_gen.pdbx_num_res 
_struct_site_gen.label_comp_id 
_struct_site_gen.label_asym_id 
_struct_site_gen.label_seq_id 
_struct_site_gen.pdbx_auth_ins_code 
_struct_site_gen.auth_comp_id 
_struct_site_gen.auth_asym_id 
_struct_site_gen.auth_seq_id 
_struct_site_gen.label_atom_id 
_struct_site_gen.label_alt_id 
_struct_site_gen.symmetry 
_struct_site_gen.details 
1  AC1 8 SER A 47  ? SER A 47   . ? 8_457 ? 
2  AC1 8 VAL A 48  ? VAL A 48   . ? 8_457 ? 
3  AC1 8 ASN A 49  ? ASN A 49   . ? 8_457 ? 
4  AC1 8 SER A 78  ? SER A 78   . ? 1_555 ? 
5  AC1 8 ALA A 79  ? ALA A 79   . ? 1_555 ? 
6  AC1 8 HOH F .   ? HOH A 2035 . ? 8_457 ? 
7  AC1 8 HOH F .   ? HOH A 2051 . ? 1_555 ? 
8  AC1 8 HOH F .   ? HOH A 2095 . ? 1_555 ? 
9  AC2 2 ARG A 14  ? ARG A 14   . ? 1_555 ? 
10 AC2 2 ARG A 120 ? ARG A 120  . ? 3_656 ? 
11 AC3 5 ARG A 42  ? ARG A 42   . ? 1_555 ? 
12 AC3 5 ARG A 42  ? ARG A 42   . ? 3_657 ? 
13 AC3 5 VAL A 44  ? VAL A 44   . ? 1_555 ? 
14 AC3 5 HOH F .   ? HOH A 2036 . ? 1_555 ? 
15 AC3 5 HOH F .   ? HOH A 2096 . ? 1_555 ? 
16 AC4 6 ASP A 22  ? ASP A 22   . ? 1_555 ? 
17 AC4 6 ASP A 27  ? ASP A 27   . ? 1_555 ? 
18 AC4 6 ASP A 73  ? ASP A 73   . ? 1_555 ? 
19 AC4 6 TYR A 74  ? TYR A 74   . ? 1_555 ? 
20 AC4 6 HOH F .   ? HOH A 2016 . ? 1_555 ? 
21 AC4 6 HOH F .   ? HOH A 2019 . ? 1_555 ? 
# 
_pdbx_validate_symm_contact.id                1 
_pdbx_validate_symm_contact.PDB_model_num     1 
_pdbx_validate_symm_contact.auth_atom_id_1    O 
_pdbx_validate_symm_contact.auth_asym_id_1    A 
_pdbx_validate_symm_contact.auth_comp_id_1    HOH 
_pdbx_validate_symm_contact.auth_seq_id_1     2032 
_pdbx_validate_symm_contact.PDB_ins_code_1    ? 
_pdbx_validate_symm_contact.label_alt_id_1    ? 
_pdbx_validate_symm_contact.site_symmetry_1   1_555 
_pdbx_validate_symm_contact.auth_atom_id_2    O 
_pdbx_validate_symm_contact.auth_asym_id_2    A 
_pdbx_validate_symm_contact.auth_comp_id_2    HOH 
_pdbx_validate_symm_contact.auth_seq_id_2     2032 
_pdbx_validate_symm_contact.PDB_ins_code_2    ? 
_pdbx_validate_symm_contact.label_alt_id_2    ? 
_pdbx_validate_symm_contact.site_symmetry_2   3_657 
_pdbx_validate_symm_contact.dist              2.15 
# 
loop_
_pdbx_validate_torsion.id 
_pdbx_validate_torsion.PDB_model_num 
_pdbx_validate_torsion.auth_comp_id 
_pdbx_validate_torsion.auth_asym_id 
_pdbx_validate_torsion.auth_seq_id 
_pdbx_validate_torsion.PDB_ins_code 
_pdbx_validate_torsion.label_alt_id 
_pdbx_validate_torsion.phi 
_pdbx_validate_torsion.psi 
1 1 ILE A 23  ? ? 70.86   -61.10 
2 1 ASP A 27  ? ? -118.41 76.42  
3 1 PRO A 105 ? ? -67.07  6.21   
4 1 TRP A 159 ? ? -170.34 134.09 
# 
loop_
_pdbx_unobs_or_zero_occ_residues.id 
_pdbx_unobs_or_zero_occ_residues.PDB_model_num 
_pdbx_unobs_or_zero_occ_residues.polymer_flag 
_pdbx_unobs_or_zero_occ_residues.occupancy_flag 
_pdbx_unobs_or_zero_occ_residues.auth_asym_id 
_pdbx_unobs_or_zero_occ_residues.auth_comp_id 
_pdbx_unobs_or_zero_occ_residues.auth_seq_id 
_pdbx_unobs_or_zero_occ_residues.PDB_ins_code 
_pdbx_unobs_or_zero_occ_residues.label_asym_id 
_pdbx_unobs_or_zero_occ_residues.label_comp_id 
_pdbx_unobs_or_zero_occ_residues.label_seq_id 
1  1 Y 1 A MET 1   ? A MET 1   
2  1 Y 1 A GLU 2   ? A GLU 2   
3  1 Y 1 A ASN 3   ? A ASN 3   
4  1 Y 1 A LEU 4   ? A LEU 4   
5  1 Y 1 A ASN 133 ? A ASN 133 
6  1 Y 1 A GLN 134 ? A GLN 134 
7  1 Y 1 A ASP 161 ? A ASP 161 
8  1 Y 1 A VAL 162 ? A VAL 162 
9  1 Y 1 A PRO 163 ? A PRO 163 
10 1 Y 1 A GLY 164 ? A GLY 164 
11 1 Y 1 A SER 165 ? A SER 165 
12 1 Y 1 A ARG 166 ? A ARG 166 
13 1 Y 1 A GLY 167 ? A GLY 167 
14 1 Y 1 A ILE 168 ? A ILE 168 
# 
loop_
_chem_comp_atom.comp_id 
_chem_comp_atom.atom_id 
_chem_comp_atom.type_symbol 
_chem_comp_atom.pdbx_aromatic_flag 
_chem_comp_atom.pdbx_stereo_config 
_chem_comp_atom.pdbx_ordinal 
ALA N    N  N N 1   
ALA CA   C  N S 2   
ALA C    C  N N 3   
ALA O    O  N N 4   
ALA CB   C  N N 5   
ALA OXT  O  N N 6   
ALA H    H  N N 7   
ALA H2   H  N N 8   
ALA HA   H  N N 9   
ALA HB1  H  N N 10  
ALA HB2  H  N N 11  
ALA HB3  H  N N 12  
ALA HXT  H  N N 13  
ARG N    N  N N 14  
ARG CA   C  N S 15  
ARG C    C  N N 16  
ARG O    O  N N 17  
ARG CB   C  N N 18  
ARG CG   C  N N 19  
ARG CD   C  N N 20  
ARG NE   N  N N 21  
ARG CZ   C  N N 22  
ARG NH1  N  N N 23  
ARG NH2  N  N N 24  
ARG OXT  O  N N 25  
ARG H    H  N N 26  
ARG H2   H  N N 27  
ARG HA   H  N N 28  
ARG HB2  H  N N 29  
ARG HB3  H  N N 30  
ARG HG2  H  N N 31  
ARG HG3  H  N N 32  
ARG HD2  H  N N 33  
ARG HD3  H  N N 34  
ARG HE   H  N N 35  
ARG HH11 H  N N 36  
ARG HH12 H  N N 37  
ARG HH21 H  N N 38  
ARG HH22 H  N N 39  
ARG HXT  H  N N 40  
ASN N    N  N N 41  
ASN CA   C  N S 42  
ASN C    C  N N 43  
ASN O    O  N N 44  
ASN CB   C  N N 45  
ASN CG   C  N N 46  
ASN OD1  O  N N 47  
ASN ND2  N  N N 48  
ASN OXT  O  N N 49  
ASN H    H  N N 50  
ASN H2   H  N N 51  
ASN HA   H  N N 52  
ASN HB2  H  N N 53  
ASN HB3  H  N N 54  
ASN HD21 H  N N 55  
ASN HD22 H  N N 56  
ASN HXT  H  N N 57  
ASP N    N  N N 58  
ASP CA   C  N S 59  
ASP C    C  N N 60  
ASP O    O  N N 61  
ASP CB   C  N N 62  
ASP CG   C  N N 63  
ASP OD1  O  N N 64  
ASP OD2  O  N N 65  
ASP OXT  O  N N 66  
ASP H    H  N N 67  
ASP H2   H  N N 68  
ASP HA   H  N N 69  
ASP HB2  H  N N 70  
ASP HB3  H  N N 71  
ASP HD2  H  N N 72  
ASP HXT  H  N N 73  
CA  CA   CA N N 74  
CYS N    N  N N 75  
CYS CA   C  N R 76  
CYS C    C  N N 77  
CYS O    O  N N 78  
CYS CB   C  N N 79  
CYS SG   S  N N 80  
CYS OXT  O  N N 81  
CYS H    H  N N 82  
CYS H2   H  N N 83  
CYS HA   H  N N 84  
CYS HB2  H  N N 85  
CYS HB3  H  N N 86  
CYS HG   H  N N 87  
CYS HXT  H  N N 88  
GLN N    N  N N 89  
GLN CA   C  N S 90  
GLN C    C  N N 91  
GLN O    O  N N 92  
GLN CB   C  N N 93  
GLN CG   C  N N 94  
GLN CD   C  N N 95  
GLN OE1  O  N N 96  
GLN NE2  N  N N 97  
GLN OXT  O  N N 98  
GLN H    H  N N 99  
GLN H2   H  N N 100 
GLN HA   H  N N 101 
GLN HB2  H  N N 102 
GLN HB3  H  N N 103 
GLN HG2  H  N N 104 
GLN HG3  H  N N 105 
GLN HE21 H  N N 106 
GLN HE22 H  N N 107 
GLN HXT  H  N N 108 
GLU N    N  N N 109 
GLU CA   C  N S 110 
GLU C    C  N N 111 
GLU O    O  N N 112 
GLU CB   C  N N 113 
GLU CG   C  N N 114 
GLU CD   C  N N 115 
GLU OE1  O  N N 116 
GLU OE2  O  N N 117 
GLU OXT  O  N N 118 
GLU H    H  N N 119 
GLU H2   H  N N 120 
GLU HA   H  N N 121 
GLU HB2  H  N N 122 
GLU HB3  H  N N 123 
GLU HG2  H  N N 124 
GLU HG3  H  N N 125 
GLU HE2  H  N N 126 
GLU HXT  H  N N 127 
GLY N    N  N N 128 
GLY CA   C  N N 129 
GLY C    C  N N 130 
GLY O    O  N N 131 
GLY OXT  O  N N 132 
GLY H    H  N N 133 
GLY H2   H  N N 134 
GLY HA2  H  N N 135 
GLY HA3  H  N N 136 
GLY HXT  H  N N 137 
GOL C1   C  N N 138 
GOL O1   O  N N 139 
GOL C2   C  N N 140 
GOL O2   O  N N 141 
GOL C3   C  N N 142 
GOL O3   O  N N 143 
GOL H11  H  N N 144 
GOL H12  H  N N 145 
GOL HO1  H  N N 146 
GOL H2   H  N N 147 
GOL HO2  H  N N 148 
GOL H31  H  N N 149 
GOL H32  H  N N 150 
GOL HO3  H  N N 151 
HIS N    N  N N 152 
HIS CA   C  N S 153 
HIS C    C  N N 154 
HIS O    O  N N 155 
HIS CB   C  N N 156 
HIS CG   C  Y N 157 
HIS ND1  N  Y N 158 
HIS CD2  C  Y N 159 
HIS CE1  C  Y N 160 
HIS NE2  N  Y N 161 
HIS OXT  O  N N 162 
HIS H    H  N N 163 
HIS H2   H  N N 164 
HIS HA   H  N N 165 
HIS HB2  H  N N 166 
HIS HB3  H  N N 167 
HIS HD1  H  N N 168 
HIS HD2  H  N N 169 
HIS HE1  H  N N 170 
HIS HE2  H  N N 171 
HIS HXT  H  N N 172 
HOH O    O  N N 173 
HOH H1   H  N N 174 
HOH H2   H  N N 175 
ILE N    N  N N 176 
ILE CA   C  N S 177 
ILE C    C  N N 178 
ILE O    O  N N 179 
ILE CB   C  N S 180 
ILE CG1  C  N N 181 
ILE CG2  C  N N 182 
ILE CD1  C  N N 183 
ILE OXT  O  N N 184 
ILE H    H  N N 185 
ILE H2   H  N N 186 
ILE HA   H  N N 187 
ILE HB   H  N N 188 
ILE HG12 H  N N 189 
ILE HG13 H  N N 190 
ILE HG21 H  N N 191 
ILE HG22 H  N N 192 
ILE HG23 H  N N 193 
ILE HD11 H  N N 194 
ILE HD12 H  N N 195 
ILE HD13 H  N N 196 
ILE HXT  H  N N 197 
LEU N    N  N N 198 
LEU CA   C  N S 199 
LEU C    C  N N 200 
LEU O    O  N N 201 
LEU CB   C  N N 202 
LEU CG   C  N N 203 
LEU CD1  C  N N 204 
LEU CD2  C  N N 205 
LEU OXT  O  N N 206 
LEU H    H  N N 207 
LEU H2   H  N N 208 
LEU HA   H  N N 209 
LEU HB2  H  N N 210 
LEU HB3  H  N N 211 
LEU HG   H  N N 212 
LEU HD11 H  N N 213 
LEU HD12 H  N N 214 
LEU HD13 H  N N 215 
LEU HD21 H  N N 216 
LEU HD22 H  N N 217 
LEU HD23 H  N N 218 
LEU HXT  H  N N 219 
LYS N    N  N N 220 
LYS CA   C  N S 221 
LYS C    C  N N 222 
LYS O    O  N N 223 
LYS CB   C  N N 224 
LYS CG   C  N N 225 
LYS CD   C  N N 226 
LYS CE   C  N N 227 
LYS NZ   N  N N 228 
LYS OXT  O  N N 229 
LYS H    H  N N 230 
LYS H2   H  N N 231 
LYS HA   H  N N 232 
LYS HB2  H  N N 233 
LYS HB3  H  N N 234 
LYS HG2  H  N N 235 
LYS HG3  H  N N 236 
LYS HD2  H  N N 237 
LYS HD3  H  N N 238 
LYS HE2  H  N N 239 
LYS HE3  H  N N 240 
LYS HZ1  H  N N 241 
LYS HZ2  H  N N 242 
LYS HZ3  H  N N 243 
LYS HXT  H  N N 244 
MET N    N  N N 245 
MET CA   C  N S 246 
MET C    C  N N 247 
MET O    O  N N 248 
MET CB   C  N N 249 
MET CG   C  N N 250 
MET SD   S  N N 251 
MET CE   C  N N 252 
MET OXT  O  N N 253 
MET H    H  N N 254 
MET H2   H  N N 255 
MET HA   H  N N 256 
MET HB2  H  N N 257 
MET HB3  H  N N 258 
MET HG2  H  N N 259 
MET HG3  H  N N 260 
MET HE1  H  N N 261 
MET HE2  H  N N 262 
MET HE3  H  N N 263 
MET HXT  H  N N 264 
PHE N    N  N N 265 
PHE CA   C  N S 266 
PHE C    C  N N 267 
PHE O    O  N N 268 
PHE CB   C  N N 269 
PHE CG   C  Y N 270 
PHE CD1  C  Y N 271 
PHE CD2  C  Y N 272 
PHE CE1  C  Y N 273 
PHE CE2  C  Y N 274 
PHE CZ   C  Y N 275 
PHE OXT  O  N N 276 
PHE H    H  N N 277 
PHE H2   H  N N 278 
PHE HA   H  N N 279 
PHE HB2  H  N N 280 
PHE HB3  H  N N 281 
PHE HD1  H  N N 282 
PHE HD2  H  N N 283 
PHE HE1  H  N N 284 
PHE HE2  H  N N 285 
PHE HZ   H  N N 286 
PHE HXT  H  N N 287 
PRO N    N  N N 288 
PRO CA   C  N S 289 
PRO C    C  N N 290 
PRO O    O  N N 291 
PRO CB   C  N N 292 
PRO CG   C  N N 293 
PRO CD   C  N N 294 
PRO OXT  O  N N 295 
PRO H    H  N N 296 
PRO HA   H  N N 297 
PRO HB2  H  N N 298 
PRO HB3  H  N N 299 
PRO HG2  H  N N 300 
PRO HG3  H  N N 301 
PRO HD2  H  N N 302 
PRO HD3  H  N N 303 
PRO HXT  H  N N 304 
SER N    N  N N 305 
SER CA   C  N S 306 
SER C    C  N N 307 
SER O    O  N N 308 
SER CB   C  N N 309 
SER OG   O  N N 310 
SER OXT  O  N N 311 
SER H    H  N N 312 
SER H2   H  N N 313 
SER HA   H  N N 314 
SER HB2  H  N N 315 
SER HB3  H  N N 316 
SER HG   H  N N 317 
SER HXT  H  N N 318 
SO4 S    S  N N 319 
SO4 O1   O  N N 320 
SO4 O2   O  N N 321 
SO4 O3   O  N N 322 
SO4 O4   O  N N 323 
THR N    N  N N 324 
THR CA   C  N S 325 
THR C    C  N N 326 
THR O    O  N N 327 
THR CB   C  N R 328 
THR OG1  O  N N 329 
THR CG2  C  N N 330 
THR OXT  O  N N 331 
THR H    H  N N 332 
THR H2   H  N N 333 
THR HA   H  N N 334 
THR HB   H  N N 335 
THR HG1  H  N N 336 
THR HG21 H  N N 337 
THR HG22 H  N N 338 
THR HG23 H  N N 339 
THR HXT  H  N N 340 
TRP N    N  N N 341 
TRP CA   C  N S 342 
TRP C    C  N N 343 
TRP O    O  N N 344 
TRP CB   C  N N 345 
TRP CG   C  Y N 346 
TRP CD1  C  Y N 347 
TRP CD2  C  Y N 348 
TRP NE1  N  Y N 349 
TRP CE2  C  Y N 350 
TRP CE3  C  Y N 351 
TRP CZ2  C  Y N 352 
TRP CZ3  C  Y N 353 
TRP CH2  C  Y N 354 
TRP OXT  O  N N 355 
TRP H    H  N N 356 
TRP H2   H  N N 357 
TRP HA   H  N N 358 
TRP HB2  H  N N 359 
TRP HB3  H  N N 360 
TRP HD1  H  N N 361 
TRP HE1  H  N N 362 
TRP HE3  H  N N 363 
TRP HZ2  H  N N 364 
TRP HZ3  H  N N 365 
TRP HH2  H  N N 366 
TRP HXT  H  N N 367 
TYR N    N  N N 368 
TYR CA   C  N S 369 
TYR C    C  N N 370 
TYR O    O  N N 371 
TYR CB   C  N N 372 
TYR CG   C  Y N 373 
TYR CD1  C  Y N 374 
TYR CD2  C  Y N 375 
TYR CE1  C  Y N 376 
TYR CE2  C  Y N 377 
TYR CZ   C  Y N 378 
TYR OH   O  N N 379 
TYR OXT  O  N N 380 
TYR H    H  N N 381 
TYR H2   H  N N 382 
TYR HA   H  N N 383 
TYR HB2  H  N N 384 
TYR HB3  H  N N 385 
TYR HD1  H  N N 386 
TYR HD2  H  N N 387 
TYR HE1  H  N N 388 
TYR HE2  H  N N 389 
TYR HH   H  N N 390 
TYR HXT  H  N N 391 
VAL N    N  N N 392 
VAL CA   C  N S 393 
VAL C    C  N N 394 
VAL O    O  N N 395 
VAL CB   C  N N 396 
VAL CG1  C  N N 397 
VAL CG2  C  N N 398 
VAL OXT  O  N N 399 
VAL H    H  N N 400 
VAL H2   H  N N 401 
VAL HA   H  N N 402 
VAL HB   H  N N 403 
VAL HG11 H  N N 404 
VAL HG12 H  N N 405 
VAL HG13 H  N N 406 
VAL HG21 H  N N 407 
VAL HG22 H  N N 408 
VAL HG23 H  N N 409 
VAL HXT  H  N N 410 
# 
loop_
_chem_comp_bond.comp_id 
_chem_comp_bond.atom_id_1 
_chem_comp_bond.atom_id_2 
_chem_comp_bond.value_order 
_chem_comp_bond.pdbx_aromatic_flag 
_chem_comp_bond.pdbx_stereo_config 
_chem_comp_bond.pdbx_ordinal 
ALA N   CA   sing N N 1   
ALA N   H    sing N N 2   
ALA N   H2   sing N N 3   
ALA CA  C    sing N N 4   
ALA CA  CB   sing N N 5   
ALA CA  HA   sing N N 6   
ALA C   O    doub N N 7   
ALA C   OXT  sing N N 8   
ALA CB  HB1  sing N N 9   
ALA CB  HB2  sing N N 10  
ALA CB  HB3  sing N N 11  
ALA OXT HXT  sing N N 12  
ARG N   CA   sing N N 13  
ARG N   H    sing N N 14  
ARG N   H2   sing N N 15  
ARG CA  C    sing N N 16  
ARG CA  CB   sing N N 17  
ARG CA  HA   sing N N 18  
ARG C   O    doub N N 19  
ARG C   OXT  sing N N 20  
ARG CB  CG   sing N N 21  
ARG CB  HB2  sing N N 22  
ARG CB  HB3  sing N N 23  
ARG CG  CD   sing N N 24  
ARG CG  HG2  sing N N 25  
ARG CG  HG3  sing N N 26  
ARG CD  NE   sing N N 27  
ARG CD  HD2  sing N N 28  
ARG CD  HD3  sing N N 29  
ARG NE  CZ   sing N N 30  
ARG NE  HE   sing N N 31  
ARG CZ  NH1  sing N N 32  
ARG CZ  NH2  doub N N 33  
ARG NH1 HH11 sing N N 34  
ARG NH1 HH12 sing N N 35  
ARG NH2 HH21 sing N N 36  
ARG NH2 HH22 sing N N 37  
ARG OXT HXT  sing N N 38  
ASN N   CA   sing N N 39  
ASN N   H    sing N N 40  
ASN N   H2   sing N N 41  
ASN CA  C    sing N N 42  
ASN CA  CB   sing N N 43  
ASN CA  HA   sing N N 44  
ASN C   O    doub N N 45  
ASN C   OXT  sing N N 46  
ASN CB  CG   sing N N 47  
ASN CB  HB2  sing N N 48  
ASN CB  HB3  sing N N 49  
ASN CG  OD1  doub N N 50  
ASN CG  ND2  sing N N 51  
ASN ND2 HD21 sing N N 52  
ASN ND2 HD22 sing N N 53  
ASN OXT HXT  sing N N 54  
ASP N   CA   sing N N 55  
ASP N   H    sing N N 56  
ASP N   H2   sing N N 57  
ASP CA  C    sing N N 58  
ASP CA  CB   sing N N 59  
ASP CA  HA   sing N N 60  
ASP C   O    doub N N 61  
ASP C   OXT  sing N N 62  
ASP CB  CG   sing N N 63  
ASP CB  HB2  sing N N 64  
ASP CB  HB3  sing N N 65  
ASP CG  OD1  doub N N 66  
ASP CG  OD2  sing N N 67  
ASP OD2 HD2  sing N N 68  
ASP OXT HXT  sing N N 69  
CYS N   CA   sing N N 70  
CYS N   H    sing N N 71  
CYS N   H2   sing N N 72  
CYS CA  C    sing N N 73  
CYS CA  CB   sing N N 74  
CYS CA  HA   sing N N 75  
CYS C   O    doub N N 76  
CYS C   OXT  sing N N 77  
CYS CB  SG   sing N N 78  
CYS CB  HB2  sing N N 79  
CYS CB  HB3  sing N N 80  
CYS SG  HG   sing N N 81  
CYS OXT HXT  sing N N 82  
GLN N   CA   sing N N 83  
GLN N   H    sing N N 84  
GLN N   H2   sing N N 85  
GLN CA  C    sing N N 86  
GLN CA  CB   sing N N 87  
GLN CA  HA   sing N N 88  
GLN C   O    doub N N 89  
GLN C   OXT  sing N N 90  
GLN CB  CG   sing N N 91  
GLN CB  HB2  sing N N 92  
GLN CB  HB3  sing N N 93  
GLN CG  CD   sing N N 94  
GLN CG  HG2  sing N N 95  
GLN CG  HG3  sing N N 96  
GLN CD  OE1  doub N N 97  
GLN CD  NE2  sing N N 98  
GLN NE2 HE21 sing N N 99  
GLN NE2 HE22 sing N N 100 
GLN OXT HXT  sing N N 101 
GLU N   CA   sing N N 102 
GLU N   H    sing N N 103 
GLU N   H2   sing N N 104 
GLU CA  C    sing N N 105 
GLU CA  CB   sing N N 106 
GLU CA  HA   sing N N 107 
GLU C   O    doub N N 108 
GLU C   OXT  sing N N 109 
GLU CB  CG   sing N N 110 
GLU CB  HB2  sing N N 111 
GLU CB  HB3  sing N N 112 
GLU CG  CD   sing N N 113 
GLU CG  HG2  sing N N 114 
GLU CG  HG3  sing N N 115 
GLU CD  OE1  doub N N 116 
GLU CD  OE2  sing N N 117 
GLU OE2 HE2  sing N N 118 
GLU OXT HXT  sing N N 119 
GLY N   CA   sing N N 120 
GLY N   H    sing N N 121 
GLY N   H2   sing N N 122 
GLY CA  C    sing N N 123 
GLY CA  HA2  sing N N 124 
GLY CA  HA3  sing N N 125 
GLY C   O    doub N N 126 
GLY C   OXT  sing N N 127 
GLY OXT HXT  sing N N 128 
GOL C1  O1   sing N N 129 
GOL C1  C2   sing N N 130 
GOL C1  H11  sing N N 131 
GOL C1  H12  sing N N 132 
GOL O1  HO1  sing N N 133 
GOL C2  O2   sing N N 134 
GOL C2  C3   sing N N 135 
GOL C2  H2   sing N N 136 
GOL O2  HO2  sing N N 137 
GOL C3  O3   sing N N 138 
GOL C3  H31  sing N N 139 
GOL C3  H32  sing N N 140 
GOL O3  HO3  sing N N 141 
HIS N   CA   sing N N 142 
HIS N   H    sing N N 143 
HIS N   H2   sing N N 144 
HIS CA  C    sing N N 145 
HIS CA  CB   sing N N 146 
HIS CA  HA   sing N N 147 
HIS C   O    doub N N 148 
HIS C   OXT  sing N N 149 
HIS CB  CG   sing N N 150 
HIS CB  HB2  sing N N 151 
HIS CB  HB3  sing N N 152 
HIS CG  ND1  sing Y N 153 
HIS CG  CD2  doub Y N 154 
HIS ND1 CE1  doub Y N 155 
HIS ND1 HD1  sing N N 156 
HIS CD2 NE2  sing Y N 157 
HIS CD2 HD2  sing N N 158 
HIS CE1 NE2  sing Y N 159 
HIS CE1 HE1  sing N N 160 
HIS NE2 HE2  sing N N 161 
HIS OXT HXT  sing N N 162 
HOH O   H1   sing N N 163 
HOH O   H2   sing N N 164 
ILE N   CA   sing N N 165 
ILE N   H    sing N N 166 
ILE N   H2   sing N N 167 
ILE CA  C    sing N N 168 
ILE CA  CB   sing N N 169 
ILE CA  HA   sing N N 170 
ILE C   O    doub N N 171 
ILE C   OXT  sing N N 172 
ILE CB  CG1  sing N N 173 
ILE CB  CG2  sing N N 174 
ILE CB  HB   sing N N 175 
ILE CG1 CD1  sing N N 176 
ILE CG1 HG12 sing N N 177 
ILE CG1 HG13 sing N N 178 
ILE CG2 HG21 sing N N 179 
ILE CG2 HG22 sing N N 180 
ILE CG2 HG23 sing N N 181 
ILE CD1 HD11 sing N N 182 
ILE CD1 HD12 sing N N 183 
ILE CD1 HD13 sing N N 184 
ILE OXT HXT  sing N N 185 
LEU N   CA   sing N N 186 
LEU N   H    sing N N 187 
LEU N   H2   sing N N 188 
LEU CA  C    sing N N 189 
LEU CA  CB   sing N N 190 
LEU CA  HA   sing N N 191 
LEU C   O    doub N N 192 
LEU C   OXT  sing N N 193 
LEU CB  CG   sing N N 194 
LEU CB  HB2  sing N N 195 
LEU CB  HB3  sing N N 196 
LEU CG  CD1  sing N N 197 
LEU CG  CD2  sing N N 198 
LEU CG  HG   sing N N 199 
LEU CD1 HD11 sing N N 200 
LEU CD1 HD12 sing N N 201 
LEU CD1 HD13 sing N N 202 
LEU CD2 HD21 sing N N 203 
LEU CD2 HD22 sing N N 204 
LEU CD2 HD23 sing N N 205 
LEU OXT HXT  sing N N 206 
LYS N   CA   sing N N 207 
LYS N   H    sing N N 208 
LYS N   H2   sing N N 209 
LYS CA  C    sing N N 210 
LYS CA  CB   sing N N 211 
LYS CA  HA   sing N N 212 
LYS C   O    doub N N 213 
LYS C   OXT  sing N N 214 
LYS CB  CG   sing N N 215 
LYS CB  HB2  sing N N 216 
LYS CB  HB3  sing N N 217 
LYS CG  CD   sing N N 218 
LYS CG  HG2  sing N N 219 
LYS CG  HG3  sing N N 220 
LYS CD  CE   sing N N 221 
LYS CD  HD2  sing N N 222 
LYS CD  HD3  sing N N 223 
LYS CE  NZ   sing N N 224 
LYS CE  HE2  sing N N 225 
LYS CE  HE3  sing N N 226 
LYS NZ  HZ1  sing N N 227 
LYS NZ  HZ2  sing N N 228 
LYS NZ  HZ3  sing N N 229 
LYS OXT HXT  sing N N 230 
MET N   CA   sing N N 231 
MET N   H    sing N N 232 
MET N   H2   sing N N 233 
MET CA  C    sing N N 234 
MET CA  CB   sing N N 235 
MET CA  HA   sing N N 236 
MET C   O    doub N N 237 
MET C   OXT  sing N N 238 
MET CB  CG   sing N N 239 
MET CB  HB2  sing N N 240 
MET CB  HB3  sing N N 241 
MET CG  SD   sing N N 242 
MET CG  HG2  sing N N 243 
MET CG  HG3  sing N N 244 
MET SD  CE   sing N N 245 
MET CE  HE1  sing N N 246 
MET CE  HE2  sing N N 247 
MET CE  HE3  sing N N 248 
MET OXT HXT  sing N N 249 
PHE N   CA   sing N N 250 
PHE N   H    sing N N 251 
PHE N   H2   sing N N 252 
PHE CA  C    sing N N 253 
PHE CA  CB   sing N N 254 
PHE CA  HA   sing N N 255 
PHE C   O    doub N N 256 
PHE C   OXT  sing N N 257 
PHE CB  CG   sing N N 258 
PHE CB  HB2  sing N N 259 
PHE CB  HB3  sing N N 260 
PHE CG  CD1  doub Y N 261 
PHE CG  CD2  sing Y N 262 
PHE CD1 CE1  sing Y N 263 
PHE CD1 HD1  sing N N 264 
PHE CD2 CE2  doub Y N 265 
PHE CD2 HD2  sing N N 266 
PHE CE1 CZ   doub Y N 267 
PHE CE1 HE1  sing N N 268 
PHE CE2 CZ   sing Y N 269 
PHE CE2 HE2  sing N N 270 
PHE CZ  HZ   sing N N 271 
PHE OXT HXT  sing N N 272 
PRO N   CA   sing N N 273 
PRO N   CD   sing N N 274 
PRO N   H    sing N N 275 
PRO CA  C    sing N N 276 
PRO CA  CB   sing N N 277 
PRO CA  HA   sing N N 278 
PRO C   O    doub N N 279 
PRO C   OXT  sing N N 280 
PRO CB  CG   sing N N 281 
PRO CB  HB2  sing N N 282 
PRO CB  HB3  sing N N 283 
PRO CG  CD   sing N N 284 
PRO CG  HG2  sing N N 285 
PRO CG  HG3  sing N N 286 
PRO CD  HD2  sing N N 287 
PRO CD  HD3  sing N N 288 
PRO OXT HXT  sing N N 289 
SER N   CA   sing N N 290 
SER N   H    sing N N 291 
SER N   H2   sing N N 292 
SER CA  C    sing N N 293 
SER CA  CB   sing N N 294 
SER CA  HA   sing N N 295 
SER C   O    doub N N 296 
SER C   OXT  sing N N 297 
SER CB  OG   sing N N 298 
SER CB  HB2  sing N N 299 
SER CB  HB3  sing N N 300 
SER OG  HG   sing N N 301 
SER OXT HXT  sing N N 302 
SO4 S   O1   doub N N 303 
SO4 S   O2   doub N N 304 
SO4 S   O3   sing N N 305 
SO4 S   O4   sing N N 306 
THR N   CA   sing N N 307 
THR N   H    sing N N 308 
THR N   H2   sing N N 309 
THR CA  C    sing N N 310 
THR CA  CB   sing N N 311 
THR CA  HA   sing N N 312 
THR C   O    doub N N 313 
THR C   OXT  sing N N 314 
THR CB  OG1  sing N N 315 
THR CB  CG2  sing N N 316 
THR CB  HB   sing N N 317 
THR OG1 HG1  sing N N 318 
THR CG2 HG21 sing N N 319 
THR CG2 HG22 sing N N 320 
THR CG2 HG23 sing N N 321 
THR OXT HXT  sing N N 322 
TRP N   CA   sing N N 323 
TRP N   H    sing N N 324 
TRP N   H2   sing N N 325 
TRP CA  C    sing N N 326 
TRP CA  CB   sing N N 327 
TRP CA  HA   sing N N 328 
TRP C   O    doub N N 329 
TRP C   OXT  sing N N 330 
TRP CB  CG   sing N N 331 
TRP CB  HB2  sing N N 332 
TRP CB  HB3  sing N N 333 
TRP CG  CD1  doub Y N 334 
TRP CG  CD2  sing Y N 335 
TRP CD1 NE1  sing Y N 336 
TRP CD1 HD1  sing N N 337 
TRP CD2 CE2  doub Y N 338 
TRP CD2 CE3  sing Y N 339 
TRP NE1 CE2  sing Y N 340 
TRP NE1 HE1  sing N N 341 
TRP CE2 CZ2  sing Y N 342 
TRP CE3 CZ3  doub Y N 343 
TRP CE3 HE3  sing N N 344 
TRP CZ2 CH2  doub Y N 345 
TRP CZ2 HZ2  sing N N 346 
TRP CZ3 CH2  sing Y N 347 
TRP CZ3 HZ3  sing N N 348 
TRP CH2 HH2  sing N N 349 
TRP OXT HXT  sing N N 350 
TYR N   CA   sing N N 351 
TYR N   H    sing N N 352 
TYR N   H2   sing N N 353 
TYR CA  C    sing N N 354 
TYR CA  CB   sing N N 355 
TYR CA  HA   sing N N 356 
TYR C   O    doub N N 357 
TYR C   OXT  sing N N 358 
TYR CB  CG   sing N N 359 
TYR CB  HB2  sing N N 360 
TYR CB  HB3  sing N N 361 
TYR CG  CD1  doub Y N 362 
TYR CG  CD2  sing Y N 363 
TYR CD1 CE1  sing Y N 364 
TYR CD1 HD1  sing N N 365 
TYR CD2 CE2  doub Y N 366 
TYR CD2 HD2  sing N N 367 
TYR CE1 CZ   doub Y N 368 
TYR CE1 HE1  sing N N 369 
TYR CE2 CZ   sing Y N 370 
TYR CE2 HE2  sing N N 371 
TYR CZ  OH   sing N N 372 
TYR OH  HH   sing N N 373 
TYR OXT HXT  sing N N 374 
VAL N   CA   sing N N 375 
VAL N   H    sing N N 376 
VAL N   H2   sing N N 377 
VAL CA  C    sing N N 378 
VAL CA  CB   sing N N 379 
VAL CA  HA   sing N N 380 
VAL C   O    doub N N 381 
VAL C   OXT  sing N N 382 
VAL CB  CG1  sing N N 383 
VAL CB  CG2  sing N N 384 
VAL CB  HB   sing N N 385 
VAL CG1 HG11 sing N N 386 
VAL CG1 HG12 sing N N 387 
VAL CG1 HG13 sing N N 388 
VAL CG2 HG21 sing N N 389 
VAL CG2 HG22 sing N N 390 
VAL CG2 HG23 sing N N 391 
VAL OXT HXT  sing N N 392 
# 
_pdbx_initial_refinement_model.id               1 
_pdbx_initial_refinement_model.entity_id_list   ? 
_pdbx_initial_refinement_model.type             'experimental model' 
_pdbx_initial_refinement_model.source_name      PDB 
_pdbx_initial_refinement_model.accession_code   4V29 
_pdbx_initial_refinement_model.details          'PDB ENTRY 4V29' 
# 
_atom_sites.entry_id                    5A52 
_atom_sites.fract_transf_matrix[1][1]   -0.00528979 
_atom_sites.fract_transf_matrix[1][2]   0.01817558 
_atom_sites.fract_transf_matrix[1][3]   0.01671468 
_atom_sites.fract_transf_matrix[2][1]   -0.00238342 
_atom_sites.fract_transf_matrix[2][2]   0.00324034 
_atom_sites.fract_transf_matrix[2][3]   -0.00427784 
_atom_sites.fract_transf_matrix[3][1]   -0.01671807 
_atom_sites.fract_transf_matrix[3][2]   -0.00791676 
_atom_sites.fract_transf_matrix[3][3]   0.00331784 
_atom_sites.fract_transf_vector[1]      0.332999 
_atom_sites.fract_transf_vector[2]      0.135919 
_atom_sites.fract_transf_vector[3]      1.006658 
# 
loop_
_atom_type.symbol 
C  
CA 
N  
O  
S  
# 
loop_
_atom_site.group_PDB 
_atom_site.id 
_atom_site.type_symbol 
_atom_site.label_atom_id 
_atom_site.label_alt_id 
_atom_site.label_comp_id 
_atom_site.label_asym_id 
_atom_site.label_entity_id 
_atom_site.label_seq_id 
_atom_site.pdbx_PDB_ins_code 
_atom_site.Cartn_x 
_atom_site.Cartn_y 
_atom_site.Cartn_z 
_atom_site.occupancy 
_atom_site.B_iso_or_equiv 
_atom_site.pdbx_formal_charge 
_atom_site.auth_seq_id 
_atom_site.auth_comp_id 
_atom_site.auth_asym_id 
_atom_site.auth_atom_id 
_atom_site.pdbx_PDB_model_num 
ATOM   1    N  N   . VAL A 1 5   ? 3.551   -18.726 -4.082  1.00 59.22 ? 5    VAL A N   1 
ATOM   2    C  CA  . VAL A 1 5   ? 2.173   -18.311 -4.307  1.00 57.13 ? 5    VAL A CA  1 
ATOM   3    C  C   . VAL A 1 5   ? 1.406   -18.102 -3.002  1.00 53.94 ? 5    VAL A C   1 
ATOM   4    O  O   . VAL A 1 5   ? 1.679   -18.760 -2.003  1.00 50.88 ? 5    VAL A O   1 
ATOM   5    C  CB  . VAL A 1 5   ? 1.452   -19.328 -5.186  1.00 61.53 ? 5    VAL A CB  1 
ATOM   6    N  N   . GLY A 1 6   ? 0.453   -17.172 -3.027  1.00 54.64 ? 6    GLY A N   1 
ATOM   7    C  CA  . GLY A 1 6   ? -0.386  -16.865 -1.878  1.00 51.57 ? 6    GLY A CA  1 
ATOM   8    C  C   . GLY A 1 6   ? -1.304  -15.694 -2.198  1.00 52.76 ? 6    GLY A C   1 
ATOM   9    O  O   . GLY A 1 6   ? -1.280  -15.186 -3.316  1.00 52.15 ? 6    GLY A O   1 
ATOM   10   N  N   . LEU A 1 7   ? -2.113  -15.262 -1.235  1.00 51.50 ? 7    LEU A N   1 
ATOM   11   C  CA  . LEU A 1 7   ? -3.030  -14.145 -1.466  1.00 49.49 ? 7    LEU A CA  1 
ATOM   12   C  C   . LEU A 1 7   ? -2.707  -12.946 -0.585  1.00 46.28 ? 7    LEU A C   1 
ATOM   13   O  O   . LEU A 1 7   ? -2.825  -13.012 0.630   1.00 44.95 ? 7    LEU A O   1 
ATOM   14   C  CB  . LEU A 1 7   ? -4.480  -14.568 -1.221  1.00 49.51 ? 7    LEU A CB  1 
ATOM   15   C  CG  . LEU A 1 7   ? -5.121  -15.565 -2.186  1.00 52.57 ? 7    LEU A CG  1 
ATOM   16   C  CD1 . LEU A 1 7   ? -6.583  -15.733 -1.828  1.00 48.19 ? 7    LEU A CD1 1 
ATOM   17   C  CD2 . LEU A 1 7   ? -4.963  -15.119 -3.634  1.00 49.83 ? 7    LEU A CD2 1 
ATOM   18   N  N   . LEU A 1 8   ? -2.330  -11.837 -1.203  1.00 44.98 ? 8    LEU A N   1 
ATOM   19   C  CA  . LEU A 1 8   ? -2.002  -10.643 -0.437  1.00 43.06 ? 8    LEU A CA  1 
ATOM   20   C  C   . LEU A 1 8   ? -3.198  -9.712  -0.318  1.00 37.10 ? 8    LEU A C   1 
ATOM   21   O  O   . LEU A 1 8   ? -3.668  -9.185  -1.321  1.00 40.06 ? 8    LEU A O   1 
ATOM   22   C  CB  . LEU A 1 8   ? -0.836  -9.905  -1.084  1.00 39.15 ? 8    LEU A CB  1 
ATOM   23   C  CG  . LEU A 1 8   ? -0.335  -8.699  -0.296  1.00 39.17 ? 8    LEU A CG  1 
ATOM   24   C  CD1 . LEU A 1 8   ? 0.456   -9.143  0.918   1.00 33.95 ? 8    LEU A CD1 1 
ATOM   25   C  CD2 . LEU A 1 8   ? 0.491   -7.824  -1.195  1.00 33.44 ? 8    LEU A CD2 1 
ATOM   26   N  N   . ARG A 1 9   ? -3.700  -9.519  0.900   1.00 34.33 ? 9    ARG A N   1 
ATOM   27   C  CA  . ARG A 1 9   ? -4.737  -8.519  1.131   1.00 38.13 ? 9    ARG A CA  1 
ATOM   28   C  C   . ARG A 1 9   ? -4.117  -7.164  1.449   1.00 34.49 ? 9    ARG A C   1 
ATOM   29   O  O   . ARG A 1 9   ? -3.406  -7.015  2.437   1.00 32.67 ? 9    ARG A O   1 
ATOM   30   C  CB  . ARG A 1 9   ? -5.672  -8.924  2.268   1.00 38.85 ? 9    ARG A CB  1 
ATOM   31   C  CG  . ARG A 1 9   ? -6.607  -7.797  2.708   1.00 49.20 ? 9    ARG A CG  1 
ATOM   32   C  CD  . ARG A 1 9   ? -7.247  -8.097  4.054   1.00 60.16 ? 9    ARG A CD  1 
ATOM   33   N  NE  . ARG A 1 9   ? -7.944  -6.948  4.632   1.00 68.14 ? 9    ARG A NE  1 
ATOM   34   C  CZ  . ARG A 1 9   ? -7.382  -6.049  5.437   1.00 71.45 ? 9    ARG A CZ  1 
ATOM   35   N  NH1 . ARG A 1 9   ? -6.100  -6.146  5.764   1.00 68.34 ? 9    ARG A NH1 1 
ATOM   36   N  NH2 . ARG A 1 9   ? -8.109  -5.048  5.915   1.00 73.00 ? 9    ARG A NH2 1 
ATOM   37   N  N   . ILE A 1 10  ? -4.401  -6.186  0.600   1.00 32.45 ? 10   ILE A N   1 
ATOM   38   C  CA  . ILE A 1 10  ? -3.919  -4.824  0.788   1.00 30.47 ? 10   ILE A CA  1 
ATOM   39   C  C   . ILE A 1 10  ? -5.060  -3.976  1.320   1.00 27.50 ? 10   ILE A C   1 
ATOM   40   O  O   . ILE A 1 10  ? -6.010  -3.703  0.589   1.00 27.98 ? 10   ILE A O   1 
ATOM   41   C  CB  . ILE A 1 10  ? -3.398  -4.222  -0.532  1.00 27.74 ? 10   ILE A CB  1 
ATOM   42   C  CG1 . ILE A 1 10  ? -2.348  -5.139  -1.162  1.00 27.88 ? 10   ILE A CG1 1 
ATOM   43   C  CG2 . ILE A 1 10  ? -2.816  -2.834  -0.302  1.00 25.86 ? 10   ILE A CG2 1 
ATOM   44   C  CD1 . ILE A 1 10  ? -1.886  -4.687  -2.519  1.00 27.40 ? 10   ILE A CD1 1 
ATOM   45   N  N   . HIS A 1 11  ? -5.003  -3.581  2.586   1.00 25.26 ? 11   HIS A N   1 
ATOM   46   C  CA  . HIS A 1 11  ? -6.022  -2.677  3.086   1.00 27.65 ? 11   HIS A CA  1 
ATOM   47   C  C   . HIS A 1 11  ? -5.560  -1.264  2.808   1.00 25.41 ? 11   HIS A C   1 
ATOM   48   O  O   . HIS A 1 11  ? -4.609  -0.800  3.416   1.00 23.72 ? 11   HIS A O   1 
ATOM   49   C  CB  . HIS A 1 11  ? -6.292  -2.856  4.575   1.00 32.74 ? 11   HIS A CB  1 
ATOM   50   C  CG  . HIS A 1 11  ? -7.431  -2.015  5.072   1.00 40.70 ? 11   HIS A CG  1 
ATOM   51   N  ND1 . HIS A 1 11  ? -8.587  -1.835  4.344   1.00 51.55 ? 11   HIS A ND1 1 
ATOM   52   C  CD2 . HIS A 1 11  ? -7.592  -1.302  6.214   1.00 47.14 ? 11   HIS A CD2 1 
ATOM   53   C  CE1 . HIS A 1 11  ? -9.414  -1.051  5.014   1.00 50.93 ? 11   HIS A CE1 1 
ATOM   54   N  NE2 . HIS A 1 11  ? -8.835  -0.714  6.152   1.00 52.00 ? 11   HIS A NE2 1 
ATOM   55   N  N   . VAL A 1 12  ? -6.213  -0.606  1.861   1.00 23.87 ? 12   VAL A N   1 
ATOM   56   C  CA  . VAL A 1 12  ? -5.874  0.773   1.542   1.00 23.59 ? 12   VAL A CA  1 
ATOM   57   C  C   . VAL A 1 12  ? -6.650  1.665   2.492   1.00 24.86 ? 12   VAL A C   1 
ATOM   58   O  O   . VAL A 1 12  ? -7.866  1.805   2.352   1.00 26.16 ? 12   VAL A O   1 
ATOM   59   C  CB  . VAL A 1 12  ? -6.214  1.120   0.090   1.00 22.02 ? 12   VAL A CB  1 
ATOM   60   C  CG1 . VAL A 1 12  ? -5.806  2.559   -0.208  1.00 20.92 ? 12   VAL A CG1 1 
ATOM   61   C  CG2 . VAL A 1 12  ? -5.538  0.159   -0.878  1.00 23.97 ? 12   VAL A CG2 1 
ATOM   62   N  N   . LYS A 1 13  ? -5.970  2.250   3.471   1.00 21.11 ? 13   LYS A N   1 
ATOM   63   C  CA  . LYS A 1 13  ? -6.678  2.985   4.512   1.00 19.88 ? 13   LYS A CA  1 
ATOM   64   C  C   . LYS A 1 13  ? -7.011  4.411   4.112   1.00 22.85 ? 13   LYS A C   1 
ATOM   65   O  O   . LYS A 1 13  ? -8.172  4.802   4.106   1.00 24.17 ? 13   LYS A O   1 
ATOM   66   C  CB  . LYS A 1 13  ? -5.869  2.990   5.806   1.00 23.25 ? 13   LYS A CB  1 
ATOM   67   C  CG  . LYS A 1 13  ? -5.607  1.614   6.356   1.00 25.12 ? 13   LYS A CG  1 
ATOM   68   C  CD  . LYS A 1 13  ? -4.864  1.719   7.676   1.00 32.20 ? 13   LYS A CD  1 
ATOM   69   C  CE  . LYS A 1 13  ? -4.969  0.445   8.489   1.00 43.12 ? 13   LYS A CE  1 
ATOM   70   N  NZ  . LYS A 1 13  ? -4.442  0.659   9.866   1.00 49.25 ? 13   LYS A NZ  1 
ATOM   71   N  N   . ARG A 1 14  ? -6.000  5.201   3.776   1.00 19.36 ? 14   ARG A N   1 
ATOM   72   C  CA  . ARG A 1 14  ? -6.273  6.601   3.527   1.00 18.81 ? 14   ARG A CA  1 
ATOM   73   C  C   . ARG A 1 14  ? -5.144  7.214   2.734   1.00 17.89 ? 14   ARG A C   1 
ATOM   74   O  O   . ARG A 1 14  ? -4.055  6.635   2.648   1.00 16.96 ? 14   ARG A O   1 
ATOM   75   C  CB  . ARG A 1 14  ? -6.462  7.354   4.848   1.00 18.90 ? 14   ARG A CB  1 
ATOM   76   C  CG  . ARG A 1 14  ? -5.218  7.371   5.734   1.00 22.61 ? 14   ARG A CG  1 
ATOM   77   C  CD  . ARG A 1 14  ? -5.545  7.928   7.114   1.00 23.21 ? 14   ARG A CD  1 
ATOM   78   N  NE  . ARG A 1 14  ? -4.375  7.899   7.990   1.00 29.27 ? 14   ARG A NE  1 
ATOM   79   C  CZ  . ARG A 1 14  ? -3.728  8.979   8.411   1.00 35.46 ? 14   ARG A CZ  1 
ATOM   80   N  NH1 . ARG A 1 14  ? -4.140  10.189  8.037   1.00 31.94 ? 14   ARG A NH1 1 
ATOM   81   N  NH2 . ARG A 1 14  ? -2.671  8.849   9.207   1.00 33.33 ? 14   ARG A NH2 1 
ATOM   82   N  N   . GLY A 1 15  ? -5.440  8.356   2.128   1.00 17.77 ? 15   GLY A N   1 
ATOM   83   C  CA  . GLY A 1 15  ? -4.424  9.228   1.574   1.00 15.10 ? 15   GLY A CA  1 
ATOM   84   C  C   . GLY A 1 15  ? -4.327  10.483  2.410   1.00 17.64 ? 15   GLY A C   1 
ATOM   85   O  O   . GLY A 1 15  ? -5.313  10.944  3.015   1.00 19.40 ? 15   GLY A O   1 
ATOM   86   N  N   . VAL A 1 16  ? -3.127  11.040  2.455   1.00 16.85 ? 16   VAL A N   1 
ATOM   87   C  CA  . VAL A 1 16  ? -2.850  12.212  3.277   1.00 17.61 ? 16   VAL A CA  1 
ATOM   88   C  C   . VAL A 1 16  ? -2.180  13.286  2.421   1.00 16.63 ? 16   VAL A C   1 
ATOM   89   O  O   . VAL A 1 16  ? -1.135  13.041  1.807   1.00 18.32 ? 16   VAL A O   1 
ATOM   90   C  CB  . VAL A 1 16  ? -1.940  11.855  4.470   1.00 20.98 ? 16   VAL A CB  1 
ATOM   91   C  CG1 . VAL A 1 16  ? -1.735  13.080  5.353   1.00 24.83 ? 16   VAL A CG1 1 
ATOM   92   C  CG2 . VAL A 1 16  ? -2.525  10.692  5.253   1.00 26.53 ? 16   VAL A CG2 1 
ATOM   93   N  N   . ASN A 1 17  ? -2.814  14.456  2.340   1.00 17.19 ? 17   ASN A N   1 
ATOM   94   C  CA  A ASN A 1 17  ? -2.315  15.627  1.602   0.54 18.55 ? 17   ASN A CA  1 
ATOM   95   C  CA  B ASN A 1 17  ? -2.217  15.590  1.635   0.46 18.56 ? 17   ASN A CA  1 
ATOM   96   C  C   . ASN A 1 17  ? -1.952  15.286  0.168   1.00 17.83 ? 17   ASN A C   1 
ATOM   97   O  O   . ASN A 1 17  ? -0.868  15.601  -0.325  1.00 14.55 ? 17   ASN A O   1 
ATOM   98   C  CB  A ASN A 1 17  ? -1.110  16.263  2.292   0.54 19.77 ? 17   ASN A CB  1 
ATOM   99   C  CB  B ASN A 1 17  ? -0.885  16.015  2.264   0.46 20.55 ? 17   ASN A CB  1 
ATOM   100  C  CG  A ASN A 1 17  ? -0.827  17.676  1.786   0.54 22.42 ? 17   ASN A CG  1 
ATOM   101  C  CG  B ASN A 1 17  ? -1.009  16.419  3.720   0.46 21.24 ? 17   ASN A CG  1 
ATOM   102  O  OD1 A ASN A 1 17  ? -1.732  18.382  1.337   0.54 26.07 ? 17   ASN A OD1 1 
ATOM   103  O  OD1 B ASN A 1 17  ? -1.931  17.136  4.106   0.46 23.19 ? 17   ASN A OD1 1 
ATOM   104  N  ND2 A ASN A 1 17  ? 0.436   18.085  1.841   0.54 26.31 ? 17   ASN A ND2 1 
ATOM   105  N  ND2 B ASN A 1 17  ? -0.061  15.972  4.537   0.46 26.16 ? 17   ASN A ND2 1 
ATOM   106  N  N   . LEU A 1 18  ? -2.899  14.666  -0.515  1.00 14.32 ? 18   LEU A N   1 
ATOM   107  C  CA  . LEU A 1 18  ? -2.664  14.366  -1.923  1.00 15.76 ? 18   LEU A CA  1 
ATOM   108  C  C   . LEU A 1 18  ? -2.679  15.611  -2.792  1.00 12.80 ? 18   LEU A C   1 
ATOM   109  O  O   . LEU A 1 18  ? -3.159  16.699  -2.387  1.00 17.09 ? 18   LEU A O   1 
ATOM   110  C  CB  . LEU A 1 18  ? -3.702  13.381  -2.414  1.00 13.46 ? 18   LEU A CB  1 
ATOM   111  C  CG  . LEU A 1 18  ? -3.796  12.095  -1.621  1.00 13.02 ? 18   LEU A CG  1 
ATOM   112  C  CD1 . LEU A 1 18  ? -4.902  11.236  -2.210  1.00 13.55 ? 18   LEU A CD1 1 
ATOM   113  C  CD2 . LEU A 1 18  ? -2.490  11.310  -1.594  1.00 15.98 ? 18   LEU A CD2 1 
ATOM   114  N  N   . ALA A 1 19  ? -2.155  15.465  -4.000  1.00 12.45 ? 19   ALA A N   1 
ATOM   115  C  CA  . ALA A 1 19  ? -2.030  16.613  -4.890  1.00 14.99 ? 19   ALA A CA  1 
ATOM   116  C  C   . ALA A 1 19  ? -3.330  17.019  -5.532  1.00 14.28 ? 19   ALA A C   1 
ATOM   117  O  O   . ALA A 1 19  ? -4.233  16.191  -5.751  1.00 16.45 ? 19   ALA A O   1 
ATOM   118  C  CB  . ALA A 1 19  ? -0.998  16.318  -5.978  1.00 16.34 ? 19   ALA A CB  1 
ATOM   119  N  N   . ILE A 1 20  ? -3.432  18.315  -5.833  1.00 13.39 ? 20   ILE A N   1 
ATOM   120  C  CA  . ILE A 1 20  ? -4.577  18.843  -6.545  1.00 15.24 ? 20   ILE A CA  1 
ATOM   121  C  C   . ILE A 1 20  ? -4.377  18.710  -8.040  1.00 16.24 ? 20   ILE A C   1 
ATOM   122  O  O   . ILE A 1 20  ? -3.354  19.159  -8.578  1.00 17.00 ? 20   ILE A O   1 
ATOM   123  C  CB  . ILE A 1 20  ? -4.807  20.334  -6.199  1.00 13.84 ? 20   ILE A CB  1 
ATOM   124  C  CG1 . ILE A 1 20  ? -5.196  20.449  -4.732  1.00 17.40 ? 20   ILE A CG1 1 
ATOM   125  C  CG2 . ILE A 1 20  ? -5.863  20.942  -7.145  1.00 17.62 ? 20   ILE A CG2 1 
ATOM   126  C  CD1 . ILE A 1 20  ? -6.624  20.093  -4.473  1.00 18.02 ? 20   ILE A CD1 1 
ATOM   127  N  N   . ARG A 1 21  ? -5.332  18.075  -8.713  1.00 14.02 ? 21   ARG A N   1 
ATOM   128  C  CA  . ARG A 1 21  ? -5.282  17.952  -10.169 1.00 15.49 ? 21   ARG A CA  1 
ATOM   129  C  C   . ARG A 1 21  ? -6.507  18.512  -10.904 1.00 18.72 ? 21   ARG A C   1 
ATOM   130  O  O   . ARG A 1 21  ? -6.558  18.497  -12.151 1.00 18.64 ? 21   ARG A O   1 
ATOM   131  C  CB  . ARG A 1 21  ? -5.064  16.473  -10.553 1.00 16.38 ? 21   ARG A CB  1 
ATOM   132  C  CG  . ARG A 1 21  ? -3.676  15.938  -10.200 1.00 17.44 ? 21   ARG A CG  1 
ATOM   133  C  CD  . ARG A 1 21  ? -2.617  16.595  -11.067 1.00 17.32 ? 21   ARG A CD  1 
ATOM   134  N  NE  . ARG A 1 21  ? -1.260  16.149  -10.738 1.00 22.47 ? 21   ARG A NE  1 
ATOM   135  C  CZ  . ARG A 1 21  ? -0.446  16.769  -9.886  1.00 20.34 ? 21   ARG A CZ  1 
ATOM   136  N  NH1 . ARG A 1 21  ? -0.847  17.868  -9.236  1.00 18.38 ? 21   ARG A NH1 1 
ATOM   137  N  NH2 . ARG A 1 21  ? 0.771   16.279  -9.669  1.00 22.76 ? 21   ARG A NH2 1 
ATOM   138  N  N   . ASP A 1 22  ? -7.487  19.024  -10.158 1.00 15.45 ? 22   ASP A N   1 
ATOM   139  C  CA  . ASP A 1 22  ? -8.660  19.635  -10.768 1.00 16.94 ? 22   ASP A CA  1 
ATOM   140  C  C   . ASP A 1 22  ? -8.970  20.982  -10.112 1.00 18.96 ? 22   ASP A C   1 
ATOM   141  O  O   . ASP A 1 22  ? -10.137 21.307  -9.863  1.00 20.42 ? 22   ASP A O   1 
ATOM   142  C  CB  . ASP A 1 22  ? -9.861  18.710  -10.657 1.00 17.06 ? 22   ASP A CB  1 
ATOM   143  C  CG  . ASP A 1 22  ? -10.920 18.993  -11.703 1.00 26.63 ? 22   ASP A CG  1 
ATOM   144  O  OD1 . ASP A 1 22  ? -10.670 19.781  -12.645 1.00 26.53 ? 22   ASP A OD1 1 
ATOM   145  O  OD2 . ASP A 1 22  ? -12.012 18.394  -11.577 1.00 30.55 ? 22   ASP A OD2 1 
ATOM   146  N  N   . ILE A 1 23  ? -7.899  21.715  -9.833  1.00 16.09 ? 23   ILE A N   1 
ATOM   147  C  CA  . ILE A 1 23  ? -7.889  23.100  -9.336  1.00 16.26 ? 23   ILE A CA  1 
ATOM   148  C  C   . ILE A 1 23  ? -8.363  23.214  -7.893  1.00 16.43 ? 23   ILE A C   1 
ATOM   149  O  O   . ILE A 1 23  ? -7.613  23.632  -7.009  1.00 17.61 ? 23   ILE A O   1 
ATOM   150  C  CB  . ILE A 1 23  ? -8.733  24.034  -10.209 1.00 17.45 ? 23   ILE A CB  1 
ATOM   151  C  CG1 . ILE A 1 23  ? -8.238  24.001  -11.654 1.00 21.06 ? 23   ILE A CG1 1 
ATOM   152  C  CG2 . ILE A 1 23  ? -8.634  25.458  -9.684  1.00 16.28 ? 23   ILE A CG2 1 
ATOM   153  C  CD1 . ILE A 1 23  ? -8.887  25.039  -12.571 1.00 24.82 ? 23   ILE A CD1 1 
ATOM   154  N  N   . SER A 1 24  ? -9.602  22.815  -7.658  1.00 15.28 ? 24   SER A N   1 
ATOM   155  C  CA  . SER A 1 24  ? -10.209 22.946  -6.335  1.00 16.31 ? 24   SER A CA  1 
ATOM   156  C  C   . SER A 1 24  ? -10.092 21.665  -5.505  1.00 15.53 ? 24   SER A C   1 
ATOM   157  O  O   . SER A 1 24  ? -10.195 21.677  -4.281  1.00 17.51 ? 24   SER A O   1 
ATOM   158  C  CB  . SER A 1 24  ? -11.678 23.328  -6.493  1.00 16.88 ? 24   SER A CB  1 
ATOM   159  O  OG  . SER A 1 24  ? -12.334 22.405  -7.377  1.00 17.71 ? 24   SER A OG  1 
ATOM   160  N  N   . SER A 1 25  ? -9.856  20.538  -6.187  1.00 13.19 ? 25   SER A N   1 
ATOM   161  C  CA  . SER A 1 25  ? -9.841  19.251  -5.529  1.00 12.43 ? 25   SER A CA  1 
ATOM   162  C  C   . SER A 1 25  ? -9.225  18.238  -6.486  1.00 16.11 ? 25   SER A C   1 
ATOM   163  O  O   . SER A 1 25  ? -8.697  18.620  -7.551  1.00 15.83 ? 25   SER A O   1 
ATOM   164  C  CB  . SER A 1 25  ? -11.248 18.795  -5.116  1.00 15.31 ? 25   SER A CB  1 
ATOM   165  O  OG  . SER A 1 25  ? -12.074 18.565  -6.251  1.00 19.70 ? 25   SER A OG  1 
ATOM   166  N  N   . SER A 1 26  ? -9.312  16.970  -6.089  1.00 14.95 ? 26   SER A N   1 
ATOM   167  C  CA  . SER A 1 26  ? -9.055  15.809  -6.960  1.00 13.45 ? 26   SER A CA  1 
ATOM   168  C  C   . SER A 1 26  ? -10.135 14.792  -6.627  1.00 14.18 ? 26   SER A C   1 
ATOM   169  O  O   . SER A 1 26  ? -10.848 14.951  -5.617  1.00 15.32 ? 26   SER A O   1 
ATOM   170  C  CB  . SER A 1 26  ? -7.678  15.220  -6.713  1.00 13.73 ? 26   SER A CB  1 
ATOM   171  O  OG  . SER A 1 26  ? -6.661  16.172  -7.006  1.00 15.67 ? 26   SER A OG  1 
ATOM   172  N  N   . ASP A 1 27  ? -10.276 13.775  -7.478  1.00 14.21 ? 27   ASP A N   1 
ATOM   173  C  CA  . ASP A 1 27  ? -11.161 12.635  -7.226  1.00 12.86 ? 27   ASP A CA  1 
ATOM   174  C  C   . ASP A 1 27  ? -10.302 11.358  -7.172  1.00 14.58 ? 27   ASP A C   1 
ATOM   175  O  O   . ASP A 1 27  ? -10.286 10.563  -8.117  1.00 13.69 ? 27   ASP A O   1 
ATOM   176  C  CB  . ASP A 1 27  ? -12.220 12.511  -8.333  1.00 18.65 ? 27   ASP A CB  1 
ATOM   177  C  CG  . ASP A 1 27  ? -13.111 13.740  -8.462  1.00 20.29 ? 27   ASP A CG  1 
ATOM   178  O  OD1 . ASP A 1 27  ? -13.372 14.444  -7.450  1.00 19.26 ? 27   ASP A OD1 1 
ATOM   179  O  OD2 . ASP A 1 27  ? -13.583 14.009  -9.596  1.00 22.69 ? 27   ASP A OD2 1 
ATOM   180  N  N   . PRO A 1 28  ? -9.591  11.140  -6.068  1.00 13.59 ? 28   PRO A N   1 
ATOM   181  C  CA  . PRO A 1 28  ? -8.527  10.122  -6.102  1.00 13.48 ? 28   PRO A CA  1 
ATOM   182  C  C   . PRO A 1 28  ? -9.002  8.680   -5.979  1.00 14.01 ? 28   PRO A C   1 
ATOM   183  O  O   . PRO A 1 28  ? -9.913  8.340   -5.215  1.00 14.60 ? 28   PRO A O   1 
ATOM   184  C  CB  . PRO A 1 28  ? -7.657  10.479  -4.901  1.00 15.41 ? 28   PRO A CB  1 
ATOM   185  C  CG  . PRO A 1 28  ? -8.609  11.186  -3.943  1.00 18.39 ? 28   PRO A CG  1 
ATOM   186  C  CD  . PRO A 1 28  ? -9.550  11.953  -4.832  1.00 15.48 ? 28   PRO A CD  1 
ATOM   187  N  N   . TYR A 1 29  ? -8.332  7.832   -6.746  1.00 13.20 ? 29   TYR A N   1 
ATOM   188  C  CA  . TYR A 1 29  ? -8.400  6.394   -6.564  1.00 13.70 ? 29   TYR A CA  1 
ATOM   189  C  C   . TYR A 1 29  ? -7.019  5.813   -6.781  1.00 15.91 ? 29   TYR A C   1 
ATOM   190  O  O   . TYR A 1 29  ? -6.126  6.456   -7.349  1.00 14.11 ? 29   TYR A O   1 
ATOM   191  C  CB  . TYR A 1 29  ? -9.417  5.761   -7.520  1.00 15.04 ? 29   TYR A CB  1 
ATOM   192  C  CG  . TYR A 1 29  ? -9.067  5.829   -8.978  1.00 12.74 ? 29   TYR A CG  1 
ATOM   193  C  CD1 . TYR A 1 29  ? -9.320  6.967   -9.736  1.00 12.56 ? 29   TYR A CD1 1 
ATOM   194  C  CD2 . TYR A 1 29  ? -8.516  4.713   -9.620  1.00 13.39 ? 29   TYR A CD2 1 
ATOM   195  C  CE1 . TYR A 1 29  ? -9.005  7.015   -11.098 1.00 12.78 ? 29   TYR A CE1 1 
ATOM   196  C  CE2 . TYR A 1 29  ? -8.192  4.751   -10.952 1.00 15.03 ? 29   TYR A CE2 1 
ATOM   197  C  CZ  . TYR A 1 29  ? -8.457  5.884   -11.701 1.00 14.34 ? 29   TYR A CZ  1 
ATOM   198  O  OH  . TYR A 1 29  ? -8.137  5.914   -13.033 1.00 14.93 ? 29   TYR A OH  1 
ATOM   199  N  N   . ILE A 1 30  ? -6.854  4.571   -6.350  1.00 14.47 ? 30   ILE A N   1 
ATOM   200  C  CA  . ILE A 1 30  ? -5.558  3.909   -6.435  1.00 12.68 ? 30   ILE A CA  1 
ATOM   201  C  C   . ILE A 1 30  ? -5.632  2.727   -7.370  1.00 15.62 ? 30   ILE A C   1 
ATOM   202  O  O   . ILE A 1 30  ? -6.636  2.019   -7.380  1.00 16.73 ? 30   ILE A O   1 
ATOM   203  C  CB  . ILE A 1 30  ? -5.109  3.465   -5.030  1.00 14.87 ? 30   ILE A CB  1 
ATOM   204  C  CG1 . ILE A 1 30  ? -4.394  4.612   -4.307  1.00 18.88 ? 30   ILE A CG1 1 
ATOM   205  C  CG2 . ILE A 1 30  ? -4.210  2.246   -5.052  1.00 18.96 ? 30   ILE A CG2 1 
ATOM   206  C  CD1 . ILE A 1 30  ? -4.099  4.284   -2.851  1.00 21.90 ? 30   ILE A CD1 1 
ATOM   207  N  N   . VAL A 1 31  ? -4.582  2.548   -8.167  1.00 14.71 ? 31   VAL A N   1 
ATOM   208  C  CA  . VAL A 1 31  ? -4.413  1.312   -8.947  1.00 18.12 ? 31   VAL A CA  1 
ATOM   209  C  C   . VAL A 1 31  ? -3.196  0.583   -8.398  1.00 19.23 ? 31   VAL A C   1 
ATOM   210  O  O   . VAL A 1 31  ? -2.118  1.157   -8.305  1.00 17.95 ? 31   VAL A O   1 
ATOM   211  C  CB  . VAL A 1 31  ? -4.223  1.595   -10.423 1.00 17.39 ? 31   VAL A CB  1 
ATOM   212  C  CG1 . VAL A 1 31  ? -3.899  0.285   -11.187 1.00 21.53 ? 31   VAL A CG1 1 
ATOM   213  C  CG2 . VAL A 1 31  ? -5.484  2.266   -11.003 1.00 17.87 ? 31   VAL A CG2 1 
ATOM   214  N  N   . VAL A 1 32  ? -3.359  -0.694  -8.058  1.00 19.92 ? 32   VAL A N   1 
ATOM   215  C  CA  . VAL A 1 32  ? -2.218  -1.500  -7.657  1.00 20.93 ? 32   VAL A CA  1 
ATOM   216  C  C   . VAL A 1 32  ? -1.936  -2.432  -8.803  1.00 25.45 ? 32   VAL A C   1 
ATOM   217  O  O   . VAL A 1 32  ? -2.856  -3.008  -9.373  1.00 22.83 ? 32   VAL A O   1 
ATOM   218  C  CB  . VAL A 1 32  ? -2.478  -2.282  -6.363  1.00 23.31 ? 32   VAL A CB  1 
ATOM   219  C  CG1 . VAL A 1 32  ? -1.384  -3.298  -6.117  1.00 25.75 ? 32   VAL A CG1 1 
ATOM   220  C  CG2 . VAL A 1 32  ? -2.574  -1.319  -5.178  1.00 25.09 ? 32   VAL A CG2 1 
ATOM   221  N  N   . HIS A 1 33  ? -0.689  -2.545  -9.207  1.00 27.25 ? 33   HIS A N   1 
ATOM   222  C  CA  . HIS A 1 33  ? -0.454  -3.556  -10.200 1.00 34.48 ? 33   HIS A CA  1 
ATOM   223  C  C   . HIS A 1 33  ? 0.850   -4.281  -9.979  1.00 36.74 ? 33   HIS A C   1 
ATOM   224  O  O   . HIS A 1 33  ? 1.886   -3.723  -9.621  1.00 29.98 ? 33   HIS A O   1 
ATOM   225  C  CB  . HIS A 1 33  ? -0.603  -2.961  -11.613 1.00 42.30 ? 33   HIS A CB  1 
ATOM   226  C  CG  . HIS A 1 33  ? 0.614   -2.308  -12.181 1.00 46.06 ? 33   HIS A CG  1 
ATOM   227  N  ND1 . HIS A 1 33  ? 1.040   -1.056  -11.791 1.00 55.69 ? 33   HIS A ND1 1 
ATOM   228  C  CD2 . HIS A 1 33  ? 1.431   -2.685  -13.195 1.00 55.56 ? 33   HIS A CD2 1 
ATOM   229  C  CE1 . HIS A 1 33  ? 2.101   -0.716  -12.499 1.00 61.13 ? 33   HIS A CE1 1 
ATOM   230  N  NE2 . HIS A 1 33  ? 2.358   -1.687  -13.359 1.00 65.16 ? 33   HIS A NE2 1 
ATOM   231  N  N   . CYS A 1 34  ? 0.735   -5.586  -10.115 1.00 37.16 ? 34   CYS A N   1 
ATOM   232  C  CA  . CYS A 1 34  ? 1.817   -6.492  -9.833  1.00 41.52 ? 34   CYS A CA  1 
ATOM   233  C  C   . CYS A 1 34  ? 1.928   -7.345  -11.082 1.00 46.18 ? 34   CYS A C   1 
ATOM   234  O  O   . CYS A 1 34  ? 0.975   -8.055  -11.417 1.00 46.32 ? 34   CYS A O   1 
ATOM   235  C  CB  . CYS A 1 34  ? 1.487   -7.285  -8.581  1.00 44.06 ? 34   CYS A CB  1 
ATOM   236  S  SG  . CYS A 1 34  ? 2.814   -8.273  -7.942  1.00 51.91 ? 34   CYS A SG  1 
ATOM   237  N  N   . GLY A 1 35  ? 3.038   -7.225  -11.808 1.00 49.32 ? 35   GLY A N   1 
ATOM   238  C  CA  . GLY A 1 35  ? 3.108   -7.784  -13.146 1.00 54.54 ? 35   GLY A CA  1 
ATOM   239  C  C   . GLY A 1 35  ? 1.931   -7.364  -14.008 1.00 53.45 ? 35   GLY A C   1 
ATOM   240  O  O   . GLY A 1 35  ? 1.919   -6.305  -14.648 1.00 57.84 ? 35   GLY A O   1 
ATOM   241  N  N   . LYS A 1 36  ? 0.900   -8.194  -13.964 1.00 53.97 ? 36   LYS A N   1 
ATOM   242  C  CA  . LYS A 1 36  ? -0.193  -8.120  -14.916 1.00 49.48 ? 36   LYS A CA  1 
ATOM   243  C  C   . LYS A 1 36  ? -1.554  -8.056  -14.230 1.00 43.75 ? 36   LYS A C   1 
ATOM   244  O  O   . LYS A 1 36  ? -2.576  -7.829  -14.876 1.00 45.72 ? 36   LYS A O   1 
ATOM   245  C  CB  . LYS A 1 36  ? -0.129  -9.321  -15.853 1.00 56.68 ? 36   LYS A CB  1 
ATOM   246  C  CG  . LYS A 1 36  ? 0.624   -9.062  -17.149 1.00 62.23 ? 36   LYS A CG  1 
ATOM   247  C  CD  . LYS A 1 36  ? -0.194  -9.585  -18.320 1.00 60.19 ? 36   LYS A CD  1 
ATOM   248  C  CE  . LYS A 1 36  ? 0.394   -9.190  -19.665 1.00 61.46 ? 36   LYS A CE  1 
ATOM   249  N  NZ  . LYS A 1 36  ? 1.680   -9.883  -19.940 1.00 55.85 ? 36   LYS A NZ  1 
ATOM   250  N  N   . GLN A 1 37  ? -1.567  -8.281  -12.923 1.00 44.35 ? 37   GLN A N   1 
ATOM   251  C  CA  . GLN A 1 37  ? -2.739  -7.952  -12.138 1.00 41.61 ? 37   GLN A CA  1 
ATOM   252  C  C   . GLN A 1 37  ? -2.845  -6.435  -12.105 1.00 35.35 ? 37   GLN A C   1 
ATOM   253  O  O   . GLN A 1 37  ? -1.834  -5.750  -11.975 1.00 34.82 ? 37   GLN A O   1 
ATOM   254  C  CB  . GLN A 1 37  ? -2.647  -8.521  -10.723 1.00 45.65 ? 37   GLN A CB  1 
ATOM   255  C  CG  . GLN A 1 37  ? -2.924  -10.010 -10.625 1.00 48.20 ? 37   GLN A CG  1 
ATOM   256  C  CD  . GLN A 1 37  ? -3.227  -10.448 -9.204  1.00 50.87 ? 37   GLN A CD  1 
ATOM   257  O  OE1 . GLN A 1 37  ? -2.367  -10.983 -8.512  1.00 54.46 ? 37   GLN A OE1 1 
ATOM   258  N  NE2 . GLN A 1 37  ? -4.457  -10.219 -8.763  1.00 51.45 ? 37   GLN A NE2 1 
ATOM   259  N  N   . LYS A 1 38  ? -4.051  -5.919  -12.283 1.00 31.60 ? 38   LYS A N   1 
ATOM   260  C  CA  . LYS A 1 38  ? -4.338  -4.510  -11.994 1.00 30.05 ? 38   LYS A CA  1 
ATOM   261  C  C   . LYS A 1 38  ? -5.631  -4.442  -11.217 1.00 31.63 ? 38   LYS A C   1 
ATOM   262  O  O   . LYS A 1 38  ? -6.661  -4.915  -11.681 1.00 36.74 ? 38   LYS A O   1 
ATOM   263  C  CB  . LYS A 1 38  ? -4.443  -3.660  -13.262 1.00 34.04 ? 38   LYS A CB  1 
ATOM   264  C  CG  . LYS A 1 38  ? -3.118  -3.199  -13.850 1.00 35.64 ? 38   LYS A CG  1 
ATOM   265  C  CD  . LYS A 1 38  ? -3.291  -1.907  -14.654 1.00 31.59 ? 38   LYS A CD  1 
ATOM   266  C  CE  . LYS A 1 38  ? -1.961  -1.220  -14.932 1.00 38.76 ? 38   LYS A CE  1 
ATOM   267  N  NZ  . LYS A 1 38  ? -2.125  -0.049  -15.837 1.00 38.26 ? 38   LYS A NZ  1 
ATOM   268  N  N   . LEU A 1 39  ? -5.572  -3.888  -10.015 1.00 24.48 ? 39   LEU A N   1 
ATOM   269  C  CA  . LEU A 1 39  ? -6.748  -3.781  -9.177  1.00 24.71 ? 39   LEU A CA  1 
ATOM   270  C  C   . LEU A 1 39  ? -6.908  -2.321  -8.805  1.00 26.57 ? 39   LEU A C   1 
ATOM   271  O  O   . LEU A 1 39  ? -5.912  -1.608  -8.682  1.00 23.57 ? 39   LEU A O   1 
ATOM   272  C  CB  . LEU A 1 39  ? -6.622  -4.638  -7.925  1.00 29.51 ? 39   LEU A CB  1 
ATOM   273  C  CG  . LEU A 1 39  ? -6.520  -6.161  -8.128  1.00 33.58 ? 39   LEU A CG  1 
ATOM   274  C  CD1 . LEU A 1 39  ? -5.126  -6.557  -8.551  1.00 41.81 ? 39   LEU A CD1 1 
ATOM   275  C  CD2 . LEU A 1 39  ? -6.914  -6.868  -6.853  1.00 38.46 ? 39   LEU A CD2 1 
ATOM   276  N  N   . LYS A 1 40  ? -8.144  -1.879  -8.642  1.00 23.18 ? 40   LYS A N   1 
ATOM   277  C  CA  . LYS A 1 40  ? -8.394  -0.472  -8.316  1.00 19.52 ? 40   LYS A CA  1 
ATOM   278  C  C   . LYS A 1 40  ? -9.298  -0.313  -7.103  1.00 25.42 ? 40   LYS A C   1 
ATOM   279  O  O   . LYS A 1 40  ? -10.189 -1.138  -6.850  1.00 23.09 ? 40   LYS A O   1 
ATOM   280  C  CB  . LYS A 1 40  ? -9.005  0.260   -9.516  1.00 22.57 ? 40   LYS A CB  1 
ATOM   281  C  CG  . LYS A 1 40  ? -10.354 -0.261  -9.922  1.00 23.58 ? 40   LYS A CG  1 
ATOM   282  C  CD  . LYS A 1 40  ? -11.044 0.662   -10.908 1.00 30.76 ? 40   LYS A CD  1 
ATOM   283  C  CE  . LYS A 1 40  ? -12.372 0.051   -11.340 1.00 30.24 ? 40   LYS A CE  1 
ATOM   284  N  NZ  . LYS A 1 40  ? -13.172 0.970   -12.173 1.00 34.87 ? 40   LYS A NZ  1 
ATOM   285  N  N   . THR A 1 41  ? -9.067  0.749   -6.341  1.00 18.29 ? 41   THR A N   1 
ATOM   286  C  CA  . THR A 1 41  ? -9.993  1.152   -5.286  1.00 18.79 ? 41   THR A CA  1 
ATOM   287  C  C   . THR A 1 41  ? -11.183 1.939   -5.819  1.00 18.31 ? 41   THR A C   1 
ATOM   288  O  O   . THR A 1 41  ? -11.200 2.371   -6.980  1.00 19.41 ? 41   THR A O   1 
ATOM   289  C  CB  . THR A 1 41  ? -9.312  2.059   -4.231  1.00 18.76 ? 41   THR A CB  1 
ATOM   290  O  OG1 . THR A 1 41  ? -9.014  3.328   -4.836  1.00 17.79 ? 41   THR A OG1 1 
ATOM   291  C  CG2 . THR A 1 41  ? -8.038  1.403   -3.693  1.00 21.09 ? 41   THR A CG2 1 
ATOM   292  N  N   . ARG A 1 42  ? -12.142 2.189   -4.933  1.00 18.33 ? 42   ARG A N   1 
ATOM   293  C  CA  . ARG A 1 42  ? -13.210 3.136   -5.221  1.00 16.83 ? 42   ARG A CA  1 
ATOM   294  C  C   . ARG A 1 42  ? -12.655 4.555   -5.333  1.00 16.43 ? 42   ARG A C   1 
ATOM   295  O  O   . ARG A 1 42  ? -11.532 4.851   -4.887  1.00 17.55 ? 42   ARG A O   1 
ATOM   296  C  CB  . ARG A 1 42  ? -14.285 3.076   -4.132  1.00 19.81 ? 42   ARG A CB  1 
ATOM   297  C  CG  . ARG A 1 42  ? -13.831 3.562   -2.774  1.00 21.55 ? 42   ARG A CG  1 
ATOM   298  C  CD  . ARG A 1 42  ? -14.893 3.246   -1.721  1.00 20.85 ? 42   ARG A CD  1 
ATOM   299  N  NE  . ARG A 1 42  ? -14.572 3.885   -0.453  1.00 21.07 ? 42   ARG A NE  1 
ATOM   300  C  CZ  . ARG A 1 42  ? -14.875 5.144   -0.159  1.00 16.90 ? 42   ARG A CZ  1 
ATOM   301  N  NH1 . ARG A 1 42  ? -15.514 5.906   -1.040  1.00 19.03 ? 42   ARG A NH1 1 
ATOM   302  N  NH2 . ARG A 1 42  ? -14.529 5.654   1.021   1.00 21.33 ? 42   ARG A NH2 1 
ATOM   303  N  N   . VAL A 1 43  ? -13.435 5.415   -5.964  1.00 16.90 ? 43   VAL A N   1 
ATOM   304  C  CA  . VAL A 1 43  ? -13.085 6.817   -6.110  1.00 16.05 ? 43   VAL A CA  1 
ATOM   305  C  C   . VAL A 1 43  ? -13.688 7.575   -4.930  1.00 18.57 ? 43   VAL A C   1 
ATOM   306  O  O   . VAL A 1 43  ? -14.863 7.375   -4.578  1.00 19.15 ? 43   VAL A O   1 
ATOM   307  C  CB  . VAL A 1 43  ? -13.624 7.404   -7.438  1.00 16.15 ? 43   VAL A CB  1 
ATOM   308  C  CG1 . VAL A 1 43  ? -13.439 8.908   -7.494  1.00 17.32 ? 43   VAL A CG1 1 
ATOM   309  C  CG2 . VAL A 1 43  ? -12.967 6.731   -8.632  1.00 18.78 ? 43   VAL A CG2 1 
ATOM   310  N  N   . VAL A 1 44  ? -12.897 8.448   -4.322  1.00 16.20 ? 44   VAL A N   1 
ATOM   311  C  CA  . VAL A 1 44  ? -13.424 9.383   -3.345  1.00 15.62 ? 44   VAL A CA  1 
ATOM   312  C  C   . VAL A 1 44  ? -13.509 10.746  -4.018  1.00 19.72 ? 44   VAL A C   1 
ATOM   313  O  O   . VAL A 1 44  ? -12.504 11.284  -4.471  1.00 20.12 ? 44   VAL A O   1 
ATOM   314  C  CB  . VAL A 1 44  ? -12.548 9.445   -2.072  1.00 16.50 ? 44   VAL A CB  1 
ATOM   315  C  CG1 . VAL A 1 44  ? -13.032 10.552  -1.156  1.00 17.96 ? 44   VAL A CG1 1 
ATOM   316  C  CG2 . VAL A 1 44  ? -12.564 8.124   -1.339  1.00 18.29 ? 44   VAL A CG2 1 
ATOM   317  N  N   . LYS A 1 45  ? -14.709 11.312  -4.106  1.00 17.77 ? 45   LYS A N   1 
ATOM   318  C  CA  . LYS A 1 45  ? -14.883 12.553  -4.855  1.00 17.44 ? 45   LYS A CA  1 
ATOM   319  C  C   . LYS A 1 45  ? -14.465 13.770  -4.034  1.00 18.35 ? 45   LYS A C   1 
ATOM   320  O  O   . LYS A 1 45  ? -14.714 13.827  -2.824  1.00 17.72 ? 45   LYS A O   1 
ATOM   321  C  CB  . LYS A 1 45  ? -16.342 12.720  -5.305  1.00 19.75 ? 45   LYS A CB  1 
ATOM   322  C  CG  . LYS A 1 45  ? -16.859 11.562  -6.147  1.00 31.72 ? 45   LYS A CG  1 
ATOM   323  C  CD  . LYS A 1 45  ? -16.734 11.822  -7.639  1.00 38.63 ? 45   LYS A CD  1 
ATOM   324  C  CE  . LYS A 1 45  ? -17.244 10.615  -8.435  1.00 41.65 ? 45   LYS A CE  1 
ATOM   325  N  NZ  . LYS A 1 45  ? -17.733 10.993  -9.791  1.00 54.00 ? 45   LYS A NZ  1 
ATOM   326  N  N   . HIS A 1 46  ? -13.821 14.720  -4.711  1.00 16.69 ? 46   HIS A N   1 
ATOM   327  C  CA  . HIS A 1 46  ? -13.503 16.040  -4.150  1.00 17.57 ? 46   HIS A CA  1 
ATOM   328  C  C   . HIS A 1 46  ? -12.779 15.962  -2.810  1.00 19.22 ? 46   HIS A C   1 
ATOM   329  O  O   . HIS A 1 46  ? -13.255 16.509  -1.797  1.00 17.00 ? 46   HIS A O   1 
ATOM   330  C  CB  . HIS A 1 46  ? -14.785 16.869  -4.002  1.00 18.79 ? 46   HIS A CB  1 
ATOM   331  C  CG  . HIS A 1 46  ? -15.474 17.161  -5.300  1.00 21.54 ? 46   HIS A CG  1 
ATOM   332  N  ND1 . HIS A 1 46  ? -16.649 17.882  -5.370  1.00 34.11 ? 46   HIS A ND1 1 
ATOM   333  C  CD2 . HIS A 1 46  ? -15.156 16.838  -6.576  1.00 28.89 ? 46   HIS A CD2 1 
ATOM   334  C  CE1 . HIS A 1 46  ? -17.025 17.986  -6.632  1.00 36.67 ? 46   HIS A CE1 1 
ATOM   335  N  NE2 . HIS A 1 46  ? -16.137 17.362  -7.384  1.00 33.97 ? 46   HIS A NE2 1 
ATOM   336  N  N   . SER A 1 47  ? -11.606 15.313  -2.801  1.00 13.87 ? 47   SER A N   1 
ATOM   337  C  CA  . SER A 1 47  ? -10.871 15.053  -1.562  1.00 14.33 ? 47   SER A CA  1 
ATOM   338  C  C   . SER A 1 47  ? -9.385  14.958  -1.826  1.00 16.52 ? 47   SER A C   1 
ATOM   339  O  O   . SER A 1 47  ? -8.974  14.357  -2.827  1.00 17.98 ? 47   SER A O   1 
ATOM   340  C  CB  . SER A 1 47  ? -11.340 13.746  -0.910  1.00 17.40 ? 47   SER A CB  1 
ATOM   341  O  OG  . SER A 1 47  ? -10.619 13.469  0.282   1.00 20.53 ? 47   SER A OG  1 
ATOM   342  N  N   . VAL A 1 48  ? -8.568  15.545  -0.958  1.00 16.06 ? 48   VAL A N   1 
ATOM   343  C  CA  . VAL A 1 48  ? -7.137  15.254  -0.990  1.00 13.66 ? 48   VAL A CA  1 
ATOM   344  C  C   . VAL A 1 48  ? -6.705  14.560  0.282   1.00 16.72 ? 48   VAL A C   1 
ATOM   345  O  O   . VAL A 1 48  ? -5.516  14.352  0.490   1.00 17.32 ? 48   VAL A O   1 
ATOM   346  C  CB  . VAL A 1 48  ? -6.261  16.500  -1.184  1.00 16.68 ? 48   VAL A CB  1 
ATOM   347  C  CG1 . VAL A 1 48  ? -6.539  17.129  -2.525  1.00 21.19 ? 48   VAL A CG1 1 
ATOM   348  C  CG2 . VAL A 1 48  ? -6.471  17.508  -0.050  1.00 16.46 ? 48   VAL A CG2 1 
ATOM   349  N  N   . ASN A 1 49  ? -7.663  14.193  1.129   1.00 14.27 ? 49   ASN A N   1 
ATOM   350  C  CA  . ASN A 1 49  ? -7.369  13.308  2.262   1.00 16.31 ? 49   ASN A CA  1 
ATOM   351  C  C   . ASN A 1 49  ? -8.365  12.172  2.327   1.00 20.81 ? 49   ASN A C   1 
ATOM   352  O  O   . ASN A 1 49  ? -9.065  12.006  3.330   1.00 20.72 ? 49   ASN A O   1 
ATOM   353  C  CB  . ASN A 1 49  ? -7.383  14.086  3.591   1.00 17.39 ? 49   ASN A CB  1 
ATOM   354  C  CG  . ASN A 1 49  ? -6.325  15.171  3.657   1.00 17.58 ? 49   ASN A CG  1 
ATOM   355  O  OD1 . ASN A 1 49  ? -5.164  14.914  3.923   1.00 23.31 ? 49   ASN A OD1 1 
ATOM   356  N  ND2 . ASN A 1 49  ? -6.748  16.399  3.422   1.00 19.44 ? 49   ASN A ND2 1 
ATOM   357  N  N   . PRO A 1 50  ? -8.441  11.374  1.258   1.00 15.98 ? 50   PRO A N   1 
ATOM   358  C  CA  . PRO A 1 50  ? -9.505  10.382  1.138   1.00 15.40 ? 50   PRO A CA  1 
ATOM   359  C  C   . PRO A 1 50  ? -9.366  9.239   2.110   1.00 18.57 ? 50   PRO A C   1 
ATOM   360  O  O   . PRO A 1 50  ? -8.274  8.713   2.320   1.00 21.39 ? 50   PRO A O   1 
ATOM   361  C  CB  . PRO A 1 50  ? -9.347  9.875   -0.299  1.00 17.79 ? 50   PRO A CB  1 
ATOM   362  C  CG  . PRO A 1 50  ? -7.874  10.049  -0.554  1.00 16.40 ? 50   PRO A CG  1 
ATOM   363  C  CD  . PRO A 1 50  ? -7.543  11.337  0.089   1.00 17.03 ? 50   PRO A CD  1 
ATOM   364  N  N   . GLU A 1 51  ? -10.493 8.843   2.692   1.00 17.82 ? 51   GLU A N   1 
ATOM   365  C  CA  . GLU A 1 51  ? -10.500 7.692   3.581   1.00 21.14 ? 51   GLU A CA  1 
ATOM   366  C  C   . GLU A 1 51  ? -11.075 6.520   2.820   1.00 23.04 ? 51   GLU A C   1 
ATOM   367  O  O   . GLU A 1 51  ? -12.265 6.200   2.943   1.00 26.63 ? 51   GLU A O   1 
ATOM   368  C  CB  . GLU A 1 51  ? -11.316 7.975   4.833   1.00 27.84 ? 51   GLU A CB  1 
ATOM   369  C  CG  . GLU A 1 51  ? -10.931 9.265   5.548   1.00 33.50 ? 51   GLU A CG  1 
ATOM   370  C  CD  . GLU A 1 51  ? -10.111 9.022   6.800   1.00 46.83 ? 51   GLU A CD  1 
ATOM   371  O  OE1 . GLU A 1 51  ? -9.149  8.228   6.740   1.00 43.72 ? 51   GLU A OE1 1 
ATOM   372  O  OE2 . GLU A 1 51  ? -10.429 9.629   7.846   1.00 64.07 ? 51   GLU A OE2 1 
ATOM   373  N  N   . TRP A 1 52  ? -10.243 5.897   2.006   1.00 17.91 ? 52   TRP A N   1 
ATOM   374  C  CA  . TRP A 1 52  ? -10.727 4.871   1.115   1.00 20.68 ? 52   TRP A CA  1 
ATOM   375  C  C   . TRP A 1 52  ? -11.307 3.703   1.898   1.00 22.14 ? 52   TRP A C   1 
ATOM   376  O  O   . TRP A 1 52  ? -12.395 3.226   1.586   1.00 20.64 ? 52   TRP A O   1 
ATOM   377  C  CB  . TRP A 1 52  ? -9.614  4.377   0.209   1.00 23.57 ? 52   TRP A CB  1 
ATOM   378  C  CG  . TRP A 1 52  ? -9.252  5.274   -0.931  1.00 17.07 ? 52   TRP A CG  1 
ATOM   379  C  CD1 . TRP A 1 52  ? -10.030 5.599   -2.011  1.00 16.33 ? 52   TRP A CD1 1 
ATOM   380  C  CD2 . TRP A 1 52  ? -7.985  5.894   -1.151  1.00 16.31 ? 52   TRP A CD2 1 
ATOM   381  N  NE1 . TRP A 1 52  ? -9.326  6.401   -2.880  1.00 17.44 ? 52   TRP A NE1 1 
ATOM   382  C  CE2 . TRP A 1 52  ? -8.076  6.612   -2.364  1.00 16.81 ? 52   TRP A CE2 1 
ATOM   383  C  CE3 . TRP A 1 52  ? -6.793  5.944   -0.419  1.00 16.62 ? 52   TRP A CE3 1 
ATOM   384  C  CZ2 . TRP A 1 52  ? -7.002  7.347   -2.881  1.00 17.01 ? 52   TRP A CZ2 1 
ATOM   385  C  CZ3 . TRP A 1 52  ? -5.728  6.684   -0.932  1.00 18.62 ? 52   TRP A CZ3 1 
ATOM   386  C  CH2 . TRP A 1 52  ? -5.844  7.366   -2.152  1.00 17.77 ? 52   TRP A CH2 1 
ATOM   387  N  N   . ASN A 1 53  ? -10.567 3.254   2.910   1.00 23.27 ? 53   ASN A N   1 
ATOM   388  C  CA  . ASN A 1 53  ? -10.956 2.084   3.681   1.00 24.22 ? 53   ASN A CA  1 
ATOM   389  C  C   . ASN A 1 53  ? -11.408 0.938   2.793   1.00 28.33 ? 53   ASN A C   1 
ATOM   390  O  O   . ASN A 1 53  ? -12.477 0.363   2.992   1.00 25.53 ? 53   ASN A O   1 
ATOM   391  C  CB  . ASN A 1 53  ? -12.050 2.469   4.665   1.00 22.70 ? 53   ASN A CB  1 
ATOM   392  C  CG  . ASN A 1 53  ? -11.529 3.333   5.791   1.00 32.15 ? 53   ASN A CG  1 
ATOM   393  O  OD1 . ASN A 1 53  ? -10.409 3.133   6.270   1.00 36.28 ? 53   ASN A OD1 1 
ATOM   394  N  ND2 . ASN A 1 53  ? -12.328 4.311   6.213   1.00 40.59 ? 53   ASN A ND2 1 
ATOM   395  N  N   . ASP A 1 54  ? -10.575 0.619   1.811   1.00 23.04 ? 54   ASP A N   1 
ATOM   396  C  CA  . ASP A 1 54  ? -10.930 -0.291  0.737   1.00 23.80 ? 54   ASP A CA  1 
ATOM   397  C  C   . ASP A 1 54  ? -9.933  -1.431  0.652   1.00 31.28 ? 54   ASP A C   1 
ATOM   398  O  O   . ASP A 1 54  ? -8.725  -1.208  0.756   1.00 30.92 ? 54   ASP A O   1 
ATOM   399  C  CB  . ASP A 1 54  ? -10.981 0.470   -0.589  1.00 24.72 ? 54   ASP A CB  1 
ATOM   400  C  CG  . ASP A 1 54  ? -11.879 -0.192  -1.613  1.00 32.28 ? 54   ASP A CG  1 
ATOM   401  O  OD1 . ASP A 1 54  ? -12.379 -1.311  -1.349  1.00 33.26 ? 54   ASP A OD1 1 
ATOM   402  O  OD2 . ASP A 1 54  ? -12.083 0.418   -2.688  1.00 26.72 ? 54   ASP A OD2 1 
ATOM   403  N  N   . ASP A 1 55  ? -10.419 -2.655  0.470   1.00 31.56 ? 55   ASP A N   1 
ATOM   404  C  CA  . ASP A 1 55  ? -9.519  -3.800  0.430   1.00 34.14 ? 55   ASP A CA  1 
ATOM   405  C  C   . ASP A 1 55  ? -9.279  -4.313  -0.982  1.00 28.44 ? 55   ASP A C   1 
ATOM   406  O  O   . ASP A 1 55  ? -10.209 -4.463  -1.776  1.00 34.73 ? 55   ASP A O   1 
ATOM   407  C  CB  . ASP A 1 55  ? -10.054 -4.931  1.305   1.00 38.96 ? 55   ASP A CB  1 
ATOM   408  C  CG  . ASP A 1 55  ? -10.218 -4.515  2.749   1.00 45.73 ? 55   ASP A CG  1 
ATOM   409  O  OD1 . ASP A 1 55  ? -9.193  -4.240  3.408   1.00 47.09 ? 55   ASP A OD1 1 
ATOM   410  O  OD2 . ASP A 1 55  ? -11.371 -4.465  3.227   1.00 51.02 ? 55   ASP A OD2 1 
ATOM   411  N  N   . LEU A 1 56  ? -8.014  -4.570  -1.287  1.00 29.28 ? 56   LEU A N   1 
ATOM   412  C  CA  . LEU A 1 56  ? -7.630  -5.181  -2.543  1.00 27.89 ? 56   LEU A CA  1 
ATOM   413  C  C   . LEU A 1 56  ? -7.011  -6.522  -2.212  1.00 39.28 ? 56   LEU A C   1 
ATOM   414  O  O   . LEU A 1 56  ? -6.378  -6.673  -1.170  1.00 37.77 ? 56   LEU A O   1 
ATOM   415  C  CB  . LEU A 1 56  ? -6.654  -4.293  -3.316  1.00 27.85 ? 56   LEU A CB  1 
ATOM   416  C  CG  . LEU A 1 56  ? -7.178  -2.877  -3.555  1.00 31.42 ? 56   LEU A CG  1 
ATOM   417  C  CD1 . LEU A 1 56  ? -6.120  -2.023  -4.226  1.00 31.95 ? 56   LEU A CD1 1 
ATOM   418  C  CD2 . LEU A 1 56  ? -8.453  -2.907  -4.386  1.00 29.03 ? 56   LEU A CD2 1 
ATOM   419  N  N   . THR A 1 57  ? -7.212  -7.502  -3.082  1.00 34.07 ? 57   THR A N   1 
ATOM   420  C  CA  . THR A 1 57  ? -6.655  -8.822  -2.851  1.00 39.62 ? 57   THR A CA  1 
ATOM   421  C  C   . THR A 1 57  ? -5.824  -9.240  -4.056  1.00 36.01 ? 57   THR A C   1 
ATOM   422  O  O   . THR A 1 57  ? -6.348  -9.430  -5.149  1.00 41.24 ? 57   THR A O   1 
ATOM   423  C  CB  . THR A 1 57  ? -7.756  -9.862  -2.576  1.00 39.07 ? 57   THR A CB  1 
ATOM   424  O  OG1 . THR A 1 57  ? -8.427  -9.539  -1.352  1.00 43.23 ? 57   THR A OG1 1 
ATOM   425  C  CG2 . THR A 1 57  ? -7.144  -11.245 -2.450  1.00 45.41 ? 57   THR A CG2 1 
ATOM   426  N  N   . LEU A 1 58  ? -4.522  -9.382  -3.846  1.00 42.21 ? 58   LEU A N   1 
ATOM   427  C  CA  . LEU A 1 58  ? -3.605  -9.694  -4.926  1.00 42.13 ? 58   LEU A CA  1 
ATOM   428  C  C   . LEU A 1 58  ? -3.144  -11.148 -4.850  1.00 45.87 ? 58   LEU A C   1 
ATOM   429  O  O   . LEU A 1 58  ? -2.898  -11.670 -3.761  1.00 47.94 ? 58   LEU A O   1 
ATOM   430  C  CB  . LEU A 1 58  ? -2.404  -8.752  -4.871  1.00 44.92 ? 58   LEU A CB  1 
ATOM   431  C  CG  . LEU A 1 58  ? -1.499  -8.588  -6.090  1.00 49.38 ? 58   LEU A CG  1 
ATOM   432  C  CD1 . LEU A 1 58  ? -2.192  -7.817  -7.195  1.00 48.05 ? 58   LEU A CD1 1 
ATOM   433  C  CD2 . LEU A 1 58  ? -0.243  -7.870  -5.647  1.00 50.71 ? 58   LEU A CD2 1 
ATOM   434  N  N   . SER A 1 59  ? -3.035  -11.795 -6.006  1.00 47.23 ? 59   SER A N   1 
ATOM   435  C  CA  . SER A 1 59  ? -2.499  -13.149 -6.069  1.00 50.04 ? 59   SER A CA  1 
ATOM   436  C  C   . SER A 1 59  ? -1.011  -13.088 -6.363  1.00 49.98 ? 59   SER A C   1 
ATOM   437  O  O   . SER A 1 59  ? -0.600  -12.686 -7.448  1.00 52.13 ? 59   SER A O   1 
ATOM   438  C  CB  . SER A 1 59  ? -3.220  -13.978 -7.134  1.00 51.20 ? 59   SER A CB  1 
ATOM   439  O  OG  . SER A 1 59  ? -4.598  -14.108 -6.824  1.00 54.72 ? 59   SER A OG  1 
ATOM   440  N  N   . VAL A 1 60  ? -0.200  -13.474 -5.390  1.00 50.76 ? 60   VAL A N   1 
ATOM   441  C  CA  . VAL A 1 60  ? 1.238   -13.449 -5.583  1.00 54.03 ? 60   VAL A CA  1 
ATOM   442  C  C   . VAL A 1 60  ? 1.704   -14.772 -6.174  1.00 59.87 ? 60   VAL A C   1 
ATOM   443  O  O   . VAL A 1 60  ? 1.279   -15.834 -5.734  1.00 56.70 ? 60   VAL A O   1 
ATOM   444  C  CB  . VAL A 1 60  ? 1.966   -13.168 -4.261  1.00 55.52 ? 60   VAL A CB  1 
ATOM   445  C  CG1 . VAL A 1 60  ? 3.476   -13.135 -4.467  1.00 57.40 ? 60   VAL A CG1 1 
ATOM   446  C  CG2 . VAL A 1 60  ? 1.468   -11.853 -3.676  1.00 57.03 ? 60   VAL A CG2 1 
ATOM   447  N  N   . THR A 1 61  ? 2.538   -14.705 -7.203  1.00 58.55 ? 61   THR A N   1 
ATOM   448  C  CA  . THR A 1 61  ? 3.216   -15.898 -7.692  1.00 63.07 ? 61   THR A CA  1 
ATOM   449  C  C   . THR A 1 61  ? 4.664   -15.823 -7.254  1.00 62.93 ? 61   THR A C   1 
ATOM   450  O  O   . THR A 1 61  ? 5.207   -16.747 -6.648  1.00 62.04 ? 61   THR A O   1 
ATOM   451  C  CB  . THR A 1 61  ? 3.168   -16.025 -9.228  1.00 62.68 ? 61   THR A CB  1 
ATOM   452  O  OG1 . THR A 1 61  ? 3.946   -14.978 -9.821  1.00 67.73 ? 61   THR A OG1 1 
ATOM   453  C  CG2 . THR A 1 61  ? 1.739   -15.946 -9.736  1.00 61.86 ? 61   THR A CG2 1 
ATOM   454  N  N   . ASP A 1 62  ? 5.259   -14.676 -7.555  1.00 58.16 ? 62   ASP A N   1 
ATOM   455  C  CA  . ASP A 1 62  ? 6.676   -14.418 -7.377  1.00 51.45 ? 62   ASP A CA  1 
ATOM   456  C  C   . ASP A 1 62  ? 6.872   -13.367 -6.288  1.00 53.14 ? 62   ASP A C   1 
ATOM   457  O  O   . ASP A 1 62  ? 6.687   -12.181 -6.530  1.00 50.65 ? 62   ASP A O   1 
ATOM   458  C  CB  . ASP A 1 62  ? 7.268   -13.954 -8.710  1.00 51.20 ? 62   ASP A CB  1 
ATOM   459  C  CG  . ASP A 1 62  ? 8.763   -13.720 -8.657  1.00 51.52 ? 62   ASP A CG  1 
ATOM   460  O  OD1 . ASP A 1 62  ? 9.360   -13.728 -7.560  1.00 54.24 ? 62   ASP A OD1 1 
ATOM   461  O  OD2 . ASP A 1 62  ? 9.345   -13.511 -9.741  1.00 51.38 ? 62   ASP A OD2 1 
ATOM   462  N  N   . PRO A 1 63  ? 7.269   -13.800 -5.084  1.00 52.74 ? 63   PRO A N   1 
ATOM   463  C  CA  . PRO A 1 63  ? 7.359   -12.883 -3.943  1.00 51.87 ? 63   PRO A CA  1 
ATOM   464  C  C   . PRO A 1 63  ? 8.406   -11.773 -4.081  1.00 46.03 ? 63   PRO A C   1 
ATOM   465  O  O   . PRO A 1 63  ? 8.409   -10.861 -3.255  1.00 42.04 ? 63   PRO A O   1 
ATOM   466  C  CB  . PRO A 1 63  ? 7.724   -13.813 -2.781  1.00 51.09 ? 63   PRO A CB  1 
ATOM   467  C  CG  . PRO A 1 63  ? 8.349   -14.999 -3.418  1.00 52.78 ? 63   PRO A CG  1 
ATOM   468  C  CD  . PRO A 1 63  ? 7.642   -15.178 -4.719  1.00 51.85 ? 63   PRO A CD  1 
ATOM   469  N  N   . ASN A 1 64  ? 9.266   -11.836 -5.093  1.00 46.09 ? 64   ASN A N   1 
ATOM   470  C  CA  . ASN A 1 64  ? 10.366  -10.881 -5.192  1.00 45.41 ? 64   ASN A CA  1 
ATOM   471  C  C   . ASN A 1 64  ? 10.131  -9.708  -6.142  1.00 46.72 ? 64   ASN A C   1 
ATOM   472  O  O   . ASN A 1 64  ? 10.914  -8.756  -6.149  1.00 41.92 ? 64   ASN A O   1 
ATOM   473  C  CB  . ASN A 1 64  ? 11.651  -11.606 -5.604  1.00 52.87 ? 64   ASN A CB  1 
ATOM   474  C  CG  . ASN A 1 64  ? 12.327  -12.297 -4.437  1.00 56.03 ? 64   ASN A CG  1 
ATOM   475  O  OD1 . ASN A 1 64  ? 12.738  -13.455 -4.536  1.00 59.83 ? 64   ASN A OD1 1 
ATOM   476  N  ND2 . ASN A 1 64  ? 12.434  -11.592 -3.316  1.00 52.78 ? 64   ASN A ND2 1 
ATOM   477  N  N   . LEU A 1 65  ? 9.069   -9.759  -6.942  1.00 42.91 ? 65   LEU A N   1 
ATOM   478  C  CA  . LEU A 1 65  ? 8.807   -8.645  -7.847  1.00 42.50 ? 65   LEU A CA  1 
ATOM   479  C  C   . LEU A 1 65  ? 8.004   -7.580  -7.117  1.00 41.91 ? 65   LEU A C   1 
ATOM   480  O  O   . LEU A 1 65  ? 7.136   -7.896  -6.305  1.00 39.50 ? 65   LEU A O   1 
ATOM   481  C  CB  . LEU A 1 65  ? 8.094   -9.091  -9.132  1.00 48.33 ? 65   LEU A CB  1 
ATOM   482  C  CG  . LEU A 1 65  ? 7.046   -10.194 -9.252  1.00 52.88 ? 65   LEU A CG  1 
ATOM   483  C  CD1 . LEU A 1 65  ? 5.823   -9.890  -8.422  1.00 53.53 ? 65   LEU A CD1 1 
ATOM   484  C  CD2 . LEU A 1 65  ? 6.672   -10.342 -10.725 1.00 52.98 ? 65   LEU A CD2 1 
ATOM   485  N  N   . PRO A 1 66  ? 8.315   -6.308  -7.387  1.00 40.77 ? 66   PRO A N   1 
ATOM   486  C  CA  . PRO A 1 66  ? 7.720   -5.222  -6.608  1.00 36.93 ? 66   PRO A CA  1 
ATOM   487  C  C   . PRO A 1 66  ? 6.246   -5.055  -6.905  1.00 31.54 ? 66   PRO A C   1 
ATOM   488  O  O   . PRO A 1 66  ? 5.784   -5.425  -7.977  1.00 34.03 ? 66   PRO A O   1 
ATOM   489  C  CB  . PRO A 1 66  ? 8.511   -3.997  -7.064  1.00 38.86 ? 66   PRO A CB  1 
ATOM   490  C  CG  . PRO A 1 66  ? 8.896   -4.327  -8.470  1.00 41.47 ? 66   PRO A CG  1 
ATOM   491  C  CD  . PRO A 1 66  ? 9.183   -5.803  -8.466  1.00 44.56 ? 66   PRO A CD  1 
ATOM   492  N  N   . ILE A 1 67  ? 5.520   -4.504  -5.943  1.00 29.68 ? 67   ILE A N   1 
ATOM   493  C  CA  . ILE A 1 67  ? 4.127   -4.159  -6.126  1.00 27.53 ? 67   ILE A CA  1 
ATOM   494  C  C   . ILE A 1 67  ? 4.059   -2.650  -6.347  1.00 23.99 ? 67   ILE A C   1 
ATOM   495  O  O   . ILE A 1 67  ? 4.611   -1.889  -5.555  1.00 26.08 ? 67   ILE A O   1 
ATOM   496  C  CB  . ILE A 1 67  ? 3.308   -4.584  -4.918  1.00 27.82 ? 67   ILE A CB  1 
ATOM   497  C  CG1 . ILE A 1 67  ? 3.521   -6.079  -4.676  1.00 30.20 ? 67   ILE A CG1 1 
ATOM   498  C  CG2 . ILE A 1 67  ? 1.859   -4.271  -5.122  1.00 27.42 ? 67   ILE A CG2 1 
ATOM   499  C  CD1 . ILE A 1 67  ? 2.635   -6.634  -3.637  1.00 38.80 ? 67   ILE A CD1 1 
ATOM   500  N  N   . LYS A 1 68  ? 3.422   -2.227  -7.436  1.00 23.24 ? 68   LYS A N   1 
ATOM   501  C  CA  . LYS A 1 68  ? 3.377   -0.806  -7.785  1.00 21.66 ? 68   LYS A CA  1 
ATOM   502  C  C   . LYS A 1 68  ? 2.024   -0.226  -7.433  1.00 24.77 ? 68   LYS A C   1 
ATOM   503  O  O   . LYS A 1 68  ? 1.000   -0.852  -7.679  1.00 22.82 ? 68   LYS A O   1 
ATOM   504  C  CB  . LYS A 1 68  ? 3.673   -0.609  -9.272  1.00 28.98 ? 68   LYS A CB  1 
ATOM   505  N  N   . LEU A 1 69  ? 2.030   0.965   -6.839  1.00 18.52 ? 69   LEU A N   1 
ATOM   506  C  CA  . LEU A 1 69  ? 0.791   1.640   -6.457  1.00 19.76 ? 69   LEU A CA  1 
ATOM   507  C  C   . LEU A 1 69  ? 0.783   3.004   -7.139  1.00 18.83 ? 69   LEU A C   1 
ATOM   508  O  O   . LEU A 1 69  ? 1.798   3.697   -7.144  1.00 20.69 ? 69   LEU A O   1 
ATOM   509  C  CB  . LEU A 1 69  ? 0.691   1.752   -4.929  1.00 26.63 ? 69   LEU A CB  1 
ATOM   510  C  CG  . LEU A 1 69  ? -0.462  2.482   -4.260  1.00 24.90 ? 69   LEU A CG  1 
ATOM   511  C  CD1 . LEU A 1 69  ? -0.673  1.904   -2.875  1.00 23.48 ? 69   LEU A CD1 1 
ATOM   512  C  CD2 . LEU A 1 69  ? -0.130  3.967   -4.166  1.00 23.67 ? 69   LEU A CD2 1 
ATOM   513  N  N   . THR A 1 70  ? -0.337  3.383   -7.757  1.00 17.20 ? 70   THR A N   1 
ATOM   514  C  CA  . THR A 1 70  ? -0.412  4.691   -8.407  1.00 17.59 ? 70   THR A CA  1 
ATOM   515  C  C   . THR A 1 70  ? -1.735  5.343   -8.041  1.00 16.30 ? 70   THR A C   1 
ATOM   516  O  O   . THR A 1 70  ? -2.759  4.680   -7.977  1.00 17.99 ? 70   THR A O   1 
ATOM   517  C  CB  . THR A 1 70  ? -0.308  4.599   -9.950  1.00 17.37 ? 70   THR A CB  1 
ATOM   518  O  OG1 . THR A 1 70  ? 0.876   3.863   -10.322 1.00 22.16 ? 70   THR A OG1 1 
ATOM   519  C  CG2 . THR A 1 70  ? -0.253  5.993   -10.577 1.00 21.63 ? 70   THR A CG2 1 
ATOM   520  N  N   . VAL A 1 71  ? -1.696  6.637   -7.765  1.00 15.58 ? 71   VAL A N   1 
ATOM   521  C  CA  . VAL A 1 71  ? -2.927  7.376   -7.480  1.00 13.57 ? 71   VAL A CA  1 
ATOM   522  C  C   . VAL A 1 71  ? -3.288  8.178   -8.703  1.00 13.95 ? 71   VAL A C   1 
ATOM   523  O  O   . VAL A 1 71  ? -2.409  8.736   -9.366  1.00 13.03 ? 71   VAL A O   1 
ATOM   524  C  CB  . VAL A 1 71  ? -2.743  8.328   -6.266  1.00 11.26 ? 71   VAL A CB  1 
ATOM   525  C  CG1 . VAL A 1 71  ? -4.058  8.935   -5.807  1.00 15.01 ? 71   VAL A CG1 1 
ATOM   526  C  CG2 . VAL A 1 71  ? -2.074  7.576   -5.114  1.00 16.06 ? 71   VAL A CG2 1 
ATOM   527  N  N   . TYR A 1 72  ? -4.576  8.232   -9.017  1.00 12.49 ? 72   TYR A N   1 
ATOM   528  C  CA  . TYR A 1 72  ? -5.095  8.965   -10.167 1.00 11.39 ? 72   TYR A CA  1 
ATOM   529  C  C   . TYR A 1 72  ? -6.269  9.834   -9.774  1.00 12.09 ? 72   TYR A C   1 
ATOM   530  O  O   . TYR A 1 72  ? -7.017  9.511   -8.853  1.00 14.07 ? 72   TYR A O   1 
ATOM   531  C  CB  . TYR A 1 72  ? -5.576  8.008   -11.281 1.00 12.40 ? 72   TYR A CB  1 
ATOM   532  C  CG  . TYR A 1 72  ? -4.489  7.192   -11.934 1.00 12.48 ? 72   TYR A CG  1 
ATOM   533  C  CD1 . TYR A 1 72  ? -3.726  7.712   -12.966 1.00 15.68 ? 72   TYR A CD1 1 
ATOM   534  C  CD2 . TYR A 1 72  ? -4.241  5.895   -11.509 1.00 16.73 ? 72   TYR A CD2 1 
ATOM   535  C  CE1 . TYR A 1 72  ? -2.741  6.941   -13.566 1.00 18.69 ? 72   TYR A CE1 1 
ATOM   536  C  CE2 . TYR A 1 72  ? -3.288  5.123   -12.109 1.00 18.18 ? 72   TYR A CE2 1 
ATOM   537  C  CZ  . TYR A 1 72  ? -2.525  5.651   -13.110 1.00 19.74 ? 72   TYR A CZ  1 
ATOM   538  O  OH  . TYR A 1 72  ? -1.565  4.846   -13.685 1.00 23.75 ? 72   TYR A OH  1 
ATOM   539  N  N   . ASP A 1 73  ? -6.415  10.924  -10.506 1.00 14.01 ? 73   ASP A N   1 
ATOM   540  C  CA  . ASP A 1 73  ? -7.555  11.840  -10.380 1.00 13.87 ? 73   ASP A CA  1 
ATOM   541  C  C   . ASP A 1 73  ? -8.636  11.443  -11.388 1.00 14.37 ? 73   ASP A C   1 
ATOM   542  O  O   . ASP A 1 73  ? -8.495  11.727  -12.570 1.00 15.49 ? 73   ASP A O   1 
ATOM   543  C  CB  . ASP A 1 73  ? -7.092  13.278  -10.636 1.00 16.69 ? 73   ASP A CB  1 
ATOM   544  C  CG  . ASP A 1 73  ? -8.243  14.280  -10.710 1.00 17.08 ? 73   ASP A CG  1 
ATOM   545  O  OD1 . ASP A 1 73  ? -9.239  14.066  -10.024 1.00 18.28 ? 73   ASP A OD1 1 
ATOM   546  O  OD2 . ASP A 1 73  ? -8.145  15.277  -11.456 1.00 19.46 ? 73   ASP A OD2 1 
ATOM   547  N  N   . TYR A 1 74  ? -9.716  10.821  -10.931 1.00 14.53 ? 74   TYR A N   1 
ATOM   548  C  CA  . TYR A 1 74  ? -10.721 10.344  -11.883 1.00 16.98 ? 74   TYR A CA  1 
ATOM   549  C  C   . TYR A 1 74  ? -11.421 11.499  -12.590 1.00 17.68 ? 74   TYR A C   1 
ATOM   550  O  O   . TYR A 1 74  ? -11.880 12.437  -11.940 1.00 16.97 ? 74   TYR A O   1 
ATOM   551  C  CB  . TYR A 1 74  ? -11.754 9.457   -11.189 1.00 15.53 ? 74   TYR A CB  1 
ATOM   552  C  CG  . TYR A 1 74  ? -12.882 9.069   -12.116 1.00 17.60 ? 74   TYR A CG  1 
ATOM   553  C  CD1 . TYR A 1 74  ? -12.645 8.224   -13.196 1.00 21.57 ? 74   TYR A CD1 1 
ATOM   554  C  CD2 . TYR A 1 74  ? -14.156 9.567   -11.933 1.00 22.63 ? 74   TYR A CD2 1 
ATOM   555  C  CE1 . TYR A 1 74  ? -13.668 7.881   -14.057 1.00 24.80 ? 74   TYR A CE1 1 
ATOM   556  C  CE2 . TYR A 1 74  ? -15.187 9.228   -12.793 1.00 23.29 ? 74   TYR A CE2 1 
ATOM   557  C  CZ  . TYR A 1 74  ? -14.931 8.381   -13.848 1.00 27.03 ? 74   TYR A CZ  1 
ATOM   558  O  OH  . TYR A 1 74  ? -15.945 8.034   -14.717 1.00 31.76 ? 74   TYR A OH  1 
ATOM   559  N  N   . ASP A 1 75  ? -11.511 11.413  -13.912 1.00 16.03 ? 75   ASP A N   1 
ATOM   560  C  CA  . ASP A 1 75  ? -12.206 12.409  -14.727 1.00 17.39 ? 75   ASP A CA  1 
ATOM   561  C  C   . ASP A 1 75  ? -12.886 11.660  -15.877 1.00 21.71 ? 75   ASP A C   1 
ATOM   562  O  O   . ASP A 1 75  ? -12.241 10.955  -16.637 1.00 20.57 ? 75   ASP A O   1 
ATOM   563  C  CB  . ASP A 1 75  ? -11.220 13.463  -15.229 1.00 18.68 ? 75   ASP A CB  1 
ATOM   564  C  CG  . ASP A 1 75  ? -11.848 14.447  -16.195 1.00 28.05 ? 75   ASP A CG  1 
ATOM   565  O  OD1 . ASP A 1 75  ? -13.089 14.546  -16.231 1.00 32.85 ? 75   ASP A OD1 1 
ATOM   566  O  OD2 . ASP A 1 75  ? -11.089 15.130  -16.914 1.00 33.49 ? 75   ASP A OD2 1 
ATOM   567  N  N   . LEU A 1 76  ? -14.204 11.770  -15.956 1.00 22.00 ? 76   LEU A N   1 
ATOM   568  C  CA  . LEU A 1 76  ? -14.971 10.993  -16.933 1.00 23.96 ? 76   LEU A CA  1 
ATOM   569  C  C   . LEU A 1 76  ? -14.598 11.312  -18.378 1.00 28.52 ? 76   LEU A C   1 
ATOM   570  O  O   . LEU A 1 76  ? -14.654 10.430  -19.246 1.00 28.65 ? 76   LEU A O   1 
ATOM   571  C  CB  . LEU A 1 76  ? -16.469 11.245  -16.716 1.00 26.01 ? 76   LEU A CB  1 
ATOM   572  C  CG  . LEU A 1 76  ? -17.470 10.753  -17.758 1.00 39.02 ? 76   LEU A CG  1 
ATOM   573  C  CD1 . LEU A 1 76  ? -17.547 9.238   -17.758 1.00 36.91 ? 76   LEU A CD1 1 
ATOM   574  C  CD2 . LEU A 1 76  ? -18.841 11.365  -17.496 1.00 34.52 ? 76   LEU A CD2 1 
ATOM   575  N  N   . LEU A 1 77  ? -14.206 12.554  -18.641 1.00 23.71 ? 77   LEU A N   1 
ATOM   576  C  CA  . LEU A 1 77  ? -14.056 13.020  -20.016 1.00 28.90 ? 77   LEU A CA  1 
ATOM   577  C  C   . LEU A 1 77  ? -12.625 13.070  -20.549 1.00 28.21 ? 77   LEU A C   1 
ATOM   578  O  O   . LEU A 1 77  ? -12.402 13.494  -21.685 1.00 27.85 ? 77   LEU A O   1 
ATOM   579  C  CB  . LEU A 1 77  ? -14.679 14.409  -20.157 1.00 35.37 ? 77   LEU A CB  1 
ATOM   580  C  CG  . LEU A 1 77  ? -16.170 14.434  -19.840 1.00 35.44 ? 77   LEU A CG  1 
ATOM   581  C  CD1 . LEU A 1 77  ? -16.744 15.824  -20.056 1.00 39.44 ? 77   LEU A CD1 1 
ATOM   582  C  CD2 . LEU A 1 77  ? -16.899 13.407  -20.686 1.00 39.05 ? 77   LEU A CD2 1 
ATOM   583  N  N   . SER A 1 78  ? -11.655 12.640  -19.751 1.00 22.18 ? 78   SER A N   1 
ATOM   584  C  CA  . SER A 1 78  ? -10.276 12.643  -20.237 1.00 20.62 ? 78   SER A CA  1 
ATOM   585  C  C   . SER A 1 78  ? -9.476  11.635  -19.448 1.00 18.20 ? 78   SER A C   1 
ATOM   586  O  O   . SER A 1 78  ? -9.924  11.172  -18.413 1.00 21.81 ? 78   SER A O   1 
ATOM   587  C  CB  . SER A 1 78  ? -9.648  14.026  -20.108 1.00 25.75 ? 78   SER A CB  1 
ATOM   588  O  OG  . SER A 1 78  ? -9.613  14.431  -18.754 1.00 33.19 ? 78   SER A OG  1 
ATOM   589  N  N   . ALA A 1 79  ? -8.312  11.269  -19.963 1.00 16.13 ? 79   ALA A N   1 
ATOM   590  C  CA  . ALA A 1 79  ? -7.437  10.358  -19.247 1.00 16.63 ? 79   ALA A CA  1 
ATOM   591  C  C   . ALA A 1 79  ? -7.182  10.933  -17.870 1.00 19.43 ? 79   ALA A C   1 
ATOM   592  O  O   . ALA A 1 79  ? -7.050  12.147  -17.720 1.00 20.58 ? 79   ALA A O   1 
ATOM   593  C  CB  . ALA A 1 79  ? -6.131  10.160  -20.004 1.00 20.20 ? 79   ALA A CB  1 
ATOM   594  N  N   . ASP A 1 80  ? -7.136  10.054  -16.881 1.00 15.74 ? 80   ASP A N   1 
ATOM   595  C  CA  . ASP A 1 80  ? -7.005  10.466  -15.488 1.00 16.41 ? 80   ASP A CA  1 
ATOM   596  C  C   . ASP A 1 80  ? -5.563  10.901  -15.196 1.00 18.56 ? 80   ASP A C   1 
ATOM   597  O  O   . ASP A 1 80  ? -4.608  10.189  -15.495 1.00 19.64 ? 80   ASP A O   1 
ATOM   598  C  CB  . ASP A 1 80  ? -7.439  9.329   -14.572 1.00 15.82 ? 80   ASP A CB  1 
ATOM   599  C  CG  . ASP A 1 80  ? -8.894  8.897   -14.794 1.00 14.34 ? 80   ASP A CG  1 
ATOM   600  O  OD1 . ASP A 1 80  ? -9.664  9.660   -15.421 1.00 18.06 ? 80   ASP A OD1 1 
ATOM   601  O  OD2 . ASP A 1 80  ? -9.275  7.805   -14.328 1.00 15.38 ? 80   ASP A OD2 1 
ATOM   602  N  N   . ASP A 1 81  ? -5.402  12.083  -14.597 1.00 17.56 ? 81   ASP A N   1 
ATOM   603  C  CA  . ASP A 1 81  ? -4.072  12.587  -14.268 1.00 15.01 ? 81   ASP A CA  1 
ATOM   604  C  C   . ASP A 1 81  ? -3.432  11.757  -13.165 1.00 13.77 ? 81   ASP A C   1 
ATOM   605  O  O   . ASP A 1 81  ? -4.073  11.463  -12.152 1.00 15.62 ? 81   ASP A O   1 
ATOM   606  C  CB  . ASP A 1 81  ? -4.148  14.045  -13.805 1.00 17.82 ? 81   ASP A CB  1 
ATOM   607  C  CG  . ASP A 1 81  ? -4.475  15.020  -14.933 1.00 28.29 ? 81   ASP A CG  1 
ATOM   608  O  OD1 . ASP A 1 81  ? -4.159  14.732  -16.104 1.00 31.38 ? 81   ASP A OD1 1 
ATOM   609  O  OD2 . ASP A 1 81  ? -5.039  16.088  -14.616 1.00 31.80 ? 81   ASP A OD2 1 
ATOM   610  N  N   . LYS A 1 82  ? -2.159  11.410  -13.326 1.00 13.97 ? 82   LYS A N   1 
ATOM   611  C  CA  . LYS A 1 82  ? -1.426  10.780  -12.238 1.00 13.60 ? 82   LYS A CA  1 
ATOM   612  C  C   . LYS A 1 82  ? -1.211  11.746  -11.076 1.00 16.01 ? 82   LYS A C   1 
ATOM   613  O  O   . LYS A 1 82  ? -0.930  12.942  -11.266 1.00 18.48 ? 82   LYS A O   1 
ATOM   614  C  CB  . LYS A 1 82  ? -0.062  10.290  -12.703 1.00 19.46 ? 82   LYS A CB  1 
ATOM   615  C  CG  . LYS A 1 82  ? -0.113  9.106   -13.614 1.00 23.01 ? 82   LYS A CG  1 
ATOM   616  C  CD  . LYS A 1 82  ? 1.209   8.345   -13.538 1.00 24.64 ? 82   LYS A CD  1 
ATOM   617  C  CE  . LYS A 1 82  ? 1.134   7.083   -14.363 1.00 32.30 ? 82   LYS A CE  1 
ATOM   618  N  NZ  . LYS A 1 82  ? 2.508   6.646   -14.733 1.00 35.89 ? 82   LYS A NZ  1 
ATOM   619  N  N   . MET A 1 83  ? -1.298  11.189  -9.880  1.00 14.54 ? 83   MET A N   1 
ATOM   620  C  CA  . MET A 1 83  ? -1.129  11.920  -8.629  1.00 14.49 ? 83   MET A CA  1 
ATOM   621  C  C   . MET A 1 83  ? -0.134  11.236  -7.717  1.00 12.57 ? 83   MET A C   1 
ATOM   622  O  O   . MET A 1 83  ? -0.304  11.268  -6.510  1.00 15.83 ? 83   MET A O   1 
ATOM   623  C  CB  . MET A 1 83  ? -2.458  12.005  -7.858  1.00 21.40 ? 83   MET A CB  1 
ATOM   624  C  CG  . MET A 1 83  ? -3.542  12.766  -8.493  1.00 23.21 ? 83   MET A CG  1 
ATOM   625  S  SD  . MET A 1 83  ? -5.039  12.540  -7.559  1.00 17.27 ? 83   MET A SD  1 
ATOM   626  C  CE  . MET A 1 83  ? -4.536  12.990  -5.877  1.00 17.09 ? 83   MET A CE  1 
ATOM   627  N  N   . GLY A 1 84  ? 0.887   10.594  -8.292  1.00 13.83 ? 84   GLY A N   1 
ATOM   628  C  CA  . GLY A 1 84  ? 1.896   9.956   -7.471  1.00 14.50 ? 84   GLY A CA  1 
ATOM   629  C  C   . GLY A 1 84  ? 1.928   8.445   -7.594  1.00 16.89 ? 84   GLY A C   1 
ATOM   630  O  O   . GLY A 1 84  ? 0.912   7.800   -7.863  1.00 17.32 ? 84   GLY A O   1 
ATOM   631  N  N   . GLU A 1 85  ? 3.107   7.882   -7.356  1.00 15.52 ? 85   GLU A N   1 
ATOM   632  C  CA  . GLU A 1 85  ? 3.267   6.441   -7.428  1.00 17.12 ? 85   GLU A CA  1 
ATOM   633  C  C   . GLU A 1 85  ? 4.251   5.979   -6.378  1.00 19.31 ? 85   GLU A C   1 
ATOM   634  O  O   . GLU A 1 85  ? 5.068   6.757   -5.874  1.00 19.99 ? 85   GLU A O   1 
ATOM   635  C  CB  . GLU A 1 85  ? 3.746   6.009   -8.812  1.00 21.62 ? 85   GLU A CB  1 
ATOM   636  C  CG  . GLU A 1 85  ? 4.958   6.749   -9.315  1.00 23.94 ? 85   GLU A CG  1 
ATOM   637  C  CD  . GLU A 1 85  ? 4.968   6.884   -10.839 1.00 38.67 ? 85   GLU A CD  1 
ATOM   638  O  OE1 . GLU A 1 85  ? 5.113   5.849   -11.530 1.00 45.87 ? 85   GLU A OE1 1 
ATOM   639  O  OE2 . GLU A 1 85  ? 4.828   8.023   -11.346 1.00 38.94 ? 85   GLU A OE2 1 
ATOM   640  N  N   . ALA A 1 86  ? 4.181   4.699   -6.050  1.00 18.15 ? 86   ALA A N   1 
ATOM   641  C  CA  . ALA A 1 86  ? 5.133   4.124   -5.116  1.00 16.52 ? 86   ALA A CA  1 
ATOM   642  C  C   . ALA A 1 86  ? 5.266   2.648   -5.414  1.00 20.96 ? 86   ALA A C   1 
ATOM   643  O  O   . ALA A 1 86  ? 4.368   2.049   -5.993  1.00 25.25 ? 86   ALA A O   1 
ATOM   644  C  CB  . ALA A 1 86  ? 4.688   4.338   -3.686  1.00 20.17 ? 86   ALA A CB  1 
ATOM   645  N  N   . GLU A 1 87  ? 6.391   2.075   -5.014  1.00 21.72 ? 87   GLU A N   1 
ATOM   646  C  CA  . GLU A 1 87  ? 6.609   0.638   -5.142  1.00 21.06 ? 87   GLU A CA  1 
ATOM   647  C  C   . GLU A 1 87  ? 6.897   0.103   -3.765  1.00 22.97 ? 87   GLU A C   1 
ATOM   648  O  O   . GLU A 1 87  ? 7.492   0.804   -2.945  1.00 24.83 ? 87   GLU A O   1 
ATOM   649  C  CB  . GLU A 1 87  ? 7.792   0.325   -6.063  1.00 26.57 ? 87   GLU A CB  1 
ATOM   650  C  CG  . GLU A 1 87  ? 7.510   0.322   -7.536  1.00 38.47 ? 87   GLU A CG  1 
ATOM   651  C  CD  . GLU A 1 87  ? 8.654   -0.315  -8.311  1.00 42.50 ? 87   GLU A CD  1 
ATOM   652  O  OE1 . GLU A 1 87  ? 9.688   -0.636  -7.684  1.00 47.33 ? 87   GLU A OE1 1 
ATOM   653  O  OE2 . GLU A 1 87  ? 8.514   -0.498  -9.536  1.00 53.67 ? 87   GLU A OE2 1 
ATOM   654  N  N   . PHE A 1 88  ? 6.485   -1.129  -3.491  1.00 22.48 ? 88   PHE A N   1 
ATOM   655  C  CA  . PHE A 1 88  ? 6.933   -1.769  -2.261  1.00 21.93 ? 88   PHE A CA  1 
ATOM   656  C  C   . PHE A 1 88  ? 7.169   -3.245  -2.505  1.00 28.17 ? 88   PHE A C   1 
ATOM   657  O  O   . PHE A 1 88  ? 6.666   -3.797  -3.466  1.00 25.44 ? 88   PHE A O   1 
ATOM   658  C  CB  . PHE A 1 88  ? 5.942   -1.548  -1.109  1.00 27.95 ? 88   PHE A CB  1 
ATOM   659  C  CG  . PHE A 1 88  ? 4.553   -2.090  -1.347  1.00 30.64 ? 88   PHE A CG  1 
ATOM   660  C  CD1 . PHE A 1 88  ? 4.232   -3.403  -1.022  1.00 29.19 ? 88   PHE A CD1 1 
ATOM   661  C  CD2 . PHE A 1 88  ? 3.556   -1.272  -1.849  1.00 29.27 ? 88   PHE A CD2 1 
ATOM   662  C  CE1 . PHE A 1 88  ? 2.937   -3.888  -1.214  1.00 30.26 ? 88   PHE A CE1 1 
ATOM   663  C  CE2 . PHE A 1 88  ? 2.266   -1.749  -2.031  1.00 28.50 ? 88   PHE A CE2 1 
ATOM   664  C  CZ  . PHE A 1 88  ? 1.959   -3.064  -1.730  1.00 26.22 ? 88   PHE A CZ  1 
ATOM   665  N  N   . HIS A 1 89  ? 7.977   -3.853  -1.644  1.00 30.80 ? 89   HIS A N   1 
ATOM   666  C  CA  . HIS A 1 89  ? 8.346   -5.260  -1.776  1.00 30.95 ? 89   HIS A CA  1 
ATOM   667  C  C   . HIS A 1 89  ? 7.712   -6.039  -0.640  1.00 29.85 ? 89   HIS A C   1 
ATOM   668  O  O   . HIS A 1 89  ? 7.597   -5.533  0.473   1.00 29.17 ? 89   HIS A O   1 
ATOM   669  C  CB  . HIS A 1 89  ? 9.871   -5.437  -1.768  1.00 33.47 ? 89   HIS A CB  1 
ATOM   670  C  CG  . HIS A 1 89  ? 10.526  -5.140  -3.083  1.00 36.79 ? 89   HIS A CG  1 
ATOM   671  N  ND1 . HIS A 1 89  ? 11.022  -3.895  -3.400  1.00 41.96 ? 89   HIS A ND1 1 
ATOM   672  C  CD2 . HIS A 1 89  ? 10.762  -5.927  -4.160  1.00 40.40 ? 89   HIS A CD2 1 
ATOM   673  C  CE1 . HIS A 1 89  ? 11.538  -3.927  -4.618  1.00 43.50 ? 89   HIS A CE1 1 
ATOM   674  N  NE2 . HIS A 1 89  ? 11.391  -5.146  -5.100  1.00 42.53 ? 89   HIS A NE2 1 
ATOM   675  N  N   . ILE A 1 90  ? 7.294   -7.270  -0.919  1.00 29.76 ? 90   ILE A N   1 
ATOM   676  C  CA  . ILE A 1 90  ? 6.627   -8.065  0.096   1.00 27.98 ? 90   ILE A CA  1 
ATOM   677  C  C   . ILE A 1 90  ? 7.456   -9.274  0.524   1.00 35.60 ? 90   ILE A C   1 
ATOM   678  O  O   . ILE A 1 90  ? 6.980   -10.102 1.285   1.00 34.78 ? 90   ILE A O   1 
ATOM   679  C  CB  . ILE A 1 90  ? 5.254   -8.554  -0.388  1.00 30.17 ? 90   ILE A CB  1 
ATOM   680  C  CG1 . ILE A 1 90  ? 5.386   -9.310  -1.708  1.00 30.79 ? 90   ILE A CG1 1 
ATOM   681  C  CG2 . ILE A 1 90  ? 4.296   -7.382  -0.534  1.00 32.49 ? 90   ILE A CG2 1 
ATOM   682  C  CD1 . ILE A 1 90  ? 4.098   -9.981  -2.131  1.00 38.44 ? 90   ILE A CD1 1 
ATOM   683  N  N   . GLY A 1 91  ? 8.686   -9.357  0.028   1.00 31.35 ? 91   GLY A N   1 
ATOM   684  C  CA  . GLY A 1 91  ? 9.633   -10.379 0.463   1.00 37.80 ? 91   GLY A CA  1 
ATOM   685  C  C   . GLY A 1 91  ? 9.758   -10.551 1.969   1.00 38.86 ? 91   GLY A C   1 
ATOM   686  O  O   . GLY A 1 91  ? 9.459   -11.627 2.496   1.00 43.01 ? 91   GLY A O   1 
ATOM   687  N  N   . PRO A 1 92  ? 10.217  -9.502  2.676   1.00 35.55 ? 92   PRO A N   1 
ATOM   688  C  CA  . PRO A 1 92  ? 10.349  -9.500  4.140   1.00 41.88 ? 92   PRO A CA  1 
ATOM   689  C  C   . PRO A 1 92  ? 9.062   -9.861  4.888   1.00 43.84 ? 92   PRO A C   1 
ATOM   690  O  O   . PRO A 1 92  ? 9.115   -10.470 5.962   1.00 43.94 ? 92   PRO A O   1 
ATOM   691  C  CB  . PRO A 1 92  ? 10.755  -8.056  4.443   1.00 38.74 ? 92   PRO A CB  1 
ATOM   692  C  CG  . PRO A 1 92  ? 11.480  -7.620  3.221   1.00 38.41 ? 92   PRO A CG  1 
ATOM   693  C  CD  . PRO A 1 92  ? 10.777  -8.276  2.074   1.00 37.28 ? 92   PRO A CD  1 
ATOM   694  N  N   . PHE A 1 93  ? 7.920   -9.478  4.328   1.00 36.86 ? 93   PHE A N   1 
ATOM   695  C  CA  . PHE A 1 93  ? 6.632   -9.777  4.933   1.00 34.85 ? 93   PHE A CA  1 
ATOM   696  C  C   . PHE A 1 93  ? 6.356   -11.272 4.872   1.00 40.58 ? 93   PHE A C   1 
ATOM   697  O  O   . PHE A 1 93  ? 5.934   -11.879 5.855   1.00 43.09 ? 93   PHE A O   1 
ATOM   698  C  CB  . PHE A 1 93  ? 5.520   -8.996  4.222   1.00 35.50 ? 93   PHE A CB  1 
ATOM   699  C  CG  . PHE A 1 93  ? 4.147   -9.208  4.801   1.00 32.50 ? 93   PHE A CG  1 
ATOM   700  C  CD1 . PHE A 1 93  ? 3.910   -9.061  6.161   1.00 35.07 ? 93   PHE A CD1 1 
ATOM   701  C  CD2 . PHE A 1 93  ? 3.082   -9.518  3.973   1.00 35.78 ? 93   PHE A CD2 1 
ATOM   702  C  CE1 . PHE A 1 93  ? 2.637   -9.243  6.683   1.00 34.80 ? 93   PHE A CE1 1 
ATOM   703  C  CE2 . PHE A 1 93  ? 1.817   -9.704  4.486   1.00 35.66 ? 93   PHE A CE2 1 
ATOM   704  C  CZ  . PHE A 1 93  ? 1.587   -9.556  5.842   1.00 35.10 ? 93   PHE A CZ  1 
ATOM   705  N  N   . ILE A 1 94  ? 6.586   -11.852 3.705   1.00 38.37 ? 94   ILE A N   1 
ATOM   706  C  CA  . ILE A 1 94  ? 6.346   -13.274 3.499   1.00 39.43 ? 94   ILE A CA  1 
ATOM   707  C  C   . ILE A 1 94  ? 7.275   -14.110 4.378   1.00 44.30 ? 94   ILE A C   1 
ATOM   708  O  O   . ILE A 1 94  ? 6.894   -15.172 4.876   1.00 48.32 ? 94   ILE A O   1 
ATOM   709  C  CB  . ILE A 1 94  ? 6.514   -13.633 2.018   1.00 41.34 ? 94   ILE A CB  1 
ATOM   710  C  CG1 . ILE A 1 94  ? 5.299   -13.123 1.240   1.00 44.42 ? 94   ILE A CG1 1 
ATOM   711  C  CG2 . ILE A 1 94  ? 6.684   -15.132 1.829   1.00 51.08 ? 94   ILE A CG2 1 
ATOM   712  C  CD1 . ILE A 1 94  ? 5.482   -13.110 -0.247  1.00 46.85 ? 94   ILE A CD1 1 
ATOM   713  N  N   . GLU A 1 95  ? 8.481   -13.608 4.607   1.00 43.96 ? 95   GLU A N   1 
ATOM   714  C  CA  . GLU A 1 95  ? 9.424   -14.311 5.468   1.00 46.90 ? 95   GLU A CA  1 
ATOM   715  C  C   . GLU A 1 95  ? 9.058   -14.209 6.948   1.00 47.06 ? 95   GLU A C   1 
ATOM   716  O  O   . GLU A 1 95  ? 9.249   -15.162 7.706   1.00 49.28 ? 95   GLU A O   1 
ATOM   717  C  CB  . GLU A 1 95  ? 10.838  -13.784 5.241   1.00 51.93 ? 95   GLU A CB  1 
ATOM   718  C  CG  . GLU A 1 95  ? 11.424  -14.215 3.912   1.00 52.49 ? 95   GLU A CG  1 
ATOM   719  C  CD  . GLU A 1 95  ? 12.911  -13.948 3.819   1.00 57.36 ? 95   GLU A CD  1 
ATOM   720  O  OE1 . GLU A 1 95  ? 13.358  -12.904 4.339   1.00 51.66 ? 95   GLU A OE1 1 
ATOM   721  O  OE2 . GLU A 1 95  ? 13.632  -14.786 3.235   1.00 61.71 ? 95   GLU A OE2 1 
ATOM   722  N  N   . ALA A 1 96  ? 8.537   -13.060 7.362   1.00 39.78 ? 96   ALA A N   1 
ATOM   723  C  CA  . ALA A 1 96  ? 8.058   -12.902 8.726   1.00 44.80 ? 96   ALA A CA  1 
ATOM   724  C  C   . ALA A 1 96  ? 6.883   -13.842 8.979   1.00 47.90 ? 96   ALA A C   1 
ATOM   725  O  O   . ALA A 1 96  ? 6.691   -14.331 10.093  1.00 48.30 ? 96   ALA A O   1 
ATOM   726  C  CB  . ALA A 1 96  ? 7.657   -11.471 8.983   1.00 40.88 ? 96   ALA A CB  1 
ATOM   727  N  N   . ILE A 1 97  ? 6.104   -14.095 7.930   1.00 43.85 ? 97   ILE A N   1 
ATOM   728  C  CA  . ILE A 1 97  ? 4.945   -14.978 8.019   1.00 43.40 ? 97   ILE A CA  1 
ATOM   729  C  C   . ILE A 1 97  ? 5.372   -16.430 8.201   1.00 46.58 ? 97   ILE A C   1 
ATOM   730  O  O   . ILE A 1 97  ? 4.844   -17.127 9.066   1.00 48.17 ? 97   ILE A O   1 
ATOM   731  C  CB  . ILE A 1 97  ? 4.056   -14.863 6.770   1.00 39.70 ? 97   ILE A CB  1 
ATOM   732  C  CG1 . ILE A 1 97  ? 3.307   -13.530 6.786   1.00 41.47 ? 97   ILE A CG1 1 
ATOM   733  C  CG2 . ILE A 1 97  ? 3.081   -16.032 6.688   1.00 43.05 ? 97   ILE A CG2 1 
ATOM   734  C  CD1 . ILE A 1 97  ? 2.750   -13.139 5.439   1.00 43.26 ? 97   ILE A CD1 1 
ATOM   735  N  N   . LYS A 1 98  ? 6.316   -16.876 7.375   1.00 46.29 ? 98   LYS A N   1 
ATOM   736  C  CA  . LYS A 1 98  ? 6.876   -18.221 7.492   1.00 47.75 ? 98   LYS A CA  1 
ATOM   737  C  C   . LYS A 1 98  ? 7.357   -18.472 8.908   1.00 54.61 ? 98   LYS A C   1 
ATOM   738  O  O   . LYS A 1 98  ? 7.082   -19.516 9.505   1.00 52.85 ? 98   LYS A O   1 
ATOM   739  C  CB  . LYS A 1 98  ? 8.039   -18.417 6.524   1.00 48.17 ? 98   LYS A CB  1 
ATOM   740  C  CG  . LYS A 1 98  ? 7.632   -18.597 5.084   1.00 53.11 ? 98   LYS A CG  1 
ATOM   741  C  CD  . LYS A 1 98  ? 8.780   -18.271 4.138   1.00 58.16 ? 98   LYS A CD  1 
ATOM   742  C  CE  . LYS A 1 98  ? 9.837   -19.361 4.108   1.00 64.37 ? 98   LYS A CE  1 
ATOM   743  N  NZ  . LYS A 1 98  ? 10.734  -19.186 2.930   1.00 66.77 ? 98   LYS A NZ  1 
ATOM   744  N  N   . PHE A 1 99  ? 8.082   -17.500 9.444   1.00 52.60 ? 99   PHE A N   1 
ATOM   745  C  CA  . PHE A 1 99  ? 8.615   -17.633 10.782  1.00 53.81 ? 99   PHE A CA  1 
ATOM   746  C  C   . PHE A 1 99  ? 7.491   -17.848 11.789  1.00 59.21 ? 99   PHE A C   1 
ATOM   747  O  O   . PHE A 1 99  ? 7.538   -18.813 12.554  1.00 59.97 ? 99   PHE A O   1 
ATOM   748  C  CB  . PHE A 1 99  ? 9.477   -16.409 11.139  1.00 60.40 ? 99   PHE A CB  1 
ATOM   749  C  CG  . PHE A 1 99  ? 9.140   -15.771 12.466  1.00 70.04 ? 99   PHE A CG  1 
ATOM   750  C  CD1 . PHE A 1 99  ? 9.259   -16.465 13.658  1.00 76.03 ? 99   PHE A CD1 1 
ATOM   751  C  CD2 . PHE A 1 99  ? 8.722   -14.463 12.518  1.00 81.78 ? 99   PHE A CD2 1 
ATOM   752  C  CE1 . PHE A 1 99  ? 8.963   -15.860 14.858  1.00 95.15 ? 99   PHE A CE1 1 
ATOM   753  C  CE2 . PHE A 1 99  ? 8.421   -13.877 13.719  1.00 93.98 ? 99   PHE A CE2 1 
ATOM   754  C  CZ  . PHE A 1 99  ? 8.546   -14.570 14.882  1.00 89.20 ? 99   PHE A CZ  1 
ATOM   755  N  N   . ALA A 1 100 ? 6.496   -16.966 11.804  1.00 56.53 ? 100  ALA A N   1 
ATOM   756  C  CA  . ALA A 1 100 ? 5.476   -17.008 12.849  1.00 58.80 ? 100  ALA A CA  1 
ATOM   757  C  C   . ALA A 1 100 ? 4.723   -18.323 12.811  1.00 58.48 ? 100  ALA A C   1 
ATOM   758  O  O   . ALA A 1 100 ? 4.297   -18.844 13.843  1.00 57.46 ? 100  ALA A O   1 
ATOM   759  C  CB  . ALA A 1 100 ? 4.517   -15.858 12.707  1.00 54.88 ? 100  ALA A CB  1 
ATOM   760  N  N   . HIS A 1 101 ? 4.574   -18.852 11.604  1.00 59.49 ? 101  HIS A N   1 
ATOM   761  C  CA  . HIS A 1 101 ? 3.931   -20.136 11.419  1.00 59.95 ? 101  HIS A CA  1 
ATOM   762  C  C   . HIS A 1 101 ? 4.775   -21.256 12.022  1.00 60.04 ? 101  HIS A C   1 
ATOM   763  O  O   . HIS A 1 101 ? 4.239   -22.191 12.621  1.00 60.16 ? 101  HIS A O   1 
ATOM   764  C  CB  . HIS A 1 101 ? 3.681   -20.399 9.939   1.00 63.25 ? 101  HIS A CB  1 
ATOM   765  C  CG  . HIS A 1 101 ? 2.894   -21.642 9.682   1.00 70.02 ? 101  HIS A CG  1 
ATOM   766  N  ND1 . HIS A 1 101 ? 1.566   -21.766 10.028  1.00 74.70 ? 101  HIS A ND1 1 
ATOM   767  C  CD2 . HIS A 1 101 ? 3.254   -22.827 9.137   1.00 71.22 ? 101  HIS A CD2 1 
ATOM   768  C  CE1 . HIS A 1 101 ? 1.138   -22.971 9.696   1.00 74.13 ? 101  HIS A CE1 1 
ATOM   769  N  NE2 . HIS A 1 101 ? 2.142   -23.634 9.154   1.00 70.54 ? 101  HIS A NE2 1 
ATOM   770  N  N   . GLN A 1 102 ? 6.092   -21.158 11.878  1.00 57.77 ? 102  GLN A N   1 
ATOM   771  C  CA  . GLN A 1 102 ? 6.977   -22.221 12.343  1.00 56.20 ? 102  GLN A CA  1 
ATOM   772  C  C   . GLN A 1 102 ? 7.189   -22.186 13.861  1.00 55.83 ? 102  GLN A C   1 
ATOM   773  O  O   . GLN A 1 102 ? 7.520   -23.205 14.470  1.00 56.50 ? 102  GLN A O   1 
ATOM   774  C  CB  . GLN A 1 102 ? 8.318   -22.151 11.605  1.00 56.04 ? 102  GLN A CB  1 
ATOM   775  C  CG  . GLN A 1 102 ? 8.331   -22.980 10.326  1.00 60.13 ? 102  GLN A CG  1 
ATOM   776  C  CD  . GLN A 1 102 ? 9.634   -22.884 9.553   1.00 69.62 ? 102  GLN A CD  1 
ATOM   777  O  OE1 . GLN A 1 102 ? 10.407  -21.941 9.724   1.00 73.04 ? 102  GLN A OE1 1 
ATOM   778  N  NE2 . GLN A 1 102 ? 9.882   -23.866 8.689   1.00 75.65 ? 102  GLN A NE2 1 
ATOM   779  N  N   . LEU A 1 103 ? 6.986   -21.021 14.469  1.00 53.04 ? 103  LEU A N   1 
ATOM   780  C  CA  . LEU A 1 103 ? 7.072   -20.882 15.922  1.00 52.77 ? 103  LEU A CA  1 
ATOM   781  C  C   . LEU A 1 103 ? 5.815   -21.379 16.625  1.00 54.16 ? 103  LEU A C   1 
ATOM   782  O  O   . LEU A 1 103 ? 5.883   -21.998 17.685  1.00 52.43 ? 103  LEU A O   1 
ATOM   783  C  CB  . LEU A 1 103 ? 7.292   -19.425 16.311  1.00 52.75 ? 103  LEU A CB  1 
ATOM   784  C  CG  . LEU A 1 103 ? 8.637   -18.746 16.532  1.00 54.04 ? 103  LEU A CG  1 
ATOM   785  C  CD1 . LEU A 1 103 ? 8.349   -17.693 17.570  1.00 57.15 ? 103  LEU A CD1 1 
ATOM   786  C  CD2 . LEU A 1 103 ? 9.782   -19.662 16.971  1.00 47.55 ? 103  LEU A CD2 1 
ATOM   787  N  N   . GLY A 1 104 ? 4.663   -21.070 16.040  1.00 53.38 ? 104  GLY A N   1 
ATOM   788  C  CA  . GLY A 1 104 ? 3.390   -21.428 16.636  1.00 58.07 ? 104  GLY A CA  1 
ATOM   789  C  C   . GLY A 1 104 ? 2.897   -20.386 17.624  1.00 58.55 ? 104  GLY A C   1 
ATOM   790  O  O   . GLY A 1 104 ? 3.483   -19.306 17.741  1.00 54.06 ? 104  GLY A O   1 
ATOM   791  N  N   . PRO A 1 105 ? 1.822   -20.714 18.361  1.00 56.70 ? 105  PRO A N   1 
ATOM   792  C  CA  . PRO A 1 105 ? 1.175   -19.782 19.293  1.00 54.71 ? 105  PRO A CA  1 
ATOM   793  C  C   . PRO A 1 105 ? 2.040   -19.416 20.498  1.00 52.68 ? 105  PRO A C   1 
ATOM   794  O  O   . PRO A 1 105 ? 1.550   -18.738 21.398  1.00 54.69 ? 105  PRO A O   1 
ATOM   795  C  CB  . PRO A 1 105 ? -0.075  -20.547 19.739  1.00 56.63 ? 105  PRO A CB  1 
ATOM   796  C  CG  . PRO A 1 105 ? 0.282   -21.982 19.562  1.00 60.36 ? 105  PRO A CG  1 
ATOM   797  C  CD  . PRO A 1 105 ? 1.153   -22.027 18.343  1.00 59.61 ? 105  PRO A CD  1 
ATOM   798  N  N   . GLY A 1 106 ? 3.295   -19.860 20.515  1.00 50.48 ? 106  GLY A N   1 
ATOM   799  C  CA  . GLY A 1 106 ? 4.225   -19.493 21.569  1.00 43.91 ? 106  GLY A CA  1 
ATOM   800  C  C   . GLY A 1 106 ? 4.716   -18.070 21.398  1.00 43.70 ? 106  GLY A C   1 
ATOM   801  O  O   . GLY A 1 106 ? 5.186   -17.439 22.343  1.00 39.70 ? 106  GLY A O   1 
ATOM   802  N  N   . LEU A 1 107 ? 4.599   -17.563 20.176  1.00 40.14 ? 107  LEU A N   1 
ATOM   803  C  CA  . LEU A 1 107 ? 4.984   -16.190 19.869  1.00 43.09 ? 107  LEU A CA  1 
ATOM   804  C  C   . LEU A 1 107 ? 3.930   -15.220 20.390  1.00 35.71 ? 107  LEU A C   1 
ATOM   805  O  O   . LEU A 1 107 ? 2.769   -15.291 19.999  1.00 42.56 ? 107  LEU A O   1 
ATOM   806  C  CB  . LEU A 1 107 ? 5.183   -16.020 18.360  1.00 41.48 ? 107  LEU A CB  1 
ATOM   807  C  CG  . LEU A 1 107 ? 5.438   -14.625 17.785  1.00 38.31 ? 107  LEU A CG  1 
ATOM   808  C  CD1 . LEU A 1 107 ? 6.738   -14.027 18.299  1.00 38.65 ? 107  LEU A CD1 1 
ATOM   809  C  CD2 . LEU A 1 107 ? 5.446   -14.694 16.262  1.00 45.41 ? 107  LEU A CD2 1 
ATOM   810  N  N   . PRO A 1 108 ? 4.334   -14.308 21.278  1.00 36.35 ? 108  PRO A N   1 
ATOM   811  C  CA  . PRO A 1 108 ? 3.393   -13.437 21.987  1.00 37.10 ? 108  PRO A CA  1 
ATOM   812  C  C   . PRO A 1 108 ? 2.629   -12.469 21.091  1.00 42.40 ? 108  PRO A C   1 
ATOM   813  O  O   . PRO A 1 108 ? 3.166   -11.962 20.109  1.00 38.89 ? 108  PRO A O   1 
ATOM   814  C  CB  . PRO A 1 108 ? 4.296   -12.655 22.948  1.00 37.93 ? 108  PRO A CB  1 
ATOM   815  C  CG  . PRO A 1 108 ? 5.554   -13.461 23.045  1.00 36.22 ? 108  PRO A CG  1 
ATOM   816  C  CD  . PRO A 1 108 ? 5.724   -14.064 21.693  1.00 35.24 ? 108  PRO A CD  1 
ATOM   817  N  N   . ASN A 1 109 ? 1.380   -12.209 21.458  1.00 43.58 ? 109  ASN A N   1 
ATOM   818  C  CA  . ASN A 1 109 ? 0.563   -11.231 20.756  1.00 42.57 ? 109  ASN A CA  1 
ATOM   819  C  C   . ASN A 1 109 ? 1.203   -9.846  20.817  1.00 46.33 ? 109  ASN A C   1 
ATOM   820  O  O   . ASN A 1 109 ? 1.746   -9.453  21.848  1.00 49.37 ? 109  ASN A O   1 
ATOM   821  C  CB  . ASN A 1 109 ? -0.842  -11.201 21.360  1.00 50.53 ? 109  ASN A CB  1 
ATOM   822  C  CG  . ASN A 1 109 ? -1.844  -10.478 20.482  1.00 61.37 ? 109  ASN A CG  1 
ATOM   823  O  OD1 . ASN A 1 109 ? -2.182  -9.321  20.730  1.00 67.98 ? 109  ASN A OD1 1 
ATOM   824  N  ND2 . ASN A 1 109 ? -2.334  -11.163 19.454  1.00 63.03 ? 109  ASN A ND2 1 
ATOM   825  N  N   . GLY A 1 110 ? 1.162   -9.118  19.705  1.00 48.17 ? 110  GLY A N   1 
ATOM   826  C  CA  . GLY A 1 110 ? 1.668   -7.758  19.672  1.00 43.59 ? 110  GLY A CA  1 
ATOM   827  C  C   . GLY A 1 110 ? 3.142   -7.640  19.335  1.00 42.76 ? 110  GLY A C   1 
ATOM   828  O  O   . GLY A 1 110 ? 3.677   -6.537  19.256  1.00 44.31 ? 110  GLY A O   1 
ATOM   829  N  N   . THR A 1 111 ? 3.799   -8.777  19.132  1.00 40.83 ? 111  THR A N   1 
ATOM   830  C  CA  . THR A 1 111 ? 5.236   -8.792  18.886  1.00 38.53 ? 111  THR A CA  1 
ATOM   831  C  C   . THR A 1 111 ? 5.601   -8.166  17.547  1.00 34.79 ? 111  THR A C   1 
ATOM   832  O  O   . THR A 1 111 ? 5.064   -8.556  16.516  1.00 38.22 ? 111  THR A O   1 
ATOM   833  C  CB  . THR A 1 111 ? 5.791   -10.227 18.912  1.00 42.01 ? 111  THR A CB  1 
ATOM   834  O  OG1 . THR A 1 111 ? 5.488   -10.836 20.173  1.00 40.92 ? 111  THR A OG1 1 
ATOM   835  C  CG2 . THR A 1 111 ? 7.297   -10.225 18.693  1.00 32.54 ? 111  THR A CG2 1 
ATOM   836  N  N   . ILE A 1 112 ? 6.519   -7.207  17.565  1.00 38.54 ? 112  ILE A N   1 
ATOM   837  C  CA  . ILE A 1 112 ? 7.069   -6.681  16.324  1.00 35.73 ? 112  ILE A CA  1 
ATOM   838  C  C   . ILE A 1 112 ? 8.213   -7.568  15.853  1.00 33.13 ? 112  ILE A C   1 
ATOM   839  O  O   . ILE A 1 112 ? 9.280   -7.629  16.461  1.00 36.66 ? 112  ILE A O   1 
ATOM   840  C  CB  . ILE A 1 112 ? 7.556   -5.233  16.472  1.00 34.14 ? 112  ILE A CB  1 
ATOM   841  C  CG1 . ILE A 1 112 ? 6.375   -4.325  16.805  1.00 37.89 ? 112  ILE A CG1 1 
ATOM   842  C  CG2 . ILE A 1 112 ? 8.228   -4.768  15.192  1.00 32.32 ? 112  ILE A CG2 1 
ATOM   843  C  CD1 . ILE A 1 112 ? 6.761   -2.887  17.059  1.00 40.24 ? 112  ILE A CD1 1 
ATOM   844  N  N   . ILE A 1 113 ? 7.950   -8.258  14.755  1.00 33.27 ? 113  ILE A N   1 
ATOM   845  C  CA  . ILE A 1 113 ? 8.858   -9.211  14.146  1.00 34.48 ? 113  ILE A CA  1 
ATOM   846  C  C   . ILE A 1 113 ? 9.988   -8.560  13.349  1.00 38.79 ? 113  ILE A C   1 
ATOM   847  O  O   . ILE A 1 113 ? 11.125  -9.030  13.345  1.00 38.70 ? 113  ILE A O   1 
ATOM   848  C  CB  . ILE A 1 113 ? 8.044   -10.134 13.232  1.00 38.32 ? 113  ILE A CB  1 
ATOM   849  C  CG1 . ILE A 1 113 ? 7.064   -10.952 14.071  1.00 45.56 ? 113  ILE A CG1 1 
ATOM   850  C  CG2 . ILE A 1 113 ? 8.931   -10.970 12.352  1.00 47.75 ? 113  ILE A CG2 1 
ATOM   851  C  CD1 . ILE A 1 113 ? 5.987   -11.599 13.249  1.00 44.43 ? 113  ILE A CD1 1 
ATOM   852  N  N   . LYS A 1 114 ? 9.675   -7.467  12.663  1.00 31.41 ? 114  LYS A N   1 
ATOM   853  C  CA  . LYS A 1 114 ? 10.667  -6.831  11.818  1.00 36.20 ? 114  LYS A CA  1 
ATOM   854  C  C   . LYS A 1 114 ? 10.384  -5.335  11.746  1.00 32.30 ? 114  LYS A C   1 
ATOM   855  O  O   . LYS A 1 114 ? 9.232   -4.926  11.785  1.00 32.86 ? 114  LYS A O   1 
ATOM   856  C  CB  . LYS A 1 114 ? 10.661  -7.470  10.423  1.00 41.34 ? 114  LYS A CB  1 
ATOM   857  C  CG  . LYS A 1 114 ? 11.895  -7.170  9.591   1.00 40.13 ? 114  LYS A CG  1 
ATOM   858  C  CD  . LYS A 1 114 ? 11.818  -7.818  8.213   1.00 42.65 ? 114  LYS A CD  1 
ATOM   859  C  CE  . LYS A 1 114 ? 12.120  -9.308  8.258   1.00 48.87 ? 114  LYS A CE  1 
ATOM   860  N  NZ  . LYS A 1 114 ? 13.589  -9.577  8.237   1.00 47.15 ? 114  LYS A NZ  1 
ATOM   861  N  N   . LYS A 1 115 ? 11.441  -4.533  11.712  1.00 29.72 ? 115  LYS A N   1 
ATOM   862  C  CA  . LYS A 1 115 ? 11.338  -3.103  11.444  1.00 32.67 ? 115  LYS A CA  1 
ATOM   863  C  C   . LYS A 1 115 ? 12.073  -2.792  10.150  1.00 38.79 ? 115  LYS A C   1 
ATOM   864  O  O   . LYS A 1 115 ? 13.225  -3.183  9.980   1.00 32.96 ? 115  LYS A O   1 
ATOM   865  C  CB  . LYS A 1 115 ? 11.921  -2.273  12.588  1.00 40.12 ? 115  LYS A CB  1 
ATOM   866  C  CG  . LYS A 1 115 ? 10.939  -1.923  13.681  1.00 38.76 ? 115  LYS A CG  1 
ATOM   867  C  CD  . LYS A 1 115 ? 11.497  -0.812  14.564  1.00 48.68 ? 115  LYS A CD  1 
ATOM   868  C  CE  . LYS A 1 115 ? 11.954  0.375   13.722  1.00 52.45 ? 115  LYS A CE  1 
ATOM   869  N  NZ  . LYS A 1 115 ? 12.255  1.593   14.530  1.00 56.26 ? 115  LYS A NZ  1 
ATOM   870  N  N   . ILE A 1 116 ? 11.410  -2.106  9.224   1.00 27.82 ? 116  ILE A N   1 
ATOM   871  C  CA  . ILE A 1 116 ? 12.063  -1.742  7.979   1.00 29.12 ? 116  ILE A CA  1 
ATOM   872  C  C   . ILE A 1 116 ? 12.226  -0.227  7.912   1.00 31.01 ? 116  ILE A C   1 
ATOM   873  O  O   . ILE A 1 116 ? 11.255  0.515   8.012   1.00 28.86 ? 116  ILE A O   1 
ATOM   874  C  CB  . ILE A 1 116 ? 11.280  -2.257  6.755   1.00 25.52 ? 116  ILE A CB  1 
ATOM   875  C  CG1 . ILE A 1 116 ? 10.975  -3.751  6.917   1.00 34.40 ? 116  ILE A CG1 1 
ATOM   876  C  CG2 . ILE A 1 116 ? 12.050  -1.969  5.465   1.00 33.02 ? 116  ILE A CG2 1 
ATOM   877  C  CD1 . ILE A 1 116 ? 10.752  -4.488  5.614   1.00 42.55 ? 116  ILE A CD1 1 
ATOM   878  N  N   . GLU A 1 117 ? 13.464  0.229   7.763   1.00 35.01 ? 117  GLU A N   1 
ATOM   879  C  CA  . GLU A 1 117 ? 13.740  1.659   7.821   1.00 35.96 ? 117  GLU A CA  1 
ATOM   880  C  C   . GLU A 1 117 ? 13.561  2.323   6.465   1.00 24.91 ? 117  GLU A C   1 
ATOM   881  O  O   . GLU A 1 117 ? 13.904  1.741   5.443   1.00 24.58 ? 117  GLU A O   1 
ATOM   882  C  CB  . GLU A 1 117 ? 15.160  1.910   8.333   1.00 35.50 ? 117  GLU A CB  1 
ATOM   883  C  CG  . GLU A 1 117 ? 15.412  1.347   9.717   1.00 48.55 ? 117  GLU A CG  1 
ATOM   884  C  CD  . GLU A 1 117 ? 14.387  1.825   10.725  1.00 48.09 ? 117  GLU A CD  1 
ATOM   885  O  OE1 . GLU A 1 117 ? 14.549  2.944   11.259  1.00 57.61 ? 117  GLU A OE1 1 
ATOM   886  O  OE2 . GLU A 1 117 ? 13.415  1.080   10.980  1.00 50.62 ? 117  GLU A OE2 1 
ATOM   887  N  N   . PRO A 1 118 ? 13.032  3.556   6.455   1.00 24.08 ? 118  PRO A N   1 
ATOM   888  C  CA  . PRO A 1 118 ? 13.011  4.292   5.186   1.00 24.66 ? 118  PRO A CA  1 
ATOM   889  C  C   . PRO A 1 118 ? 14.421  4.481   4.647   1.00 25.80 ? 118  PRO A C   1 
ATOM   890  O  O   . PRO A 1 118 ? 15.346  4.695   5.426   1.00 25.17 ? 118  PRO A O   1 
ATOM   891  C  CB  . PRO A 1 118 ? 12.401  5.643   5.561   1.00 25.66 ? 118  PRO A CB  1 
ATOM   892  C  CG  . PRO A 1 118 ? 11.715  5.419   6.865   1.00 27.36 ? 118  PRO A CG  1 
ATOM   893  C  CD  . PRO A 1 118 ? 12.510  4.363   7.570   1.00 27.26 ? 118  PRO A CD  1 
ATOM   894  N  N   . SER A 1 119 ? 14.579  4.401   3.334   1.00 23.14 ? 119  SER A N   1 
ATOM   895  C  CA  . SER A 1 119 ? 15.878  4.635   2.730   1.00 22.95 ? 119  SER A CA  1 
ATOM   896  C  C   . SER A 1 119 ? 15.654  5.157   1.345   1.00 25.27 ? 119  SER A C   1 
ATOM   897  O  O   . SER A 1 119 ? 14.521  5.289   0.900   1.00 22.99 ? 119  SER A O   1 
ATOM   898  C  CB  . SER A 1 119 ? 16.708  3.361   2.673   1.00 24.72 ? 119  SER A CB  1 
ATOM   899  O  OG  . SER A 1 119 ? 16.277  2.556   1.590   1.00 29.12 ? 119  SER A OG  1 
ATOM   900  N  N   . ARG A 1 120 ? 16.744  5.431   0.649   1.00 24.16 ? 120  ARG A N   1 
ATOM   901  C  CA  . ARG A 1 120 ? 16.636  5.950   -0.696  1.00 23.17 ? 120  ARG A CA  1 
ATOM   902  C  C   . ARG A 1 120 ? 16.286  4.872   -1.698  1.00 28.02 ? 120  ARG A C   1 
ATOM   903  O  O   . ARG A 1 120 ? 16.083  5.160   -2.872  1.00 36.12 ? 120  ARG A O   1 
ATOM   904  C  CB  . ARG A 1 120 ? 17.938  6.626   -1.083  1.00 24.80 ? 120  ARG A CB  1 
ATOM   905  C  CG  . ARG A 1 120 ? 18.042  7.998   -0.488  1.00 24.53 ? 120  ARG A CG  1 
ATOM   906  C  CD  . ARG A 1 120 ? 18.404  8.930   -1.604  1.00 39.86 ? 120  ARG A CD  1 
ATOM   907  N  NE  . ARG A 1 120 ? 19.810  8.857   -1.909  1.00 47.29 ? 120  ARG A NE  1 
ATOM   908  C  CZ  . ARG A 1 120 ? 20.358  9.240   -3.051  1.00 38.68 ? 120  ARG A CZ  1 
ATOM   909  N  NH1 . ARG A 1 120 ? 19.613  9.746   -4.027  1.00 42.24 ? 120  ARG A NH1 1 
ATOM   910  N  NH2 . ARG A 1 120 ? 21.662  9.101   -3.209  1.00 48.43 ? 120  ARG A NH2 1 
ATOM   911  N  N   . LYS A 1 121 ? 16.220  3.632   -1.225  1.00 29.71 ? 121  LYS A N   1 
ATOM   912  C  CA  . LYS A 1 121 ? 15.882  2.509   -2.084  1.00 31.07 ? 121  LYS A CA  1 
ATOM   913  C  C   . LYS A 1 121 ? 14.475  2.000   -1.808  1.00 28.06 ? 121  LYS A C   1 
ATOM   914  O  O   . LYS A 1 121 ? 14.094  0.941   -2.303  1.00 33.00 ? 121  LYS A O   1 
ATOM   915  C  CB  . LYS A 1 121 ? 16.897  1.378   -1.911  1.00 36.82 ? 121  LYS A CB  1 
ATOM   916  C  CG  . LYS A 1 121 ? 18.264  1.695   -2.505  1.00 43.56 ? 121  LYS A CG  1 
ATOM   917  C  CD  . LYS A 1 121 ? 18.176  1.891   -4.013  1.00 49.59 ? 121  LYS A CD  1 
ATOM   918  C  CE  . LYS A 1 121 ? 19.517  2.317   -4.599  1.00 61.62 ? 121  LYS A CE  1 
ATOM   919  N  NZ  . LYS A 1 121 ? 20.586  1.325   -4.280  1.00 60.35 ? 121  LYS A NZ  1 
ATOM   920  N  N   . ASN A 1 122 ? 13.705  2.737   -1.013  1.00 24.83 ? 122  ASN A N   1 
ATOM   921  C  CA  . ASN A 1 122 ? 12.284  2.401   -0.873  1.00 25.80 ? 122  ASN A CA  1 
ATOM   922  C  C   . ASN A 1 122 ? 11.399  3.647   -0.777  1.00 22.63 ? 122  ASN A C   1 
ATOM   923  O  O   . ASN A 1 122 ? 11.886  4.780   -0.866  1.00 23.19 ? 122  ASN A O   1 
ATOM   924  C  CB  . ASN A 1 122 ? 12.049  1.460   0.327   1.00 26.69 ? 122  ASN A CB  1 
ATOM   925  C  CG  . ASN A 1 122 ? 12.393  2.085   1.686   1.00 27.25 ? 122  ASN A CG  1 
ATOM   926  O  OD1 . ASN A 1 122 ? 12.098  3.244   1.960   1.00 22.69 ? 122  ASN A OD1 1 
ATOM   927  N  ND2 . ASN A 1 122 ? 12.992  1.279   2.563   1.00 24.98 ? 122  ASN A ND2 1 
ATOM   928  N  N   . CYS A 1 123 ? 10.091  3.434   -0.638  1.00 21.48 ? 123  CYS A N   1 
ATOM   929  C  CA  . CYS A 1 123 ? 9.145   4.546   -0.583  1.00 22.30 ? 123  CYS A CA  1 
ATOM   930  C  C   . CYS A 1 123 ? 8.500   4.723   0.790   1.00 20.98 ? 123  CYS A C   1 
ATOM   931  O  O   . CYS A 1 123 ? 7.457   5.357   0.911   1.00 21.60 ? 123  CYS A O   1 
ATOM   932  C  CB  . CYS A 1 123 ? 8.038   4.364   -1.633  1.00 22.27 ? 123  CYS A CB  1 
ATOM   933  S  SG  . CYS A 1 123 ? 8.615   4.372   -3.351  1.00 26.95 ? 123  CYS A SG  1 
ATOM   934  N  N   . LEU A 1 124 ? 9.101   4.172   1.837   1.00 18.66 ? 124  LEU A N   1 
ATOM   935  C  CA  . LEU A 1 124 ? 8.536   4.362   3.163   1.00 20.87 ? 124  LEU A CA  1 
ATOM   936  C  C   . LEU A 1 124 ? 8.732   5.787   3.668   1.00 24.84 ? 124  LEU A C   1 
ATOM   937  O  O   . LEU A 1 124 ? 9.811   6.364   3.507   1.00 25.76 ? 124  LEU A O   1 
ATOM   938  C  CB  . LEU A 1 124 ? 9.168   3.393   4.159   1.00 20.69 ? 124  LEU A CB  1 
ATOM   939  C  CG  . LEU A 1 124 ? 9.081   1.932   3.737   1.00 20.77 ? 124  LEU A CG  1 
ATOM   940  C  CD1 . LEU A 1 124 ? 9.811   1.084   4.790   1.00 23.99 ? 124  LEU A CD1 1 
ATOM   941  C  CD2 . LEU A 1 124 ? 7.635   1.501   3.607   1.00 24.21 ? 124  LEU A CD2 1 
ATOM   942  N  N   . SER A 1 125 ? 7.708   6.346   4.301   1.00 19.55 ? 125  SER A N   1 
ATOM   943  C  CA  . SER A 1 125 ? 7.835   7.673   4.895   1.00 22.76 ? 125  SER A CA  1 
ATOM   944  C  C   . SER A 1 125 ? 8.213   7.573   6.379   1.00 26.84 ? 125  SER A C   1 
ATOM   945  O  O   . SER A 1 125 ? 8.670   8.543   6.991   1.00 24.36 ? 125  SER A O   1 
ATOM   946  C  CB  . SER A 1 125 ? 6.549   8.476   4.695   1.00 23.40 ? 125  SER A CB  1 
ATOM   947  O  OG  . SER A 1 125 ? 5.465   7.890   5.373   1.00 28.45 ? 125  SER A OG  1 
ATOM   948  N  N   . GLU A 1 126 ? 8.045   6.380   6.942   1.00 23.51 ? 126  GLU A N   1 
ATOM   949  C  CA  . GLU A 1 126 ? 8.450   6.090   8.313   1.00 24.90 ? 126  GLU A CA  1 
ATOM   950  C  C   . GLU A 1 126 ? 8.717   4.598   8.419   1.00 25.60 ? 126  GLU A C   1 
ATOM   951  O  O   . GLU A 1 126 ? 8.379   3.841   7.506   1.00 24.32 ? 126  GLU A O   1 
ATOM   952  C  CB  . GLU A 1 126 ? 7.369   6.514   9.305   1.00 27.01 ? 126  GLU A CB  1 
ATOM   953  C  CG  . GLU A 1 126 ? 6.073   5.764   9.113   1.00 28.11 ? 126  GLU A CG  1 
ATOM   954  C  CD  . GLU A 1 126 ? 5.023   6.146   10.127  1.00 26.30 ? 126  GLU A CD  1 
ATOM   955  O  OE1 . GLU A 1 126 ? 5.163   7.210   10.765  1.00 30.37 ? 126  GLU A OE1 1 
ATOM   956  O  OE2 . GLU A 1 126 ? 4.051   5.378   10.279  1.00 28.80 ? 126  GLU A OE2 1 
ATOM   957  N  N   . SER A 1 127 ? 9.325   4.174   9.524   1.00 23.80 ? 127  SER A N   1 
ATOM   958  C  CA  . SER A 1 127 ? 9.644   2.765   9.705   1.00 26.74 ? 127  SER A CA  1 
ATOM   959  C  C   . SER A 1 127 ? 8.386   1.915   9.618   1.00 25.97 ? 127  SER A C   1 
ATOM   960  O  O   . SER A 1 127 ? 7.348   2.265   10.181  1.00 28.72 ? 127  SER A O   1 
ATOM   961  C  CB  . SER A 1 127 ? 10.348  2.549   11.039  1.00 31.58 ? 127  SER A CB  1 
ATOM   962  O  OG  . SER A 1 127 ? 11.631  3.159   11.012  1.00 41.36 ? 127  SER A OG  1 
ATOM   963  N  N   . SER A 1 128 ? 8.484   0.829   8.864   1.00 25.25 ? 128  SER A N   1 
ATOM   964  C  CA  . SER A 1 128 ? 7.357   -0.068  8.622   1.00 28.25 ? 128  SER A CA  1 
ATOM   965  C  C   . SER A 1 128 ? 7.502   -1.252  9.551   1.00 27.71 ? 128  SER A C   1 
ATOM   966  O  O   . SER A 1 128 ? 8.558   -1.862  9.590   1.00 27.61 ? 128  SER A O   1 
ATOM   967  C  CB  . SER A 1 128 ? 7.334   -0.528  7.164   1.00 30.89 ? 128  SER A CB  1 
ATOM   968  O  OG  . SER A 1 128 ? 6.391   -1.566  6.955   1.00 29.37 ? 128  SER A OG  1 
ATOM   969  N  N   . HIS A 1 129 ? 6.448   -1.556  10.295  1.00 31.34 ? 129  HIS A N   1 
ATOM   970  C  CA  . HIS A 1 129 ? 6.480   -2.647  11.264  1.00 35.70 ? 129  HIS A CA  1 
ATOM   971  C  C   . HIS A 1 129 ? 5.758   -3.869  10.745  1.00 31.83 ? 129  HIS A C   1 
ATOM   972  O  O   . HIS A 1 129 ? 4.645   -3.767  10.241  1.00 29.39 ? 129  HIS A O   1 
ATOM   973  C  CB  . HIS A 1 129 ? 5.843   -2.221  12.582  1.00 30.31 ? 129  HIS A CB  1 
ATOM   974  C  CG  . HIS A 1 129 ? 6.602   -1.159  13.309  1.00 34.62 ? 129  HIS A CG  1 
ATOM   975  N  ND1 . HIS A 1 129 ? 7.875   -0.777  12.951  1.00 40.11 ? 129  HIS A ND1 1 
ATOM   976  C  CD2 . HIS A 1 129 ? 6.265   -0.401  14.378  1.00 38.16 ? 129  HIS A CD2 1 
ATOM   977  C  CE1 . HIS A 1 129 ? 8.291   0.177   13.767  1.00 40.97 ? 129  HIS A CE1 1 
ATOM   978  N  NE2 . HIS A 1 129 ? 7.334   0.420   14.642  1.00 43.13 ? 129  HIS A NE2 1 
ATOM   979  N  N   . ILE A 1 130 ? 6.400   -5.028  10.861  1.00 27.51 ? 130  ILE A N   1 
ATOM   980  C  CA  . ILE A 1 130 ? 5.719   -6.298  10.640  1.00 31.09 ? 130  ILE A CA  1 
ATOM   981  C  C   . ILE A 1 130 ? 5.385   -6.864  12.011  1.00 32.64 ? 130  ILE A C   1 
ATOM   982  O  O   . ILE A 1 130 ? 6.284   -7.082  12.817  1.00 32.76 ? 130  ILE A O   1 
ATOM   983  C  CB  . ILE A 1 130 ? 6.570   -7.270  9.839   1.00 31.91 ? 130  ILE A CB  1 
ATOM   984  C  CG1 . ILE A 1 130 ? 6.922   -6.652  8.477   1.00 32.19 ? 130  ILE A CG1 1 
ATOM   985  C  CG2 . ILE A 1 130 ? 5.829   -8.576  9.653   1.00 36.15 ? 130  ILE A CG2 1 
ATOM   986  C  CD1 . ILE A 1 130 ? 7.860   -7.488  7.652   1.00 35.77 ? 130  ILE A CD1 1 
ATOM   987  N  N   . VAL A 1 131 ? 4.095   -7.078  12.266  1.00 32.03 ? 131  VAL A N   1 
ATOM   988  C  CA  . VAL A 1 131 ? 3.564   -7.298  13.612  1.00 35.26 ? 131  VAL A CA  1 
ATOM   989  C  C   . VAL A 1 131 ? 2.612   -8.497  13.667  1.00 38.21 ? 131  VAL A C   1 
ATOM   990  O  O   . VAL A 1 131 ? 1.859   -8.726  12.730  1.00 36.62 ? 131  VAL A O   1 
ATOM   991  C  CB  . VAL A 1 131 ? 2.800   -6.041  14.108  1.00 42.29 ? 131  VAL A CB  1 
ATOM   992  C  CG1 . VAL A 1 131 ? 2.322   -6.215  15.537  1.00 41.06 ? 131  VAL A CG1 1 
ATOM   993  C  CG2 . VAL A 1 131 ? 3.663   -4.804  13.982  1.00 39.60 ? 131  VAL A CG2 1 
ATOM   994  N  N   . LEU A 1 132 ? 2.641   -9.262  14.759  1.00 39.56 ? 132  LEU A N   1 
ATOM   995  C  CA  . LEU A 1 132 ? 1.679   -10.351 14.938  1.00 40.65 ? 132  LEU A CA  1 
ATOM   996  C  C   . LEU A 1 132 ? 0.429   -9.842  15.640  1.00 46.47 ? 132  LEU A C   1 
ATOM   997  O  O   . LEU A 1 132 ? 0.520   -9.144  16.652  1.00 41.80 ? 132  LEU A O   1 
ATOM   998  C  CB  . LEU A 1 132 ? 2.289   -11.509 15.735  1.00 36.82 ? 132  LEU A CB  1 
ATOM   999  C  CG  . LEU A 1 132 ? 1.328   -12.651 16.111  1.00 45.52 ? 132  LEU A CG  1 
ATOM   1000 C  CD1 . LEU A 1 132 ? 0.970   -13.529 14.919  1.00 47.87 ? 132  LEU A CD1 1 
ATOM   1001 C  CD2 . LEU A 1 132 ? 1.895   -13.501 17.238  1.00 43.54 ? 132  LEU A CD2 1 
ATOM   1002 N  N   . GLY A 1 135 ? -2.946  -13.689 15.913  1.00 57.88 ? 135  GLY A N   1 
ATOM   1003 C  CA  . GLY A 1 135 ? -3.187  -14.725 14.929  1.00 61.40 ? 135  GLY A CA  1 
ATOM   1004 C  C   . GLY A 1 135 ? -2.774  -14.301 13.536  1.00 60.15 ? 135  GLY A C   1 
ATOM   1005 O  O   . GLY A 1 135 ? -2.434  -15.136 12.696  1.00 59.05 ? 135  GLY A O   1 
ATOM   1006 N  N   . LYS A 1 136 ? -2.795  -12.996 13.291  1.00 58.97 ? 136  LYS A N   1 
ATOM   1007 C  CA  . LYS A 1 136 ? -2.461  -12.472 11.973  1.00 55.14 ? 136  LYS A CA  1 
ATOM   1008 C  C   . LYS A 1 136 ? -1.123  -11.748 11.973  1.00 43.67 ? 136  LYS A C   1 
ATOM   1009 O  O   . LYS A 1 136 ? -0.838  -10.958 12.871  1.00 43.84 ? 136  LYS A O   1 
ATOM   1010 C  CB  . LYS A 1 136 ? -3.563  -11.531 11.482  1.00 57.78 ? 136  LYS A CB  1 
ATOM   1011 C  CG  . LYS A 1 136 ? -4.910  -12.217 11.325  1.00 70.85 ? 136  LYS A CG  1 
ATOM   1012 C  CD  . LYS A 1 136 ? -6.056  -11.224 11.241  1.00 77.78 ? 136  LYS A CD  1 
ATOM   1013 C  CE  . LYS A 1 136 ? -7.394  -11.942 11.340  1.00 86.66 ? 136  LYS A CE  1 
ATOM   1014 N  NZ  . LYS A 1 136 ? -8.514  -11.121 10.804  1.00 90.74 ? 136  LYS A NZ  1 
ATOM   1015 N  N   . ILE A 1 137 ? -0.299  -12.041 10.971  1.00 44.64 ? 137  ILE A N   1 
ATOM   1016 C  CA  . ILE A 1 137 ? 0.884   -11.236 10.707  1.00 38.65 ? 137  ILE A CA  1 
ATOM   1017 C  C   . ILE A 1 137 ? 0.472   -10.100 9.790   1.00 36.41 ? 137  ILE A C   1 
ATOM   1018 O  O   . ILE A 1 137 ? -0.199  -10.316 8.785   1.00 38.93 ? 137  ILE A O   1 
ATOM   1019 C  CB  . ILE A 1 137 ? 2.017   -12.037 10.054  1.00 37.73 ? 137  ILE A CB  1 
ATOM   1020 C  CG1 . ILE A 1 137 ? 2.308   -13.285 10.866  1.00 45.01 ? 137  ILE A CG1 1 
ATOM   1021 C  CG2 . ILE A 1 137 ? 3.285   -11.208 10.019  1.00 35.23 ? 137  ILE A CG2 1 
ATOM   1022 C  CD1 . ILE A 1 137 ? 2.905   -12.946 12.175  1.00 42.78 ? 137  ILE A CD1 1 
ATOM   1023 N  N   . VAL A 1 138 ? 0.887   -8.894  10.147  1.00 33.31 ? 138  VAL A N   1 
ATOM   1024 C  CA  . VAL A 1 138 ? 0.429   -7.689  9.474   1.00 33.45 ? 138  VAL A CA  1 
ATOM   1025 C  C   . VAL A 1 138 ? 1.608   -6.746  9.244   1.00 35.50 ? 138  VAL A C   1 
ATOM   1026 O  O   . VAL A 1 138 ? 2.471   -6.624  10.106  1.00 33.84 ? 138  VAL A O   1 
ATOM   1027 C  CB  . VAL A 1 138 ? -0.668  -7.016  10.313  1.00 33.19 ? 138  VAL A CB  1 
ATOM   1028 C  CG1 . VAL A 1 138 ? -0.384  -5.541  10.540  1.00 41.50 ? 138  VAL A CG1 1 
ATOM   1029 C  CG2 . VAL A 1 138 ? -2.038  -7.273  9.699   1.00 43.12 ? 138  VAL A CG2 1 
ATOM   1030 N  N   . GLN A 1 139 ? 1.671   -6.106  8.076   1.00 31.92 ? 139  GLN A N   1 
ATOM   1031 C  CA  . GLN A 1 139 ? 2.696   -5.089  7.859   1.00 31.15 ? 139  GLN A CA  1 
ATOM   1032 C  C   . GLN A 1 139 ? 2.060   -3.722  7.661   1.00 26.50 ? 139  GLN A C   1 
ATOM   1033 O  O   . GLN A 1 139 ? 1.265   -3.514  6.743   1.00 29.50 ? 139  GLN A O   1 
ATOM   1034 C  CB  . GLN A 1 139 ? 3.589   -5.428  6.661   1.00 28.10 ? 139  GLN A CB  1 
ATOM   1035 C  CG  . GLN A 1 139 ? 4.730   -4.425  6.486   1.00 27.62 ? 139  GLN A CG  1 
ATOM   1036 C  CD  . GLN A 1 139 ? 5.737   -4.809  5.411   1.00 24.69 ? 139  GLN A CD  1 
ATOM   1037 O  OE1 . GLN A 1 139 ? 5.591   -5.809  4.724   1.00 31.53 ? 139  GLN A OE1 1 
ATOM   1038 N  NE2 . GLN A 1 139 ? 6.778   -3.994  5.268   1.00 27.55 ? 139  GLN A NE2 1 
ATOM   1039 N  N   . ASN A 1 140 ? 2.405   -2.790  8.537   1.00 27.37 ? 140  ASN A N   1 
ATOM   1040 C  CA  . ASN A 1 140 ? 1.890   -1.433  8.439   1.00 31.66 ? 140  ASN A CA  1 
ATOM   1041 C  C   . ASN A 1 140 ? 2.842   -0.596  7.602   1.00 32.47 ? 140  ASN A C   1 
ATOM   1042 O  O   . ASN A 1 140 ? 4.029   -0.564  7.883   1.00 28.82 ? 140  ASN A O   1 
ATOM   1043 C  CB  . ASN A 1 140 ? 1.699   -0.841  9.832   1.00 30.15 ? 140  ASN A CB  1 
ATOM   1044 C  CG  . ASN A 1 140 ? 0.755   -1.670  10.675  1.00 37.28 ? 140  ASN A CG  1 
ATOM   1045 O  OD1 . ASN A 1 140 ? -0.301  -2.092  10.200  1.00 36.84 ? 140  ASN A OD1 1 
ATOM   1046 N  ND2 . ASN A 1 140 ? 1.138   -1.932  11.921  1.00 42.01 ? 140  ASN A ND2 1 
ATOM   1047 N  N   . MET A 1 141 ? 2.326   0.038   6.550   1.00 25.40 ? 141  MET A N   1 
ATOM   1048 C  CA  . MET A 1 141 ? 3.169   0.816   5.640   1.00 28.17 ? 141  MET A CA  1 
ATOM   1049 C  C   . MET A 1 141 ? 2.601   2.209   5.485   1.00 26.72 ? 141  MET A C   1 
ATOM   1050 O  O   . MET A 1 141 ? 1.406   2.371   5.264   1.00 28.86 ? 141  MET A O   1 
ATOM   1051 C  CB  . MET A 1 141 ? 3.260   0.163   4.254   1.00 29.32 ? 141  MET A CB  1 
ATOM   1052 C  CG  . MET A 1 141 ? 4.024   -1.141  4.174   1.00 31.82 ? 141  MET A CG  1 
ATOM   1053 S  SD  . MET A 1 141 ? 4.378   -1.627  2.461   1.00 40.13 ? 141  MET A SD  1 
ATOM   1054 C  CE  . MET A 1 141 ? 3.399   -0.472  1.553   1.00 49.36 ? 141  MET A CE  1 
ATOM   1055 N  N   . PHE A 1 142 ? 3.460   3.210   5.611   1.00 21.82 ? 142  PHE A N   1 
ATOM   1056 C  CA  . PHE A 1 142 ? 3.111   4.578   5.262   1.00 19.49 ? 142  PHE A CA  1 
ATOM   1057 C  C   . PHE A 1 142 ? 4.006   4.939   4.093   1.00 20.83 ? 142  PHE A C   1 
ATOM   1058 O  O   . PHE A 1 142 ? 5.214   5.006   4.254   1.00 22.23 ? 142  PHE A O   1 
ATOM   1059 C  CB  . PHE A 1 142 ? 3.317   5.523   6.446   1.00 25.67 ? 142  PHE A CB  1 
ATOM   1060 C  CG  . PHE A 1 142 ? 2.192   6.487   6.661   1.00 27.29 ? 142  PHE A CG  1 
ATOM   1061 C  CD1 . PHE A 1 142 ? 1.760   7.315   5.635   1.00 25.73 ? 142  PHE A CD1 1 
ATOM   1062 C  CD2 . PHE A 1 142 ? 1.560   6.566   7.886   1.00 32.24 ? 142  PHE A CD2 1 
ATOM   1063 C  CE1 . PHE A 1 142 ? 0.718   8.201   5.835   1.00 25.97 ? 142  PHE A CE1 1 
ATOM   1064 C  CE2 . PHE A 1 142 ? 0.514   7.451   8.092   1.00 32.08 ? 142  PHE A CE2 1 
ATOM   1065 C  CZ  . PHE A 1 142 ? 0.096   8.271   7.063   1.00 31.32 ? 142  PHE A CZ  1 
ATOM   1066 N  N   . LEU A 1 143 ? 3.420   5.134   2.911   1.00 18.22 ? 143  LEU A N   1 
ATOM   1067 C  CA  . LEU A 1 143 ? 4.185   5.305   1.686   1.00 17.90 ? 143  LEU A CA  1 
ATOM   1068 C  C   . LEU A 1 143 ? 4.221   6.750   1.244   1.00 18.26 ? 143  LEU A C   1 
ATOM   1069 O  O   . LEU A 1 143 ? 3.193   7.408   1.179   1.00 19.63 ? 143  LEU A O   1 
ATOM   1070 C  CB  . LEU A 1 143 ? 3.594   4.469   0.551   1.00 19.91 ? 143  LEU A CB  1 
ATOM   1071 C  CG  . LEU A 1 143 ? 3.650   2.953   0.682   1.00 20.29 ? 143  LEU A CG  1 
ATOM   1072 C  CD1 . LEU A 1 143 ? 2.934   2.328   -0.507  1.00 21.92 ? 143  LEU A CD1 1 
ATOM   1073 C  CD2 . LEU A 1 143 ? 5.097   2.517   0.725   1.00 24.84 ? 143  LEU A CD2 1 
ATOM   1074 N  N   . ARG A 1 144 ? 5.422   7.218   0.952   1.00 17.75 ? 144  ARG A N   1 
ATOM   1075 C  CA  . ARG A 1 144 ? 5.658   8.500   0.314   1.00 17.82 ? 144  ARG A CA  1 
ATOM   1076 C  C   . ARG A 1 144 ? 5.472   8.398   -1.190  1.00 20.28 ? 144  ARG A C   1 
ATOM   1077 O  O   . ARG A 1 144 ? 6.188   7.653   -1.845  1.00 19.76 ? 144  ARG A O   1 
ATOM   1078 C  CB  . ARG A 1 144 ? 7.078   8.960   0.623   1.00 20.38 ? 144  ARG A CB  1 
ATOM   1079 C  CG  . ARG A 1 144 ? 7.499   10.184  -0.107  1.00 35.72 ? 144  ARG A CG  1 
ATOM   1080 C  CD  . ARG A 1 144 ? 7.542   11.307  0.861   1.00 37.26 ? 144  ARG A CD  1 
ATOM   1081 N  NE  . ARG A 1 144 ? 6.518   12.299  0.588   1.00 40.24 ? 144  ARG A NE  1 
ATOM   1082 C  CZ  . ARG A 1 144 ? 5.901   12.993  1.530   1.00 35.47 ? 144  ARG A CZ  1 
ATOM   1083 N  NH1 . ARG A 1 144 ? 6.205   12.790  2.807   1.00 38.48 ? 144  ARG A NH1 1 
ATOM   1084 N  NH2 . ARG A 1 144 ? 4.987   13.885  1.194   1.00 32.95 ? 144  ARG A NH2 1 
ATOM   1085 N  N   . LEU A 1 145 ? 4.524   9.138   -1.759  1.00 16.42 ? 145  LEU A N   1 
ATOM   1086 C  CA  . LEU A 1 145 ? 4.343   9.068   -3.205  1.00 16.66 ? 145  LEU A CA  1 
ATOM   1087 C  C   . LEU A 1 145 ? 5.464   9.789   -3.961  1.00 16.33 ? 145  LEU A C   1 
ATOM   1088 O  O   . LEU A 1 145 ? 5.907   10.876  -3.576  1.00 17.06 ? 145  LEU A O   1 
ATOM   1089 C  CB  . LEU A 1 145 ? 2.985   9.643   -3.608  1.00 13.99 ? 145  LEU A CB  1 
ATOM   1090 C  CG  . LEU A 1 145 ? 1.777   8.921   -3.012  1.00 14.79 ? 145  LEU A CG  1 
ATOM   1091 C  CD1 . LEU A 1 145 ? 0.514   9.714   -3.352  1.00 16.42 ? 145  LEU A CD1 1 
ATOM   1092 C  CD2 . LEU A 1 145 ? 1.690   7.484   -3.551  1.00 17.41 ? 145  LEU A CD2 1 
ATOM   1093 N  N   . GLN A 1 146 ? 5.944   9.130   -5.008  1.00 16.84 ? 146  GLN A N   1 
ATOM   1094 C  CA  . GLN A 1 146 ? 6.958   9.650   -5.907  1.00 18.10 ? 146  GLN A CA  1 
ATOM   1095 C  C   . GLN A 1 146 ? 6.352   10.371  -7.103  1.00 15.47 ? 146  GLN A C   1 
ATOM   1096 O  O   . GLN A 1 146 ? 5.217   10.100  -7.507  1.00 15.83 ? 146  GLN A O   1 
ATOM   1097 C  CB  . GLN A 1 146 ? 7.839   8.502   -6.421  1.00 19.37 ? 146  GLN A CB  1 
ATOM   1098 C  CG  . GLN A 1 146 ? 8.416   7.652   -5.317  1.00 21.72 ? 146  GLN A CG  1 
ATOM   1099 C  CD  . GLN A 1 146 ? 9.223   8.467   -4.340  1.00 32.66 ? 146  GLN A CD  1 
ATOM   1100 O  OE1 . GLN A 1 146 ? 8.855   8.598   -3.168  1.00 35.45 ? 146  GLN A OE1 1 
ATOM   1101 N  NE2 . GLN A 1 146 ? 10.343  9.018   -4.811  1.00 34.92 ? 146  GLN A NE2 1 
ATOM   1102 N  N   . HIS A 1 147 ? 7.138   11.259  -7.711  1.00 14.83 ? 147  HIS A N   1 
ATOM   1103 C  CA  . HIS A 1 147 ? 6.731   11.941  -8.942  1.00 14.91 ? 147  HIS A CA  1 
ATOM   1104 C  C   . HIS A 1 147 ? 5.454   12.759  -8.772  1.00 15.89 ? 147  HIS A C   1 
ATOM   1105 O  O   . HIS A 1 147 ? 4.637   12.871  -9.693  1.00 19.51 ? 147  HIS A O   1 
ATOM   1106 C  CB  . HIS A 1 147 ? 6.558   10.936  -10.098 1.00 16.49 ? 147  HIS A CB  1 
ATOM   1107 C  CG  . HIS A 1 147 ? 7.784   10.119  -10.351 1.00 23.36 ? 147  HIS A CG  1 
ATOM   1108 N  ND1 . HIS A 1 147 ? 9.032   10.686  -10.497 1.00 32.30 ? 147  HIS A ND1 1 
ATOM   1109 C  CD2 . HIS A 1 147 ? 7.963   8.781   -10.450 1.00 32.58 ? 147  HIS A CD2 1 
ATOM   1110 C  CE1 . HIS A 1 147 ? 9.926   9.730   -10.685 1.00 31.87 ? 147  HIS A CE1 1 
ATOM   1111 N  NE2 . HIS A 1 147 ? 9.302   8.566   -10.664 1.00 30.48 ? 147  HIS A NE2 1 
ATOM   1112 N  N   . VAL A 1 148 ? 5.330   13.371  -7.602  1.00 13.26 ? 148  VAL A N   1 
ATOM   1113 C  CA  . VAL A 1 148 ? 4.211   14.250  -7.300  1.00 12.84 ? 148  VAL A CA  1 
ATOM   1114 C  C   . VAL A 1 148 ? 4.635   15.198  -6.171  1.00 13.76 ? 148  VAL A C   1 
ATOM   1115 O  O   . VAL A 1 148 ? 5.484   14.844  -5.346  1.00 15.56 ? 148  VAL A O   1 
ATOM   1116 C  CB  . VAL A 1 148 ? 2.948   13.417  -6.916  1.00 12.35 ? 148  VAL A CB  1 
ATOM   1117 C  CG1 . VAL A 1 148 ? 3.182   12.634  -5.634  1.00 14.90 ? 148  VAL A CG1 1 
ATOM   1118 C  CG2 . VAL A 1 148 ? 1.744   14.298  -6.769  1.00 14.82 ? 148  VAL A CG2 1 
ATOM   1119 N  N   . GLU A 1 149 ? 4.050   16.396  -6.141  1.00 14.74 ? 149  GLU A N   1 
ATOM   1120 C  CA  . GLU A 1 149 ? 4.527   17.435  -5.229  1.00 16.50 ? 149  GLU A CA  1 
ATOM   1121 C  C   . GLU A 1 149 ? 4.128   17.209  -3.778  1.00 19.04 ? 149  GLU A C   1 
ATOM   1122 O  O   . GLU A 1 149 ? 4.669   17.850  -2.880  1.00 19.68 ? 149  GLU A O   1 
ATOM   1123 C  CB  . GLU A 1 149 ? 4.036   18.805  -5.697  1.00 16.55 ? 149  GLU A CB  1 
ATOM   1124 C  CG  . GLU A 1 149 ? 2.529   18.978  -5.729  1.00 18.59 ? 149  GLU A CG  1 
ATOM   1125 C  CD  . GLU A 1 149 ? 1.887   18.575  -7.050  1.00 19.14 ? 149  GLU A CD  1 
ATOM   1126 O  OE1 . GLU A 1 149 ? 2.430   17.710  -7.801  1.00 19.57 ? 149  GLU A OE1 1 
ATOM   1127 O  OE2 . GLU A 1 149 ? 0.803   19.137  -7.351  1.00 21.85 ? 149  GLU A OE2 1 
ATOM   1128 N  N   . CYS A 1 150 ? 3.166   16.317  -3.534  1.00 14.87 ? 150  CYS A N   1 
ATOM   1129 C  CA  . CYS A 1 150 ? 2.790   15.974  -2.170  1.00 16.68 ? 150  CYS A CA  1 
ATOM   1130 C  C   . CYS A 1 150 ? 1.960   14.701  -2.179  1.00 15.29 ? 150  CYS A C   1 
ATOM   1131 O  O   . CYS A 1 150 ? 1.454   14.287  -3.236  1.00 16.23 ? 150  CYS A O   1 
ATOM   1132 C  CB  . CYS A 1 150 ? 1.999   17.109  -1.503  1.00 18.54 ? 150  CYS A CB  1 
ATOM   1133 S  SG  . CYS A 1 150 ? 0.580   17.684  -2.469  1.00 20.44 ? 150  CYS A SG  1 
ATOM   1134 N  N   . GLY A 1 151 ? 1.861   14.091  -1.004  1.00 14.68 ? 151  GLY A N   1 
ATOM   1135 C  CA  . GLY A 1 151 ? 0.937   12.985  -0.796  1.00 14.36 ? 151  GLY A CA  1 
ATOM   1136 C  C   . GLY A 1 151 ? 1.578   11.733  -0.238  1.00 15.08 ? 151  GLY A C   1 
ATOM   1137 O  O   . GLY A 1 151 ? 2.705   11.367  -0.599  1.00 15.91 ? 151  GLY A O   1 
ATOM   1138 N  N   . GLU A 1 152 ? 0.850   11.092  0.663   1.00 16.98 ? 152  GLU A N   1 
ATOM   1139 C  CA  . GLU A 1 152 ? 1.211   9.802   1.228   1.00 15.08 ? 152  GLU A CA  1 
ATOM   1140 C  C   . GLU A 1 152 ? -0.003  8.904   1.238   1.00 16.17 ? 152  GLU A C   1 
ATOM   1141 O  O   . GLU A 1 152 ? -1.132  9.387   1.261   1.00 16.96 ? 152  GLU A O   1 
ATOM   1142 C  CB  . GLU A 1 152 ? 1.707   9.944   2.649   1.00 17.19 ? 152  GLU A CB  1 
ATOM   1143 C  CG  . GLU A 1 152 ? 2.912   10.810  2.815   1.00 19.94 ? 152  GLU A CG  1 
ATOM   1144 C  CD  . GLU A 1 152 ? 3.176   11.052  4.279   1.00 25.62 ? 152  GLU A CD  1 
ATOM   1145 O  OE1 . GLU A 1 152 ? 2.503   11.920  4.892   1.00 26.75 ? 152  GLU A OE1 1 
ATOM   1146 O  OE2 . GLU A 1 152 ? 4.035   10.332  4.807   1.00 27.22 ? 152  GLU A OE2 1 
ATOM   1147 N  N   . VAL A 1 153 ? 0.249   7.600   1.256   1.00 16.36 ? 153  VAL A N   1 
ATOM   1148 C  CA  . VAL A 1 153 ? -0.819  6.605   1.370   1.00 15.54 ? 153  VAL A CA  1 
ATOM   1149 C  C   . VAL A 1 153 ? -0.494  5.673   2.531   1.00 16.50 ? 153  VAL A C   1 
ATOM   1150 O  O   . VAL A 1 153 ? 0.620   5.192   2.654   1.00 17.74 ? 153  VAL A O   1 
ATOM   1151 C  CB  . VAL A 1 153 ? -0.974  5.808   0.068   1.00 15.64 ? 153  VAL A CB  1 
ATOM   1152 C  CG1 . VAL A 1 153 ? -1.966  4.631   0.233   1.00 17.64 ? 153  VAL A CG1 1 
ATOM   1153 C  CG2 . VAL A 1 153 ? -1.435  6.745   -1.052  1.00 17.70 ? 153  VAL A CG2 1 
ATOM   1154 N  N   . GLU A 1 154 ? -1.482  5.416   3.369   1.00 16.36 ? 154  GLU A N   1 
ATOM   1155 C  CA  . GLU A 1 154 ? -1.298  4.486   4.473   1.00 19.64 ? 154  GLU A CA  1 
ATOM   1156 C  C   . GLU A 1 154 ? -2.023  3.204   4.164   1.00 22.17 ? 154  GLU A C   1 
ATOM   1157 O  O   . GLU A 1 154 ? -3.196  3.235   3.803   1.00 20.67 ? 154  GLU A O   1 
ATOM   1158 C  CB  . GLU A 1 154 ? -1.818  5.092   5.769   1.00 23.19 ? 154  GLU A CB  1 
ATOM   1159 C  CG  . GLU A 1 154 ? -1.649  4.153   6.961   1.00 29.01 ? 154  GLU A CG  1 
ATOM   1160 C  CD  . GLU A 1 154 ? -2.053  4.780   8.274   1.00 35.90 ? 154  GLU A CD  1 
ATOM   1161 O  OE1 . GLU A 1 154 ? -2.890  5.706   8.258   1.00 34.42 ? 154  GLU A OE1 1 
ATOM   1162 O  OE2 . GLU A 1 154 ? -1.519  4.350   9.326   1.00 36.03 ? 154  GLU A OE2 1 
ATOM   1163 N  N   . LEU A 1 155 ? -1.330  2.074   4.287   1.00 19.90 ? 155  LEU A N   1 
ATOM   1164 C  CA  . LEU A 1 155 ? -1.984  0.795   4.053   1.00 22.31 ? 155  LEU A CA  1 
ATOM   1165 C  C   . LEU A 1 155 ? -1.526  -0.244  5.061   1.00 27.68 ? 155  LEU A C   1 
ATOM   1166 O  O   . LEU A 1 155 ? -0.548  -0.040  5.767   1.00 24.70 ? 155  LEU A O   1 
ATOM   1167 C  CB  . LEU A 1 155 ? -1.744  0.326   2.623   1.00 30.49 ? 155  LEU A CB  1 
ATOM   1168 C  CG  . LEU A 1 155 ? -0.331  0.164   2.105   1.00 23.65 ? 155  LEU A CG  1 
ATOM   1169 C  CD1 . LEU A 1 155 ? 0.182   -1.208  2.474   1.00 30.70 ? 155  LEU A CD1 1 
ATOM   1170 C  CD2 . LEU A 1 155 ? -0.260  0.359   0.592   1.00 23.12 ? 155  LEU A CD2 1 
ATOM   1171 N  N   . GLN A 1 156 ? -2.258  -1.348  5.138   1.00 23.55 ? 156  GLN A N   1 
ATOM   1172 C  CA  . GLN A 1 156 ? -1.825  -2.466  5.965   1.00 26.40 ? 156  GLN A CA  1 
ATOM   1173 C  C   . GLN A 1 156 ? -1.858  -3.722  5.118   1.00 25.48 ? 156  GLN A C   1 
ATOM   1174 O  O   . GLN A 1 156 ? -2.834  -3.954  4.407   1.00 28.87 ? 156  GLN A O   1 
ATOM   1175 C  CB  . GLN A 1 156 ? -2.715  -2.628  7.190   1.00 29.29 ? 156  GLN A CB  1 
ATOM   1176 C  CG  . GLN A 1 156 ? -2.291  -3.791  8.068   1.00 30.81 ? 156  GLN A CG  1 
ATOM   1177 C  CD  . GLN A 1 156 ? -3.244  -4.014  9.219   1.00 36.39 ? 156  GLN A CD  1 
ATOM   1178 O  OE1 . GLN A 1 156 ? -4.242  -4.722  9.081   1.00 41.84 ? 156  GLN A OE1 1 
ATOM   1179 N  NE2 . GLN A 1 156 ? -2.947  -3.403  10.361  1.00 41.02 ? 156  GLN A NE2 1 
ATOM   1180 N  N   . LEU A 1 157 ? -0.795  -4.520  5.175   1.00 28.05 ? 157  LEU A N   1 
ATOM   1181 C  CA  . LEU A 1 157 ? -0.733  -5.766  4.416   1.00 28.68 ? 157  LEU A CA  1 
ATOM   1182 C  C   . LEU A 1 157 ? -1.138  -6.973  5.265   1.00 35.27 ? 157  LEU A C   1 
ATOM   1183 O  O   . LEU A 1 157 ? -0.818  -7.039  6.459   1.00 32.43 ? 157  LEU A O   1 
ATOM   1184 C  CB  . LEU A 1 157 ? 0.673   -6.004  3.855   1.00 28.06 ? 157  LEU A CB  1 
ATOM   1185 C  CG  . LEU A 1 157 ? 1.283   -4.962  2.910   1.00 27.08 ? 157  LEU A CG  1 
ATOM   1186 C  CD1 . LEU A 1 157 ? 2.631   -5.446  2.398   1.00 26.24 ? 157  LEU A CD1 1 
ATOM   1187 C  CD2 . LEU A 1 157 ? 0.345   -4.676  1.742   1.00 30.06 ? 157  LEU A CD2 1 
ATOM   1188 N  N   . GLU A 1 158 ? -1.847  -7.905  4.625   1.00 35.21 ? 158  GLU A N   1 
ATOM   1189 C  CA  . GLU A 1 158 ? -2.234  -9.201  5.203   1.00 45.10 ? 158  GLU A CA  1 
ATOM   1190 C  C   . GLU A 1 158 ? -1.938  -10.316 4.199   1.00 43.34 ? 158  GLU A C   1 
ATOM   1191 O  O   . GLU A 1 158 ? -1.894  -10.074 2.989   1.00 41.96 ? 158  GLU A O   1 
ATOM   1192 C  CB  . GLU A 1 158 ? -3.722  -9.231  5.582   1.00 46.24 ? 158  GLU A CB  1 
ATOM   1193 C  CG  . GLU A 1 158 ? -4.070  -8.787  6.995   1.00 48.84 ? 158  GLU A CG  1 
ATOM   1194 C  CD  . GLU A 1 158 ? -5.525  -9.084  7.342   1.00 58.77 ? 158  GLU A CD  1 
ATOM   1195 O  OE1 . GLU A 1 158 ? -6.043  -10.115 6.859   1.00 64.77 ? 158  GLU A OE1 1 
ATOM   1196 O  OE2 . GLU A 1 158 ? -6.155  -8.293  8.080   1.00 59.34 ? 158  GLU A OE2 1 
ATOM   1197 N  N   . TRP A 1 159 ? -1.749  -11.537 4.704   1.00 49.73 ? 159  TRP A N   1 
ATOM   1198 C  CA  . TRP A 1 159 ? -1.421  -12.708 3.877   1.00 52.08 ? 159  TRP A CA  1 
ATOM   1199 C  C   . TRP A 1 159 ? -1.507  -13.979 4.720   1.00 61.00 ? 159  TRP A C   1 
ATOM   1200 O  O   . TRP A 1 159 ? -0.980  -14.016 5.833   1.00 61.86 ? 159  TRP A O   1 
ATOM   1201 C  CB  . TRP A 1 159 ? -0.016  -12.561 3.259   1.00 54.08 ? 159  TRP A CB  1 
ATOM   1202 C  CG  . TRP A 1 159 ? 0.621   -13.826 2.671   1.00 51.46 ? 159  TRP A CG  1 
ATOM   1203 C  CD1 . TRP A 1 159 ? 0.822   -15.025 3.301   1.00 55.93 ? 159  TRP A CD1 1 
ATOM   1204 C  CD2 . TRP A 1 159 ? 1.188   -13.975 1.360   1.00 53.78 ? 159  TRP A CD2 1 
ATOM   1205 N  NE1 . TRP A 1 159 ? 1.443   -15.911 2.461   1.00 57.83 ? 159  TRP A NE1 1 
ATOM   1206 C  CE2 . TRP A 1 159 ? 1.685   -15.292 1.265   1.00 56.99 ? 159  TRP A CE2 1 
ATOM   1207 C  CE3 . TRP A 1 159 ? 1.314   -13.129 0.256   1.00 53.19 ? 159  TRP A CE3 1 
ATOM   1208 C  CZ2 . TRP A 1 159 ? 2.295   -15.779 0.113   1.00 57.02 ? 159  TRP A CZ2 1 
ATOM   1209 C  CZ3 . TRP A 1 159 ? 1.920   -13.618 -0.885  1.00 55.01 ? 159  TRP A CZ3 1 
ATOM   1210 C  CH2 . TRP A 1 159 ? 2.400   -14.929 -0.952  1.00 57.43 ? 159  TRP A CH2 1 
ATOM   1211 N  N   . ILE A 1 160 ? -2.149  -15.026 4.198   1.00 63.57 ? 160  ILE A N   1 
ATOM   1212 C  CA  . ILE A 1 160 ? -2.789  -15.006 2.886   1.00 57.77 ? 160  ILE A CA  1 
ATOM   1213 C  C   . ILE A 1 160 ? -4.308  -14.963 3.012   1.00 63.71 ? 160  ILE A C   1 
ATOM   1214 O  O   . ILE A 1 160 ? -4.892  -15.702 3.805   1.00 60.65 ? 160  ILE A O   1 
ATOM   1215 C  CB  . ILE A 1 160 ? -2.368  -16.216 2.060   1.00 55.78 ? 160  ILE A CB  1 
HETATM 1216 S  S   . SO4 B 2 .   ? -7.156  13.376  -23.036 1.00 23.12 ? 1161 SO4 A S   1 
HETATM 1217 O  O1  . SO4 B 2 .   ? -8.280  14.292  -23.201 1.00 24.21 ? 1161 SO4 A O1  1 
HETATM 1218 O  O2  . SO4 B 2 .   ? -6.213  13.935  -22.076 1.00 33.73 ? 1161 SO4 A O2  1 
HETATM 1219 O  O3  . SO4 B 2 .   ? -6.485  13.220  -24.313 1.00 25.77 ? 1161 SO4 A O3  1 
HETATM 1220 O  O4  . SO4 B 2 .   ? -7.620  12.095  -22.536 1.00 18.49 ? 1161 SO4 A O4  1 
HETATM 1221 S  S   . SO4 C 2 .   ? -1.617  12.175  9.908   1.00 56.80 ? 1162 SO4 A S   1 
HETATM 1222 O  O1  . SO4 C 2 .   ? -3.015  12.554  9.724   1.00 62.60 ? 1162 SO4 A O1  1 
HETATM 1223 O  O2  . SO4 C 2 .   ? -1.308  12.120  11.337  1.00 64.93 ? 1162 SO4 A O2  1 
HETATM 1224 O  O3  . SO4 C 2 .   ? -0.766  13.149  9.228   1.00 49.13 ? 1162 SO4 A O3  1 
HETATM 1225 O  O4  . SO4 C 2 .   ? -1.404  10.852  9.324   1.00 66.08 ? 1162 SO4 A O4  1 
HETATM 1226 C  C1  . GOL D 3 .   ? -16.639 8.829   -0.563  1.00 23.04 ? 1163 GOL A C1  1 
HETATM 1227 O  O1  . GOL D 3 .   ? -17.418 9.463   -1.547  1.00 35.54 ? 1163 GOL A O1  1 
HETATM 1228 C  C2  . GOL D 3 .   ? -16.776 9.602   0.732   1.00 33.28 ? 1163 GOL A C2  1 
HETATM 1229 O  O2  . GOL D 3 .   ? -17.623 8.928   1.636   1.00 42.21 ? 1163 GOL A O2  1 
HETATM 1230 C  C3  . GOL D 3 .   ? -15.438 9.636   1.395   1.00 33.42 ? 1163 GOL A C3  1 
HETATM 1231 O  O3  . GOL D 3 .   ? -15.142 8.330   1.818   1.00 29.62 ? 1163 GOL A O3  1 
HETATM 1232 CA CA  . CA  E 4 .   ? -11.208 15.259  -11.302 0.74 40.04 ? 1164 CA  A CA  1 
HETATM 1233 O  O   . HOH F 5 .   ? -1.019  0.741   8.731   1.00 38.43 ? 2001 HOH A O   1 
HETATM 1234 O  O   . HOH F 5 .   ? -6.087  11.198  5.635   1.00 28.12 ? 2002 HOH A O   1 
HETATM 1235 O  O   . HOH F 5 .   ? 1.309   13.757  3.363   1.00 25.82 ? 2003 HOH A O   1 
HETATM 1236 O  O   . HOH F 5 .   ? -2.987  19.177  -1.506  1.00 26.73 ? 2004 HOH A O   1 
HETATM 1237 O  O   . HOH F 5 .   ? 3.585   17.727  1.786   1.00 35.11 ? 2005 HOH A O   1 
HETATM 1238 O  O   . HOH F 5 .   ? 0.712   21.202  1.817   1.00 58.52 ? 2006 HOH A O   1 
HETATM 1239 O  O   . HOH F 5 .   ? -0.662  12.937  -4.347  1.00 15.88 ? 2007 HOH A O   1 
HETATM 1240 O  O   . HOH F 5 .   ? -1.088  20.000  -5.465  1.00 22.42 ? 2008 HOH A O   1 
HETATM 1241 O  O   . HOH F 5 .   ? -7.999  16.451  -13.512 0.34 26.20 ? 2009 HOH A O   1 
HETATM 1242 O  O   . HOH F 5 .   ? -5.151  21.549  -10.918 1.00 18.71 ? 2010 HOH A O   1 
HETATM 1243 O  O   . HOH F 5 .   ? -6.132  21.410  -13.889 1.00 35.84 ? 2011 HOH A O   1 
HETATM 1244 O  O   . HOH F 5 .   ? -0.287  14.640  -13.286 1.00 30.32 ? 2012 HOH A O   1 
HETATM 1245 O  O   . HOH F 5 .   ? 1.978   13.964  -10.689 1.00 30.55 ? 2013 HOH A O   1 
HETATM 1246 O  O   . HOH F 5 .   ? -12.906 19.936  -9.294  1.00 29.75 ? 2014 HOH A O   1 
HETATM 1247 O  O   . HOH F 5 .   ? -12.592 23.201  -10.211 1.00 27.44 ? 2015 HOH A O   1 
HETATM 1248 O  O   . HOH F 5 .   ? -9.878  16.350  -13.614 0.66 25.43 ? 2016 HOH A O   1 
HETATM 1249 O  O   . HOH F 5 .   ? -12.108 16.943  -8.464  1.00 19.28 ? 2017 HOH A O   1 
HETATM 1250 O  O   . HOH F 5 .   ? -13.905 20.393  -6.149  1.00 25.67 ? 2018 HOH A O   1 
HETATM 1251 O  O   . HOH F 5 .   ? -13.945 14.872  -12.546 1.00 26.94 ? 2019 HOH A O   1 
HETATM 1252 O  O   . HOH F 5 .   ? -13.464 6.302   -17.216 1.00 32.99 ? 2020 HOH A O   1 
HETATM 1253 O  O   . HOH F 5 .   ? -0.108  1.258   -10.425 1.00 25.16 ? 2021 HOH A O   1 
HETATM 1254 O  O   . HOH F 5 .   ? 12.161  -4.255  2.227   1.00 43.91 ? 2022 HOH A O   1 
HETATM 1255 O  O   . HOH F 5 .   ? -10.251 -3.974  -8.870  1.00 32.05 ? 2023 HOH A O   1 
HETATM 1256 O  O   . HOH F 5 .   ? -12.648 -1.538  -4.933  1.00 40.82 ? 2024 HOH A O   1 
HETATM 1257 O  O   . HOH F 5 .   ? -13.311 2.887   -9.123  1.00 33.59 ? 2025 HOH A O   1 
HETATM 1258 O  O   . HOH F 5 .   ? -14.784 1.460   1.450   1.00 27.86 ? 2026 HOH A O   1 
HETATM 1259 O  O   . HOH F 5 .   ? -17.000 5.716   -3.499  1.00 27.62 ? 2027 HOH A O   1 
HETATM 1260 O  O   . HOH F 5 .   ? -14.457 5.607   4.597   1.00 28.68 ? 2028 HOH A O   1 
HETATM 1261 O  O   . HOH F 5 .   ? -16.053 4.607   -6.953  1.00 25.32 ? 2029 HOH A O   1 
HETATM 1262 O  O   . HOH F 5 .   ? -15.648 12.822  -0.395  1.00 29.67 ? 2030 HOH A O   1 
HETATM 1263 O  O   . HOH F 5 .   ? 19.823  3.910   4.080   1.00 38.42 ? 2031 HOH A O   1 
HETATM 1264 O  O   . HOH F 5 .   ? -20.353 10.869  -6.973  1.00 49.82 ? 2032 HOH A O   1 
HETATM 1265 O  O   . HOH F 5 .   ? -14.881 19.357  -1.291  1.00 40.55 ? 2033 HOH A O   1 
HETATM 1266 O  O   . HOH F 5 .   ? -18.127 16.968  -2.943  1.00 43.97 ? 2034 HOH A O   1 
HETATM 1267 O  O   . HOH F 5 .   ? -11.357 13.361  4.369   1.00 41.16 ? 2035 HOH A O   1 
HETATM 1268 O  O   . HOH F 5 .   ? -12.913 10.235  2.508   1.00 26.19 ? 2036 HOH A O   1 
HETATM 1269 O  O   . HOH F 5 .   ? -13.094 -1.524  4.442   1.00 41.47 ? 2037 HOH A O   1 
HETATM 1270 O  O   . HOH F 5 .   ? -13.846 -2.597  0.946   1.00 38.54 ? 2038 HOH A O   1 
HETATM 1271 O  O   . HOH F 5 .   ? -9.408  -6.738  -4.825  1.00 36.86 ? 2039 HOH A O   1 
HETATM 1272 O  O   . HOH F 5 .   ? 5.006   -10.072 -5.384  1.00 43.54 ? 2040 HOH A O   1 
HETATM 1273 O  O   . HOH F 5 .   ? 10.892  -8.761  -2.188  1.00 41.83 ? 2041 HOH A O   1 
HETATM 1274 O  O   . HOH F 5 .   ? 8.166   -8.094  -3.573  1.00 36.22 ? 2042 HOH A O   1 
HETATM 1275 O  O   . HOH F 5 .   ? 2.427   4.358   -12.483 1.00 38.08 ? 2043 HOH A O   1 
HETATM 1276 O  O   . HOH F 5 .   ? -0.974  5.005   -16.475 1.00 29.76 ? 2044 HOH A O   1 
HETATM 1277 O  O   . HOH F 5 .   ? -1.173  2.103   -13.029 1.00 26.13 ? 2045 HOH A O   1 
HETATM 1278 O  O   . HOH F 5 .   ? -7.657  13.865  -14.088 1.00 18.50 ? 2046 HOH A O   1 
HETATM 1279 O  O   . HOH F 5 .   ? -10.832 8.426   -18.150 1.00 25.41 ? 2047 HOH A O   1 
HETATM 1280 O  O   . HOH F 5 .   ? -8.089  14.486  -16.756 1.00 26.59 ? 2048 HOH A O   1 
HETATM 1281 O  O   . HOH F 5 .   ? -15.792 13.121  -13.859 1.00 28.51 ? 2049 HOH A O   1 
HETATM 1282 O  O   . HOH F 5 .   ? -13.010 8.397   -19.704 1.00 31.62 ? 2050 HOH A O   1 
HETATM 1283 O  O   . HOH F 5 .   ? -5.619  13.717  -19.547 1.00 32.38 ? 2051 HOH A O   1 
HETATM 1284 O  O   . HOH F 5 .   ? -3.153  9.283   -17.485 1.00 27.30 ? 2052 HOH A O   1 
HETATM 1285 O  O   . HOH F 5 .   ? -10.687 6.303   -16.099 1.00 19.29 ? 2053 HOH A O   1 
HETATM 1286 O  O   . HOH F 5 .   ? -0.661  12.252  -15.859 1.00 28.13 ? 2054 HOH A O   1 
HETATM 1287 O  O   . HOH F 5 .   ? 2.840   10.532  -10.511 1.00 29.43 ? 2055 HOH A O   1 
HETATM 1288 O  O   . HOH F 5 .   ? 8.600   0.938   -0.507  1.00 27.56 ? 2056 HOH A O   1 
HETATM 1289 O  O   . HOH F 5 .   ? 9.302   -1.621  0.631   1.00 30.79 ? 2057 HOH A O   1 
HETATM 1290 O  O   . HOH F 5 .   ? 10.760  -1.763  -1.709  1.00 46.12 ? 2058 HOH A O   1 
HETATM 1291 O  O   . HOH F 5 .   ? 9.274   -4.167  2.811   1.00 37.42 ? 2059 HOH A O   1 
HETATM 1292 O  O   . HOH F 5 .   ? 7.827   -6.629  3.029   1.00 38.03 ? 2060 HOH A O   1 
HETATM 1293 O  O   . HOH F 5 .   ? 11.568  -16.645 7.792   1.00 50.88 ? 2061 HOH A O   1 
HETATM 1294 O  O   . HOH F 5 .   ? 9.876   -23.540 13.975  1.00 55.52 ? 2062 HOH A O   1 
HETATM 1295 O  O   . HOH F 5 .   ? 4.356   -22.171 19.647  1.00 50.89 ? 2063 HOH A O   1 
HETATM 1296 O  O   . HOH F 5 .   ? 9.997   -6.687  18.719  1.00 39.28 ? 2064 HOH A O   1 
HETATM 1297 O  O   . HOH F 5 .   ? 10.191  2.533   15.373  1.00 47.89 ? 2065 HOH A O   1 
HETATM 1298 O  O   . HOH F 5 .   ? 15.579  -1.821  7.224   1.00 42.28 ? 2066 HOH A O   1 
HETATM 1299 O  O   . HOH F 5 .   ? 15.784  -0.019  4.869   1.00 36.36 ? 2067 HOH A O   1 
HETATM 1300 O  O   . HOH F 5 .   ? 12.484  4.986   12.694  1.00 42.84 ? 2068 HOH A O   1 
HETATM 1301 O  O   . HOH F 5 .   ? 17.984  4.899   5.748   1.00 28.57 ? 2069 HOH A O   1 
HETATM 1302 O  O   . HOH F 5 .   ? 11.851  6.438   1.558   1.00 23.29 ? 2070 HOH A O   1 
HETATM 1303 O  O   . HOH F 5 .   ? 12.994  5.952   -3.854  1.00 53.32 ? 2071 HOH A O   1 
HETATM 1304 O  O   . HOH F 5 .   ? 14.057  -1.846  -1.569  1.00 45.68 ? 2072 HOH A O   1 
HETATM 1305 O  O   . HOH F 5 .   ? 13.361  -1.515  1.985   1.00 46.58 ? 2073 HOH A O   1 
HETATM 1306 O  O   . HOH F 5 .   ? 5.779   2.635   7.147   1.00 26.35 ? 2074 HOH A O   1 
HETATM 1307 O  O   . HOH F 5 .   ? 1.905   5.868   11.741  1.00 48.08 ? 2075 HOH A O   1 
HETATM 1308 O  O   . HOH F 5 .   ? 6.995   8.970   11.533  1.00 26.30 ? 2076 HOH A O   1 
HETATM 1309 O  O   . HOH F 5 .   ? 2.994   8.759   11.557  1.00 40.76 ? 2077 HOH A O   1 
HETATM 1310 O  O   . HOH F 5 .   ? 6.834   4.057   12.194  1.00 33.49 ? 2078 HOH A O   1 
HETATM 1311 O  O   . HOH F 5 .   ? 3.920   2.731   9.268   1.00 27.60 ? 2079 HOH A O   1 
HETATM 1312 O  O   . HOH F 5 .   ? 4.880   0.901   10.863  1.00 31.73 ? 2080 HOH A O   1 
HETATM 1313 O  O   . HOH F 5 .   ? 9.071   13.715  2.109   1.00 51.57 ? 2081 HOH A O   1 
HETATM 1314 O  O   . HOH F 5 .   ? 6.800   15.436  0.165   1.00 50.22 ? 2082 HOH A O   1 
HETATM 1315 O  O   . HOH F 5 .   ? 4.773   12.673  -1.746  1.00 22.97 ? 2083 HOH A O   1 
HETATM 1316 O  O   . HOH F 5 .   ? 8.764   10.853  3.779   1.00 33.77 ? 2084 HOH A O   1 
HETATM 1317 O  O   . HOH F 5 .   ? 4.962   15.551  4.676   1.00 49.88 ? 2085 HOH A O   1 
HETATM 1318 O  O   . HOH F 5 .   ? 2.913   15.029  1.489   1.00 23.27 ? 2086 HOH A O   1 
HETATM 1319 O  O   . HOH F 5 .   ? 8.527   12.167  -2.669  1.00 35.18 ? 2087 HOH A O   1 
HETATM 1320 O  O   . HOH F 5 .   ? 7.424   12.865  -4.722  1.00 29.40 ? 2088 HOH A O   1 
HETATM 1321 O  O   . HOH F 5 .   ? 10.229  8.158   -0.185  1.00 31.34 ? 2089 HOH A O   1 
HETATM 1322 O  O   . HOH F 5 .   ? 9.811   11.804  -6.753  1.00 26.26 ? 2090 HOH A O   1 
HETATM 1323 O  O   . HOH F 5 .   ? 8.868   13.696  -11.333 1.00 26.83 ? 2091 HOH A O   1 
HETATM 1324 O  O   . HOH F 5 .   ? 6.033   14.843  -2.514  1.00 28.07 ? 2092 HOH A O   1 
HETATM 1325 O  O   . HOH F 5 .   ? 1.091   2.585   8.995   1.00 38.23 ? 2093 HOH A O   1 
HETATM 1326 O  O   . HOH F 5 .   ? -3.779  -13.464 6.406   1.00 47.39 ? 2094 HOH A O   1 
HETATM 1327 O  O   . HOH F 5 .   ? -3.726  13.031  -22.161 1.00 34.90 ? 2095 HOH A O   1 
HETATM 1328 O  O   . HOH F 5 .   ? -19.459 10.979  1.592   1.00 41.94 ? 2096 HOH A O   1 
# 
